data_6X2R
#
_entry.id   6X2R
#
_cell.length_a   106.602
_cell.length_b   106.602
_cell.length_c   303.674
_cell.angle_alpha   90.000
_cell.angle_beta   90.000
_cell.angle_gamma   90.000
#
_symmetry.space_group_name_H-M   'P 43 21 2'
#
loop_
_entity.id
_entity.type
_entity.pdbx_description
1 polymer 'GTP-binding nuclear protein Ran'
2 polymer 'Ran-specific GTPase-activating protein 1'
3 polymer Exportin-1
4 polymer 'Eukaryotic translation initiation factor 4E transporter'
5 non-polymer 'PHOSPHOAMINOPHOSPHONIC ACID-GUANYLATE ESTER'
6 non-polymer 'MAGNESIUM ION'
7 non-polymer GLYCEROL
8 water water
#
loop_
_entity_poly.entity_id
_entity_poly.type
_entity_poly.pdbx_seq_one_letter_code
_entity_poly.pdbx_strand_id
1 'polypeptide(L)'
;MAAQGEPQVQFKLVLVGDGGTGKTTFVKRHLTGEFEKKYVATLGVEVHPLVFHTNRGPIKFNVWDTAGQEKFGGLRDGYY
IQAQCAIIMFDVTSRVTYKNVPNWHRDLVRVCENIPIVLCGNKVDIKDRKVKAKSIVFHRKKNLQYYDISAKSNYNFEKP
FLWLARKLIGDPNLEFVAMPALAPPEVVMDPALAAQYEHDLEVAQTTALPDEDDDL
;
A
2 'polypeptide(L)'
;DIHFEPVVHLEKVDVKTMEEDEEVLYKVRAKLFRFDADAKEWKERGTGDCKFLKNKKTNKVRILMRRDKTLKICANHIIA
PEYTLKPNVGSDRSWVYACTADIAEGEAEAFTFAIRFGSKENADKFKEEFEKAQEINKKA
;
B
3 'polypeptide(L)'
;GGSMEGILDFSNDLDIALLDQVVSTFYQGSGVQQKQAQEILTKFQDNPDAWQKADQILQFSTNPQSKFIALSILDKLITR
KWKLLPNDHRIGIRNFVVGMIISMCQDDEVFKTQKNLINKSDLTLVQILKQEWPQNWPEFIPELIGSSSSSVNVCENNMI
VLKLLSEEVFDFSAEQMTQAKALHLKNSMSKEFEQIFKLCFQVLEQGSSSSLIVATLESLLRYLHWIPYRYIYETNILEL
LSTKFMTSPDTRAITLKCLTEVSNLKIPQDNDLIKRQTVLFFQNTLQQIATSVMPVTADLKATYANANGNDQSFLQDLAM
FLTTYLARNRALLESDESLRELLLNAHQYLIQLSKIEERELFKTTLDYWHNLVADLFYEPLKKHIYEEICSQLRLVIIEN
MVRPEEVLVVENDEGEIVREFVKESDTIQLYKSEREVLVYLTHLNVIDTEEIMISKLARQIDGSEWSWHNINTLSWAIGS
ISGTMSEDTEKRFVVTVIKDLLGLCEQKRGKDNKAVVASDIMYVVGQYPRFLKAHWNFLRTVILKLFEFMHETHEGVQDM
ACDTFIKIVQKCKYHFVIQQPRESEPFIQTIIRDIQKTTADLQPQQVHTFYKACGIIISEERSVAERNRLLSDLMQLPNM
AWDTIVEQSTANPTLLLDSETVKIIANIIKTNVAVCTSMGADFYPQLGHIYYNMLQLYRAVSSMISAQVAAEGLIATKTP
KVRGLRTIKKEILKLVETYISKARNLDDVVKVLVEPLLNAVLEDYMNNVPDARDAEVLNCMTTVVEKVGHMIPQGVILIL
QSVFECTLDMINKDFTEYPEHRVEFYKLLKVINEKSFAAFLELPPAAFKLFVDAICWAFKHNNRDVEVNGLQIALDLVKN
IERMGNVPFANEFHKNYFFIFVSETFFVLTDSDHKSGFSKQALLLMKLISLVYDNKISVPLYQEAEVPQGTSNQVYLSQY
LANMLSNAFPHLTSEQIASFLSALTKQCKDLVVFKGTLRDFLVQIKEVGGDPTDYLFAEDKENA
;
C
4 'polypeptide(L)' SVEEVEAGLKGLKVD D
#
# COMPACT_ATOMS: atom_id res chain seq x y z
N VAL A 9 14.87 29.27 -6.91
CA VAL A 9 14.67 27.96 -7.52
C VAL A 9 13.76 27.10 -6.65
N GLN A 10 12.50 27.51 -6.53
CA GLN A 10 11.53 26.84 -5.67
C GLN A 10 10.26 26.51 -6.45
N PHE A 11 9.66 25.37 -6.10
CA PHE A 11 8.48 24.87 -6.78
C PHE A 11 7.41 24.55 -5.74
N LYS A 12 6.14 24.80 -6.10
CA LYS A 12 5.06 24.46 -5.19
C LYS A 12 4.55 23.07 -5.54
N LEU A 13 4.46 22.23 -4.51
CA LEU A 13 4.00 20.86 -4.63
C LEU A 13 2.76 20.70 -3.76
N VAL A 14 1.66 20.27 -4.36
CA VAL A 14 0.46 19.94 -3.61
C VAL A 14 0.42 18.43 -3.37
N LEU A 15 0.07 18.06 -2.14
CA LEU A 15 0.02 16.68 -1.68
C LEU A 15 -1.45 16.38 -1.34
N VAL A 16 -2.08 15.50 -2.14
CA VAL A 16 -3.49 15.16 -1.99
C VAL A 16 -3.68 13.66 -1.81
N GLY A 17 -4.80 13.30 -1.22
CA GLY A 17 -5.12 11.90 -0.95
C GLY A 17 -6.03 11.79 0.25
N ASP A 18 -6.56 10.57 0.45
CA ASP A 18 -7.55 10.34 1.49
C ASP A 18 -6.95 10.58 2.87
N GLY A 19 -7.83 10.86 3.84
CA GLY A 19 -7.37 11.04 5.21
C GLY A 19 -6.80 9.75 5.74
N GLY A 20 -5.69 9.87 6.47
CA GLY A 20 -5.05 8.71 7.06
C GLY A 20 -4.14 7.93 6.14
N THR A 21 -3.93 8.36 4.89
CA THR A 21 -3.03 7.64 3.99
C THR A 21 -1.56 7.91 4.30
N GLY A 22 -1.25 8.90 5.11
CA GLY A 22 0.11 9.16 5.53
C GLY A 22 0.78 10.31 4.83
N LYS A 23 0.02 11.24 4.25
CA LYS A 23 0.60 12.42 3.61
C LYS A 23 1.45 13.21 4.59
N THR A 24 0.92 13.48 5.78
CA THR A 24 1.67 14.30 6.74
C THR A 24 2.87 13.55 7.30
N THR A 25 2.71 12.26 7.59
CA THR A 25 3.84 11.46 8.05
C THR A 25 4.96 11.42 7.02
N PHE A 26 4.61 11.35 5.74
CA PHE A 26 5.63 11.32 4.68
C PHE A 26 6.41 12.62 4.65
N VAL A 27 5.73 13.75 4.78
CA VAL A 27 6.44 15.03 4.78
C VAL A 27 7.30 15.18 6.04
N LYS A 28 6.75 14.82 7.21
CA LYS A 28 7.51 14.92 8.44
C LYS A 28 8.80 14.13 8.37
N ARG A 29 8.74 12.93 7.77
CA ARG A 29 9.94 12.12 7.63
C ARG A 29 11.00 12.84 6.81
N HIS A 30 10.59 13.55 5.76
CA HIS A 30 11.53 14.30 4.96
C HIS A 30 12.01 15.58 5.65
N LEU A 31 11.19 16.18 6.53
CA LEU A 31 11.55 17.44 7.17
C LEU A 31 12.53 17.23 8.32
N THR A 32 12.20 16.34 9.25
CA THR A 32 13.01 16.11 10.44
C THR A 32 13.63 14.73 10.51
N GLY A 33 13.18 13.78 9.69
CA GLY A 33 13.58 12.40 9.85
C GLY A 33 12.76 11.60 10.85
N GLU A 34 11.82 12.26 11.52
CA GLU A 34 10.94 11.62 12.50
C GLU A 34 9.92 10.73 11.80
N PHE A 35 9.47 9.70 12.51
CA PHE A 35 8.27 8.96 12.12
C PHE A 35 7.20 9.22 13.16
N GLU A 36 6.19 10.00 12.79
CA GLU A 36 5.06 10.27 13.68
C GLU A 36 4.12 9.06 13.71
N LYS A 37 3.99 8.43 14.88
CA LYS A 37 3.15 7.24 15.03
C LYS A 37 1.66 7.59 15.16
N LYS A 38 1.34 8.80 15.59
CA LYS A 38 -0.05 9.18 15.82
C LYS A 38 -0.66 9.79 14.57
N TYR A 39 -1.99 9.66 14.47
CA TYR A 39 -2.75 10.28 13.39
C TYR A 39 -3.45 11.51 13.97
N VAL A 40 -2.86 12.67 13.72
CA VAL A 40 -3.51 13.94 14.00
C VAL A 40 -3.90 14.53 12.66
N ALA A 41 -5.20 14.59 12.39
CA ALA A 41 -5.68 14.97 11.07
C ALA A 41 -5.26 16.39 10.73
N THR A 42 -4.78 16.58 9.50
CA THR A 42 -4.46 17.91 9.03
C THR A 42 -5.74 18.72 8.80
N LEU A 43 -5.69 19.99 9.15
CA LEU A 43 -6.84 20.89 9.05
C LEU A 43 -6.56 21.93 7.97
N GLY A 44 -7.25 21.80 6.84
CA GLY A 44 -7.06 22.74 5.74
C GLY A 44 -5.81 22.44 4.95
N VAL A 45 -4.65 22.70 5.56
CA VAL A 45 -3.38 22.46 4.90
C VAL A 45 -2.19 23.03 5.69
N GLU A 46 -1.02 22.44 5.49
CA GLU A 46 0.20 22.88 6.17
C GLU A 46 1.28 23.00 5.10
N VAL A 47 1.82 24.21 4.95
CA VAL A 47 2.86 24.48 3.97
C VAL A 47 4.22 24.29 4.63
N HIS A 48 5.11 23.56 3.96
CA HIS A 48 6.44 23.29 4.50
C HIS A 48 7.49 23.43 3.39
N PRO A 49 8.52 24.26 3.59
CA PRO A 49 9.62 24.29 2.62
C PRO A 49 10.52 23.08 2.81
N LEU A 50 10.84 22.42 1.70
CA LEU A 50 11.71 21.25 1.71
C LEU A 50 12.78 21.45 0.64
N VAL A 51 14.04 21.34 1.04
CA VAL A 51 15.17 21.58 0.16
C VAL A 51 15.96 20.29 0.00
N PHE A 52 16.33 19.97 -1.23
CA PHE A 52 17.23 18.86 -1.52
C PHE A 52 18.47 19.41 -2.22
N HIS A 53 19.58 18.70 -2.03
CA HIS A 53 20.86 19.09 -2.63
C HIS A 53 21.14 18.18 -3.83
N THR A 54 21.26 18.78 -5.01
CA THR A 54 21.48 18.02 -6.23
C THR A 54 22.78 18.47 -6.92
N ASN A 55 23.20 17.66 -7.90
CA ASN A 55 24.36 18.02 -8.70
C ASN A 55 24.09 19.21 -9.62
N ARG A 56 22.84 19.68 -9.66
CA ARG A 56 22.49 20.86 -10.43
C ARG A 56 22.16 22.06 -9.55
N GLY A 57 22.45 21.96 -8.25
CA GLY A 57 22.12 23.00 -7.31
C GLY A 57 21.07 22.55 -6.33
N PRO A 58 20.78 23.37 -5.33
CA PRO A 58 19.71 23.05 -4.39
C PRO A 58 18.34 23.23 -5.03
N ILE A 59 17.43 22.32 -4.70
CA ILE A 59 16.05 22.37 -5.20
C ILE A 59 15.13 22.54 -4.00
N LYS A 60 14.22 23.52 -4.07
CA LYS A 60 13.33 23.85 -2.97
C LYS A 60 11.90 23.50 -3.35
N PHE A 61 11.26 22.67 -2.54
CA PHE A 61 9.84 22.35 -2.71
C PHE A 61 9.05 23.05 -1.62
N ASN A 62 8.05 23.83 -2.03
CA ASN A 62 7.06 24.35 -1.09
C ASN A 62 5.91 23.35 -1.06
N VAL A 63 5.90 22.47 -0.07
CA VAL A 63 4.98 21.35 -0.04
C VAL A 63 3.68 21.78 0.63
N TRP A 64 2.59 21.78 -0.13
CA TRP A 64 1.26 22.08 0.38
C TRP A 64 0.59 20.76 0.78
N ASP A 65 0.73 20.40 2.07
CA ASP A 65 0.14 19.18 2.62
C ASP A 65 -1.34 19.42 2.91
N THR A 66 -2.21 19.04 1.96
CA THR A 66 -3.63 19.26 2.16
C THR A 66 -4.25 18.16 3.03
N ALA A 67 -5.48 18.41 3.44
CA ALA A 67 -6.21 17.50 4.31
C ALA A 67 -7.04 16.55 3.48
N GLY A 68 -7.09 15.29 3.93
CA GLY A 68 -7.88 14.27 3.26
C GLY A 68 -9.28 14.04 3.79
N GLN A 69 -9.52 14.29 5.07
CA GLN A 69 -10.86 14.10 5.64
C GLN A 69 -11.74 15.26 5.23
N GLU A 70 -12.88 14.95 4.61
CA GLU A 70 -13.77 15.97 4.05
C GLU A 70 -14.17 17.01 5.09
N LYS A 71 -14.32 16.60 6.35
CA LYS A 71 -14.73 17.54 7.40
C LYS A 71 -13.71 18.65 7.57
N PHE A 72 -12.45 18.38 7.23
CA PHE A 72 -11.36 19.34 7.39
C PHE A 72 -10.81 19.81 6.05
N GLY A 73 -11.61 19.73 4.99
CA GLY A 73 -11.10 19.96 3.64
C GLY A 73 -10.65 21.37 3.40
N GLY A 74 -11.19 22.34 4.15
CA GLY A 74 -10.77 23.72 3.97
C GLY A 74 -11.15 24.24 2.59
N LEU A 75 -10.18 24.86 1.92
CA LEU A 75 -10.39 25.44 0.60
C LEU A 75 -10.40 24.39 -0.50
N ARG A 76 -10.06 23.15 -0.19
CA ARG A 76 -10.09 22.05 -1.15
C ARG A 76 -9.32 22.38 -2.42
N ASP A 77 -9.99 22.41 -3.57
CA ASP A 77 -9.24 22.63 -4.81
C ASP A 77 -8.70 24.05 -4.95
N GLY A 78 -8.93 24.92 -3.96
CA GLY A 78 -8.28 26.21 -3.94
C GLY A 78 -6.80 26.12 -3.61
N TYR A 79 -6.39 25.08 -2.89
CA TYR A 79 -4.98 24.89 -2.60
C TYR A 79 -4.15 24.53 -3.82
N TYR A 80 -4.79 24.12 -4.92
CA TYR A 80 -4.04 23.62 -6.08
C TYR A 80 -3.62 24.71 -7.03
N ILE A 81 -4.18 25.92 -6.87
CA ILE A 81 -3.96 26.98 -7.85
C ILE A 81 -2.47 27.24 -7.99
N GLN A 82 -2.01 27.33 -9.24
CA GLN A 82 -0.63 27.60 -9.62
C GLN A 82 0.35 26.51 -9.18
N ALA A 83 -0.13 25.30 -8.90
CA ALA A 83 0.78 24.24 -8.50
C ALA A 83 1.65 23.82 -9.68
N GLN A 84 2.90 23.49 -9.41
CA GLN A 84 3.83 23.07 -10.46
C GLN A 84 4.11 21.58 -10.45
N CYS A 85 3.72 20.87 -9.40
CA CYS A 85 3.87 19.41 -9.33
C CYS A 85 2.98 18.93 -8.20
N ALA A 86 2.77 17.62 -8.15
CA ALA A 86 1.84 17.06 -7.16
C ALA A 86 2.15 15.60 -6.88
N ILE A 87 1.81 15.18 -5.67
CA ILE A 87 1.82 13.78 -5.25
C ILE A 87 0.39 13.41 -4.85
N ILE A 88 -0.13 12.33 -5.43
CA ILE A 88 -1.39 11.73 -5.03
C ILE A 88 -1.06 10.49 -4.22
N MET A 89 -1.59 10.41 -3.00
N MET A 89 -1.56 10.40 -3.00
CA MET A 89 -1.25 9.38 -2.05
CA MET A 89 -1.20 9.33 -2.08
C MET A 89 -2.46 8.50 -1.77
C MET A 89 -2.42 8.51 -1.70
N PHE A 90 -2.24 7.19 -1.68
CA PHE A 90 -3.24 6.26 -1.16
C PHE A 90 -2.52 5.25 -0.27
N ASP A 91 -3.30 4.36 0.35
CA ASP A 91 -2.80 3.38 1.29
C ASP A 91 -3.10 1.99 0.73
N VAL A 92 -2.06 1.18 0.55
CA VAL A 92 -2.24 -0.13 -0.07
C VAL A 92 -2.94 -1.12 0.85
N THR A 93 -3.18 -0.74 2.09
CA THR A 93 -3.95 -1.57 3.02
C THR A 93 -5.41 -1.15 3.09
N SER A 94 -5.82 -0.15 2.31
CA SER A 94 -7.20 0.33 2.31
C SER A 94 -7.64 0.54 0.86
N ARG A 95 -8.47 -0.39 0.36
CA ARG A 95 -8.92 -0.33 -1.03
C ARG A 95 -9.73 0.92 -1.34
N VAL A 96 -10.49 1.44 -0.37
CA VAL A 96 -11.24 2.66 -0.62
C VAL A 96 -10.30 3.83 -0.97
N THR A 97 -9.12 3.90 -0.35
CA THR A 97 -8.24 5.04 -0.68
C THR A 97 -7.74 4.96 -2.12
N TYR A 98 -7.57 3.75 -2.66
CA TYR A 98 -7.27 3.62 -4.09
C TYR A 98 -8.48 3.90 -4.95
N LYS A 99 -9.68 3.50 -4.50
CA LYS A 99 -10.88 3.80 -5.27
C LYS A 99 -11.09 5.30 -5.44
N ASN A 100 -10.66 6.11 -4.47
CA ASN A 100 -10.82 7.56 -4.53
C ASN A 100 -9.72 8.27 -5.30
N VAL A 101 -8.67 7.54 -5.72
CA VAL A 101 -7.61 8.20 -6.51
C VAL A 101 -8.13 8.86 -7.74
N PRO A 102 -9.05 8.29 -8.53
CA PRO A 102 -9.58 9.04 -9.69
C PRO A 102 -10.28 10.33 -9.31
N ASN A 103 -10.80 10.43 -8.09
CA ASN A 103 -11.49 11.65 -7.67
C ASN A 103 -10.50 12.76 -7.38
N TRP A 104 -9.47 12.46 -6.57
CA TRP A 104 -8.41 13.43 -6.31
C TRP A 104 -7.72 13.88 -7.60
N HIS A 105 -7.46 12.94 -8.52
CA HIS A 105 -6.82 13.31 -9.78
C HIS A 105 -7.69 14.26 -10.59
N ARG A 106 -8.99 13.94 -10.70
CA ARG A 106 -9.92 14.78 -11.45
C ARG A 106 -9.93 16.21 -10.90
N ASP A 107 -10.05 16.34 -9.58
CA ASP A 107 -10.06 17.67 -8.97
C ASP A 107 -8.74 18.39 -9.19
N LEU A 108 -7.64 17.63 -9.34
CA LEU A 108 -6.31 18.22 -9.45
C LEU A 108 -6.04 18.73 -10.86
N VAL A 109 -6.25 17.90 -11.88
CA VAL A 109 -5.91 18.31 -13.24
C VAL A 109 -6.93 19.25 -13.85
N ARG A 110 -8.05 19.52 -13.16
CA ARG A 110 -8.97 20.57 -13.58
C ARG A 110 -8.40 21.95 -13.32
N VAL A 111 -7.59 22.08 -12.27
CA VAL A 111 -6.86 23.31 -11.97
C VAL A 111 -5.48 23.31 -12.62
N CYS A 112 -4.66 22.29 -12.36
CA CYS A 112 -3.30 22.19 -12.90
C CYS A 112 -3.28 21.22 -14.08
N GLU A 113 -3.44 21.78 -15.29
CA GLU A 113 -3.73 20.97 -16.47
C GLU A 113 -2.49 20.29 -17.05
N ASN A 114 -1.28 20.69 -16.64
CA ASN A 114 -0.09 20.13 -17.28
C ASN A 114 1.07 20.24 -16.28
N ILE A 115 1.05 19.37 -15.27
CA ILE A 115 2.09 19.33 -14.27
C ILE A 115 2.54 17.88 -14.08
N PRO A 116 3.80 17.63 -13.72
CA PRO A 116 4.20 16.26 -13.36
C PRO A 116 3.56 15.84 -12.04
N ILE A 117 2.99 14.62 -12.03
CA ILE A 117 2.30 14.06 -10.88
C ILE A 117 2.87 12.68 -10.57
N VAL A 118 3.05 12.40 -9.28
CA VAL A 118 3.46 11.09 -8.79
C VAL A 118 2.31 10.49 -7.98
N LEU A 119 1.92 9.26 -8.34
CA LEU A 119 0.99 8.46 -7.56
C LEU A 119 1.78 7.56 -6.63
N CYS A 120 1.47 7.58 -5.34
CA CYS A 120 2.21 6.87 -4.31
C CYS A 120 1.28 5.91 -3.59
N GLY A 121 1.68 4.65 -3.54
CA GLY A 121 0.98 3.69 -2.70
C GLY A 121 1.75 3.53 -1.41
N ASN A 122 1.23 4.07 -0.33
CA ASN A 122 1.95 4.11 0.94
C ASN A 122 1.67 2.87 1.76
N LYS A 123 2.53 2.66 2.77
CA LYS A 123 2.40 1.60 3.78
C LYS A 123 2.60 0.20 3.21
N VAL A 124 3.57 0.04 2.30
CA VAL A 124 3.88 -1.30 1.83
C VAL A 124 4.61 -2.13 2.88
N ASP A 125 4.97 -1.52 4.00
CA ASP A 125 5.59 -2.28 5.09
C ASP A 125 4.60 -3.21 5.79
N ILE A 126 3.30 -2.94 5.70
CA ILE A 126 2.31 -3.82 6.32
C ILE A 126 2.20 -5.10 5.52
N LYS A 127 2.17 -6.24 6.21
CA LYS A 127 2.22 -7.52 5.52
C LYS A 127 0.90 -7.82 4.83
N ASP A 128 -0.23 -7.48 5.44
CA ASP A 128 -1.54 -7.80 4.86
C ASP A 128 -1.96 -6.71 3.87
N ARG A 129 -1.25 -6.70 2.74
CA ARG A 129 -1.53 -5.72 1.69
C ARG A 129 -2.84 -6.03 0.98
N LYS A 130 -3.69 -5.03 0.83
CA LYS A 130 -5.02 -5.20 0.23
C LYS A 130 -5.10 -4.76 -1.22
N VAL A 131 -4.42 -3.67 -1.60
CA VAL A 131 -4.38 -3.22 -2.99
C VAL A 131 -3.13 -3.83 -3.62
N LYS A 132 -3.31 -4.94 -4.32
CA LYS A 132 -2.17 -5.67 -4.86
C LYS A 132 -1.58 -4.94 -6.06
N ALA A 133 -0.31 -5.24 -6.33
CA ALA A 133 0.46 -4.51 -7.33
C ALA A 133 -0.20 -4.56 -8.71
N LYS A 134 -0.71 -5.73 -9.12
CA LYS A 134 -1.28 -5.85 -10.45
C LYS A 134 -2.59 -5.08 -10.59
N SER A 135 -3.20 -4.72 -9.48
CA SER A 135 -4.44 -3.95 -9.51
C SER A 135 -4.21 -2.44 -9.69
N ILE A 136 -2.98 -1.96 -9.57
CA ILE A 136 -2.69 -0.52 -9.61
C ILE A 136 -2.30 -0.15 -11.04
N VAL A 137 -3.26 0.42 -11.78
CA VAL A 137 -3.06 0.68 -13.20
C VAL A 137 -3.59 2.06 -13.58
N PHE A 138 -4.10 2.83 -12.62
CA PHE A 138 -4.73 4.11 -12.95
C PHE A 138 -3.74 5.09 -13.56
N HIS A 139 -2.49 5.06 -13.10
CA HIS A 139 -1.46 5.97 -13.60
C HIS A 139 -1.15 5.79 -15.07
N ARG A 140 -1.51 4.68 -15.70
CA ARG A 140 -0.98 4.39 -17.03
C ARG A 140 -1.56 5.36 -18.06
N LYS A 141 -2.89 5.48 -18.09
CA LYS A 141 -3.51 6.35 -19.08
C LYS A 141 -3.37 7.82 -18.73
N LYS A 142 -3.03 8.14 -17.48
CA LYS A 142 -2.88 9.52 -17.03
C LYS A 142 -1.44 10.01 -16.98
N ASN A 143 -0.48 9.18 -17.39
CA ASN A 143 0.94 9.57 -17.47
C ASN A 143 1.49 10.02 -16.12
N LEU A 144 1.00 9.44 -15.03
CA LEU A 144 1.59 9.65 -13.72
C LEU A 144 2.74 8.66 -13.52
N GLN A 145 3.72 9.08 -12.73
CA GLN A 145 4.73 8.16 -12.24
C GLN A 145 4.21 7.48 -10.97
N TYR A 146 4.47 6.18 -10.83
CA TYR A 146 3.97 5.42 -9.69
C TYR A 146 5.13 4.84 -8.87
N TYR A 147 4.96 4.84 -7.56
CA TYR A 147 5.91 4.21 -6.65
C TYR A 147 5.17 3.56 -5.49
N ASP A 148 5.54 2.32 -5.18
CA ASP A 148 5.30 1.75 -3.86
C ASP A 148 6.20 2.48 -2.88
N ILE A 149 5.61 3.10 -1.85
CA ILE A 149 6.42 3.73 -0.81
C ILE A 149 5.93 3.31 0.56
N SER A 150 6.80 3.52 1.55
CA SER A 150 6.43 3.35 2.96
C SER A 150 7.17 4.41 3.77
N ALA A 151 6.43 5.33 4.41
CA ALA A 151 7.07 6.31 5.27
C ALA A 151 7.65 5.69 6.53
N LYS A 152 7.19 4.51 6.94
CA LYS A 152 7.71 3.87 8.14
C LYS A 152 9.06 3.21 7.90
N SER A 153 9.20 2.48 6.79
CA SER A 153 10.44 1.78 6.50
C SER A 153 11.34 2.55 5.54
N ASN A 154 10.88 3.68 5.01
CA ASN A 154 11.60 4.54 4.08
C ASN A 154 11.78 3.91 2.70
N TYR A 155 11.12 2.78 2.43
CA TYR A 155 11.17 2.16 1.13
C TYR A 155 10.73 3.14 0.04
N ASN A 156 11.66 3.50 -0.86
CA ASN A 156 11.40 4.38 -2.00
C ASN A 156 10.97 5.78 -1.59
N PHE A 157 11.27 6.19 -0.35
CA PHE A 157 10.72 7.46 0.16
C PHE A 157 11.31 8.67 -0.56
N GLU A 158 12.50 8.53 -1.15
CA GLU A 158 13.12 9.63 -1.90
C GLU A 158 12.71 9.68 -3.37
N LYS A 159 12.16 8.58 -3.90
CA LYS A 159 11.85 8.52 -5.33
C LYS A 159 10.87 9.58 -5.79
N PRO A 160 9.78 9.89 -5.08
CA PRO A 160 8.84 10.89 -5.62
C PRO A 160 9.48 12.25 -5.83
N PHE A 161 10.41 12.63 -4.96
CA PHE A 161 11.02 13.96 -5.09
C PHE A 161 12.14 13.95 -6.13
N LEU A 162 12.90 12.85 -6.20
CA LEU A 162 13.90 12.72 -7.25
C LEU A 162 13.27 12.82 -8.63
N TRP A 163 12.16 12.08 -8.86
CA TRP A 163 11.51 12.10 -10.16
C TRP A 163 10.96 13.49 -10.48
N LEU A 164 10.30 14.12 -9.51
CA LEU A 164 9.77 15.47 -9.72
C LEU A 164 10.88 16.47 -9.99
N ALA A 165 11.99 16.39 -9.24
CA ALA A 165 13.11 17.28 -9.47
C ALA A 165 13.66 17.11 -10.89
N ARG A 166 13.78 15.86 -11.36
CA ARG A 166 14.26 15.64 -12.71
C ARG A 166 13.32 16.27 -13.74
N LYS A 167 12.01 16.18 -13.51
CA LYS A 167 11.06 16.75 -14.46
C LYS A 167 11.02 18.28 -14.37
N LEU A 168 11.11 18.83 -13.16
CA LEU A 168 11.02 20.28 -13.00
C LEU A 168 12.28 20.99 -13.50
N ILE A 169 13.45 20.37 -13.32
CA ILE A 169 14.70 20.94 -13.84
C ILE A 169 14.91 20.59 -15.32
N GLY A 170 14.33 19.50 -15.80
CA GLY A 170 14.52 19.09 -17.17
C GLY A 170 15.79 18.33 -17.40
N ASP A 171 16.36 17.74 -16.35
CA ASP A 171 17.62 17.00 -16.44
C ASP A 171 17.37 15.57 -15.97
N PRO A 172 17.26 14.61 -16.90
CA PRO A 172 17.03 13.22 -16.49
C PRO A 172 18.18 12.63 -15.68
N ASN A 173 19.34 13.30 -15.64
CA ASN A 173 20.52 12.82 -14.93
C ASN A 173 20.75 13.52 -13.61
N LEU A 174 19.79 14.32 -13.14
CA LEU A 174 19.93 14.95 -11.83
C LEU A 174 19.99 13.90 -10.74
N GLU A 175 20.82 14.16 -9.73
CA GLU A 175 21.03 13.22 -8.64
C GLU A 175 21.12 13.98 -7.33
N PHE A 176 20.64 13.35 -6.26
CA PHE A 176 20.89 13.86 -4.91
C PHE A 176 22.34 13.63 -4.55
N VAL A 177 23.01 14.67 -4.04
CA VAL A 177 24.40 14.60 -3.61
C VAL A 177 24.50 15.02 -2.15
N ALA A 178 25.62 14.65 -1.53
CA ALA A 178 25.83 14.94 -0.12
C ALA A 178 26.08 16.42 0.11
N MET A 179 25.34 17.00 1.05
CA MET A 179 25.54 18.40 1.41
C MET A 179 26.92 18.58 2.05
N PRO A 180 27.54 19.75 1.90
CA PRO A 180 28.86 19.96 2.50
C PRO A 180 28.79 19.95 4.02
N ALA A 181 29.79 19.32 4.64
CA ALA A 181 29.83 19.14 6.09
C ALA A 181 30.88 20.06 6.69
N LEU A 182 30.44 21.24 7.14
CA LEU A 182 31.34 22.18 7.79
C LEU A 182 31.93 21.58 9.07
N ALA A 183 33.07 22.11 9.47
CA ALA A 183 33.68 21.69 10.73
C ALA A 183 32.82 22.17 11.90
N PRO A 184 32.52 21.30 12.86
CA PRO A 184 31.72 21.73 14.02
C PRO A 184 32.60 22.39 15.08
N PRO A 185 32.02 23.24 15.93
CA PRO A 185 32.82 24.03 16.88
C PRO A 185 33.02 23.30 18.21
N GLU A 186 33.94 23.84 19.02
CA GLU A 186 34.22 23.26 20.33
C GLU A 186 33.55 24.01 21.47
N ASP A 190 28.83 25.70 30.00
CA ASP A 190 29.27 26.41 31.19
C ASP A 190 28.76 25.72 32.47
N PRO A 191 29.45 25.93 33.59
CA PRO A 191 29.02 25.28 34.85
C PRO A 191 27.62 25.65 35.29
N ALA A 192 27.10 26.81 34.87
CA ALA A 192 25.75 27.23 35.25
C ALA A 192 24.67 26.37 34.60
N LEU A 193 25.02 25.51 33.64
CA LEU A 193 24.08 24.58 33.02
C LEU A 193 24.49 23.13 33.20
N ALA A 194 25.47 22.85 34.08
CA ALA A 194 25.89 21.47 34.29
C ALA A 194 24.79 20.65 34.95
N ALA A 195 24.04 21.26 35.87
CA ALA A 195 22.91 20.59 36.51
C ALA A 195 21.64 20.64 35.66
N GLN A 196 21.58 21.55 34.69
CA GLN A 196 20.41 21.60 33.81
C GLN A 196 20.47 20.48 32.77
N TYR A 197 21.63 20.27 32.14
CA TYR A 197 21.74 19.22 31.13
C TYR A 197 21.66 17.84 31.76
N GLU A 198 22.10 17.69 33.01
CA GLU A 198 22.01 16.40 33.69
C GLU A 198 20.56 16.06 34.04
N HIS A 199 19.72 17.07 34.28
CA HIS A 199 18.31 16.82 34.53
C HIS A 199 17.64 16.22 33.30
N ASP A 200 17.82 16.87 32.14
CA ASP A 200 17.27 16.35 30.90
C ASP A 200 17.89 15.00 30.54
N LEU A 201 19.14 14.77 30.94
CA LEU A 201 19.84 13.56 30.55
C LEU A 201 19.30 12.31 31.25
N GLU A 202 18.84 12.45 32.49
CA GLU A 202 18.38 11.27 33.20
C GLU A 202 16.92 10.94 32.88
N VAL A 203 16.10 11.95 32.57
CA VAL A 203 14.75 11.64 32.10
C VAL A 203 14.81 11.04 30.71
N ALA A 204 15.80 11.43 29.90
CA ALA A 204 15.99 10.80 28.60
C ALA A 204 16.45 9.36 28.75
N GLN A 205 17.30 9.06 29.72
CA GLN A 205 17.76 7.70 29.93
C GLN A 205 16.61 6.77 30.34
N THR A 206 15.68 7.29 31.13
CA THR A 206 14.57 6.52 31.64
C THR A 206 13.37 6.49 30.69
N THR A 207 13.45 7.16 29.55
CA THR A 207 12.44 7.07 28.50
C THR A 207 12.93 6.06 27.46
N ALA A 208 12.16 4.99 27.26
CA ALA A 208 12.63 3.91 26.40
C ALA A 208 12.60 4.33 24.94
N LEU A 209 13.64 3.94 24.20
CA LEU A 209 13.68 4.21 22.77
C LEU A 209 12.55 3.47 22.07
N PRO A 210 11.87 4.11 21.12
CA PRO A 210 10.77 3.43 20.41
C PRO A 210 11.28 2.38 19.43
N ASP A 211 10.39 1.41 19.16
CA ASP A 211 10.60 0.37 18.14
C ASP A 211 11.86 -0.44 18.42
N GLU A 212 11.94 -0.99 19.63
CA GLU A 212 13.14 -1.72 20.02
C GLU A 212 13.27 -3.08 19.32
N ASP A 213 12.23 -3.52 18.63
CA ASP A 213 12.31 -4.76 17.87
C ASP A 213 12.77 -4.55 16.44
N ASP A 214 12.89 -3.30 15.99
CA ASP A 214 13.39 -3.02 14.66
C ASP A 214 14.84 -3.49 14.50
N ASP A 215 15.26 -3.65 13.24
CA ASP A 215 16.61 -4.11 12.96
C ASP A 215 17.65 -3.05 13.32
N LEU A 216 17.26 -1.78 13.32
CA LEU A 216 18.19 -0.70 13.62
C LEU A 216 17.48 0.42 14.38
N THR B 17 31.99 18.05 -0.86
CA THR B 17 31.34 17.51 0.33
C THR B 17 32.08 17.93 1.61
N MET B 18 33.29 18.48 1.46
CA MET B 18 34.12 18.94 2.58
C MET B 18 34.45 17.80 3.55
N GLU B 19 34.92 16.67 2.98
CA GLU B 19 35.31 15.53 3.79
C GLU B 19 36.62 14.90 3.38
N GLU B 20 37.26 15.37 2.29
CA GLU B 20 38.50 14.72 1.83
C GLU B 20 39.68 15.07 2.74
N ASP B 21 39.66 16.23 3.39
CA ASP B 21 40.74 16.63 4.27
C ASP B 21 40.67 15.88 5.61
N GLU B 22 39.93 14.77 5.64
CA GLU B 22 39.75 13.98 6.85
C GLU B 22 39.97 12.50 6.54
N GLU B 23 40.20 11.72 7.59
CA GLU B 23 40.33 10.28 7.48
C GLU B 23 39.27 9.61 8.35
N VAL B 24 38.83 8.42 7.92
CA VAL B 24 37.74 7.72 8.57
C VAL B 24 38.34 6.67 9.51
N LEU B 25 38.14 6.87 10.82
CA LEU B 25 38.64 5.92 11.81
C LEU B 25 37.63 4.82 12.11
N TYR B 26 36.35 5.15 12.11
CA TYR B 26 35.29 4.19 12.44
C TYR B 26 34.07 4.49 11.59
N LYS B 27 33.38 3.43 11.18
CA LYS B 27 32.15 3.53 10.39
C LYS B 27 31.20 2.42 10.81
N VAL B 28 29.99 2.80 11.21
CA VAL B 28 28.99 1.83 11.64
C VAL B 28 27.61 2.32 11.21
N ARG B 29 26.73 1.38 10.86
CA ARG B 29 25.34 1.68 10.56
C ARG B 29 24.58 1.90 11.86
N ALA B 30 23.81 2.97 11.92
CA ALA B 30 23.13 3.31 13.17
C ALA B 30 21.87 4.13 12.90
N LYS B 31 21.02 4.18 13.92
CA LYS B 31 19.84 5.03 13.93
C LYS B 31 19.99 6.05 15.06
N LEU B 32 19.82 7.32 14.73
CA LEU B 32 20.05 8.41 15.67
C LEU B 32 18.72 9.00 16.10
N PHE B 33 18.55 9.19 17.42
CA PHE B 33 17.37 9.80 18.01
C PHE B 33 17.72 11.09 18.75
N ARG B 34 16.81 12.04 18.71
N ARG B 34 16.82 12.05 18.68
CA ARG B 34 16.91 13.24 19.54
CA ARG B 34 16.87 13.24 19.52
C ARG B 34 15.74 13.28 20.51
C ARG B 34 15.75 13.16 20.55
N PHE B 35 15.99 13.72 21.73
CA PHE B 35 14.99 13.75 22.79
C PHE B 35 14.23 15.06 22.75
N ASP B 36 12.91 14.97 22.63
CA ASP B 36 12.02 16.13 22.73
C ASP B 36 11.58 16.21 24.18
N ALA B 37 12.26 17.07 24.96
CA ALA B 37 11.99 17.15 26.39
C ALA B 37 10.58 17.66 26.65
N ASP B 38 10.15 18.68 25.90
CA ASP B 38 8.81 19.23 26.09
C ASP B 38 7.71 18.23 25.77
N ALA B 39 8.03 17.11 25.14
CA ALA B 39 7.01 16.18 24.64
C ALA B 39 7.30 14.72 24.98
N LYS B 40 7.99 14.46 26.11
CA LYS B 40 8.01 13.13 26.75
C LYS B 40 8.57 12.04 25.81
N GLU B 41 9.30 12.40 24.75
CA GLU B 41 9.37 11.50 23.60
C GLU B 41 10.71 11.54 22.86
N TRP B 42 11.16 10.36 22.46
CA TRP B 42 12.27 10.22 21.52
C TRP B 42 11.76 10.32 20.09
N LYS B 43 12.46 11.11 19.27
CA LYS B 43 12.12 11.28 17.86
C LYS B 43 13.34 10.94 17.01
N GLU B 44 13.12 10.11 15.98
CA GLU B 44 14.19 9.75 15.07
C GLU B 44 14.74 10.97 14.35
N ARG B 45 16.04 10.97 14.11
CA ARG B 45 16.67 12.03 13.33
C ARG B 45 17.24 11.53 12.01
N GLY B 46 17.60 10.26 11.92
CA GLY B 46 18.20 9.78 10.69
C GLY B 46 18.74 8.38 10.83
N THR B 47 18.78 7.65 9.71
CA THR B 47 19.36 6.32 9.66
C THR B 47 20.36 6.27 8.54
N GLY B 48 21.56 5.80 8.84
CA GLY B 48 22.64 5.85 7.88
C GLY B 48 23.95 5.49 8.54
N ASP B 49 25.04 5.80 7.85
CA ASP B 49 26.37 5.48 8.32
C ASP B 49 26.86 6.57 9.28
N CYS B 50 27.27 6.14 10.47
CA CYS B 50 27.94 7.01 11.43
C CYS B 50 29.45 6.85 11.28
N LYS B 51 30.14 7.97 11.06
CA LYS B 51 31.57 7.97 10.81
C LYS B 51 32.30 8.82 11.84
N PHE B 52 33.48 8.35 12.25
CA PHE B 52 34.41 9.14 13.07
C PHE B 52 35.44 9.72 12.11
N LEU B 53 35.38 11.03 11.90
CA LEU B 53 36.23 11.71 10.93
C LEU B 53 37.34 12.48 11.64
N LYS B 54 38.59 12.08 11.40
CA LYS B 54 39.75 12.77 11.95
C LYS B 54 40.33 13.75 10.93
N ASN B 55 40.36 15.03 11.30
CA ASN B 55 40.87 16.08 10.44
C ASN B 55 42.39 16.00 10.32
N LYS B 56 42.90 16.02 9.08
CA LYS B 56 44.33 15.79 8.86
C LYS B 56 45.20 16.91 9.40
N LYS B 57 44.67 18.14 9.49
CA LYS B 57 45.46 19.29 9.86
C LYS B 57 45.22 19.80 11.28
N THR B 58 44.21 19.29 11.98
CA THR B 58 44.07 19.59 13.41
C THR B 58 44.04 18.36 14.30
N ASN B 59 43.99 17.15 13.75
CA ASN B 59 43.90 15.92 14.53
C ASN B 59 42.67 15.89 15.43
N LYS B 60 41.63 16.62 15.04
CA LYS B 60 40.35 16.62 15.75
C LYS B 60 39.41 15.61 15.09
N VAL B 61 38.74 14.81 15.93
CA VAL B 61 37.81 13.78 15.46
C VAL B 61 36.39 14.25 15.75
N ARG B 62 35.50 14.09 14.76
CA ARG B 62 34.11 14.51 14.88
C ARG B 62 33.19 13.35 14.54
N ILE B 63 31.91 13.55 14.82
CA ILE B 63 30.84 12.66 14.38
C ILE B 63 30.22 13.26 13.13
N LEU B 64 30.21 12.49 12.04
CA LEU B 64 29.45 12.85 10.85
C LEU B 64 28.56 11.68 10.50
N MET B 65 27.26 11.93 10.41
CA MET B 65 26.30 10.91 10.04
C MET B 65 25.31 11.49 9.04
N ARG B 66 25.02 10.74 8.01
CA ARG B 66 24.11 11.18 6.98
C ARG B 66 23.02 10.21 6.77
N ARG B 67 21.92 10.75 6.32
CA ARG B 67 20.76 9.95 6.03
C ARG B 67 20.92 9.22 4.71
N ASP B 68 20.51 7.97 4.69
CA ASP B 68 20.56 7.20 3.49
C ASP B 68 19.77 7.83 2.38
N LYS B 69 20.19 7.59 1.17
CA LYS B 69 19.49 8.04 0.03
C LYS B 69 19.51 9.51 -0.21
N THR B 70 19.04 10.34 0.70
CA THR B 70 19.10 11.77 0.49
C THR B 70 20.42 12.35 0.92
N LEU B 71 21.16 11.60 1.70
CA LEU B 71 22.45 11.99 2.19
C LEU B 71 22.49 13.27 2.97
N LYS B 72 21.44 13.56 3.66
CA LYS B 72 21.35 14.76 4.47
C LYS B 72 21.97 14.51 5.84
N ILE B 73 22.69 15.51 6.33
CA ILE B 73 23.41 15.39 7.58
C ILE B 73 22.44 15.42 8.75
N CYS B 74 22.52 14.41 9.61
CA CYS B 74 21.71 14.37 10.82
C CYS B 74 22.55 14.36 12.08
N ALA B 75 23.88 14.45 11.97
CA ALA B 75 24.76 14.52 13.14
C ALA B 75 26.10 15.09 12.70
N ASN B 76 26.53 16.17 13.35
CA ASN B 76 27.79 16.81 13.02
C ASN B 76 28.29 17.56 14.26
N HIS B 77 29.19 16.92 15.01
CA HIS B 77 29.74 17.50 16.23
C HIS B 77 31.03 16.79 16.59
N ILE B 78 31.84 17.44 17.43
CA ILE B 78 33.11 16.86 17.90
C ILE B 78 32.84 15.94 19.08
N ILE B 79 33.54 14.82 19.09
CA ILE B 79 33.49 13.91 20.22
C ILE B 79 34.21 14.56 21.40
N ALA B 80 33.52 15.48 22.08
CA ALA B 80 34.11 16.19 23.20
C ALA B 80 34.57 15.20 24.26
N PRO B 81 35.72 15.44 24.90
CA PRO B 81 36.15 14.55 25.99
C PRO B 81 35.24 14.62 27.21
N GLU B 82 34.42 15.67 27.34
CA GLU B 82 33.54 15.81 28.49
C GLU B 82 32.25 14.99 28.37
N TYR B 83 31.85 14.64 27.15
CA TYR B 83 30.65 13.83 26.96
C TYR B 83 30.82 12.45 27.60
N THR B 84 29.71 11.83 27.95
CA THR B 84 29.73 10.51 28.57
C THR B 84 28.58 9.67 28.02
N LEU B 85 28.90 8.42 27.67
CA LEU B 85 27.92 7.50 27.10
C LEU B 85 27.17 6.77 28.21
N LYS B 86 25.85 6.93 28.23
CA LYS B 86 24.98 6.29 29.21
C LYS B 86 24.02 5.32 28.53
N PRO B 87 23.76 4.16 29.13
CA PRO B 87 22.75 3.25 28.57
C PRO B 87 21.35 3.83 28.72
N ASN B 88 20.43 3.30 27.92
CA ASN B 88 19.03 3.65 28.02
C ASN B 88 18.25 2.46 28.57
N VAL B 89 17.14 2.76 29.25
CA VAL B 89 16.45 1.79 30.08
C VAL B 89 15.96 0.58 29.27
N GLY B 90 15.65 0.78 27.99
CA GLY B 90 15.05 -0.28 27.20
C GLY B 90 15.87 -0.83 26.05
N SER B 91 17.19 -0.78 26.15
CA SER B 91 18.03 -1.21 25.03
C SER B 91 19.42 -1.59 25.54
N ASP B 92 19.94 -2.73 25.08
CA ASP B 92 21.34 -3.10 25.30
C ASP B 92 22.19 -2.91 24.04
N ARG B 93 21.74 -2.06 23.12
CA ARG B 93 22.47 -1.77 21.89
C ARG B 93 22.42 -0.27 21.59
N SER B 94 22.29 0.57 22.61
CA SER B 94 22.18 2.01 22.41
C SER B 94 22.94 2.76 23.50
N TRP B 95 23.26 4.02 23.20
CA TRP B 95 23.87 4.93 24.14
C TRP B 95 23.12 6.26 24.09
N VAL B 96 23.03 6.91 25.25
CA VAL B 96 22.43 8.23 25.38
C VAL B 96 23.50 9.18 25.92
N TYR B 97 23.62 10.35 25.32
CA TYR B 97 24.60 11.33 25.78
C TYR B 97 24.17 12.73 25.37
N ALA B 98 24.56 13.69 26.19
CA ALA B 98 24.23 15.09 25.95
C ALA B 98 25.25 15.70 25.01
N CYS B 99 24.77 16.46 24.03
CA CYS B 99 25.60 17.15 23.07
C CYS B 99 25.28 18.63 23.13
N THR B 100 26.31 19.47 23.14
CA THR B 100 26.15 20.89 23.38
C THR B 100 26.34 21.75 22.14
N ALA B 101 26.83 21.19 21.04
CA ALA B 101 27.05 21.99 19.83
C ALA B 101 27.01 21.03 18.62
N ASP B 102 25.81 20.82 18.09
CA ASP B 102 25.62 20.06 16.86
C ASP B 102 25.16 21.01 15.76
N ILE B 103 25.77 20.91 14.58
CA ILE B 103 25.48 21.85 13.50
C ILE B 103 24.88 21.12 12.30
N ALA B 104 24.17 20.01 12.54
CA ALA B 104 23.62 19.25 11.43
C ALA B 104 22.60 20.06 10.64
N GLU B 105 21.87 20.96 11.30
CA GLU B 105 20.82 21.75 10.64
C GLU B 105 20.95 23.23 11.03
N GLY B 106 22.14 23.80 10.84
CA GLY B 106 22.38 25.21 11.07
C GLY B 106 23.26 25.53 12.26
N GLU B 107 22.76 26.40 13.14
CA GLU B 107 23.53 26.85 14.30
C GLU B 107 23.81 25.71 15.25
N ALA B 108 24.89 25.85 16.01
CA ALA B 108 25.30 24.85 17.00
C ALA B 108 24.32 24.80 18.18
N GLU B 109 23.39 23.83 18.15
CA GLU B 109 22.39 23.70 19.20
C GLU B 109 22.70 22.49 20.08
N ALA B 110 22.22 22.54 21.32
CA ALA B 110 22.40 21.47 22.30
C ALA B 110 21.32 20.41 22.15
N PHE B 111 21.74 19.15 22.22
CA PHE B 111 20.83 18.03 22.03
C PHE B 111 21.14 16.93 23.03
N THR B 112 20.10 16.20 23.41
CA THR B 112 20.24 14.92 24.09
C THR B 112 20.03 13.84 23.04
N PHE B 113 21.09 13.13 22.69
CA PHE B 113 21.07 12.18 21.59
C PHE B 113 20.96 10.75 22.12
N ALA B 114 20.35 9.89 21.30
CA ALA B 114 20.42 8.45 21.48
C ALA B 114 20.79 7.83 20.15
N ILE B 115 21.66 6.82 20.19
CA ILE B 115 22.17 6.19 18.99
C ILE B 115 22.09 4.68 19.17
N ARG B 116 21.43 4.00 18.23
CA ARG B 116 21.21 2.57 18.31
C ARG B 116 21.86 1.90 17.12
N PHE B 117 22.33 0.68 17.34
CA PHE B 117 23.07 -0.10 16.36
C PHE B 117 22.41 -1.46 16.17
N GLY B 118 23.00 -2.28 15.31
CA GLY B 118 22.39 -3.54 14.95
C GLY B 118 22.54 -4.61 16.00
N SER B 119 23.52 -4.48 16.88
CA SER B 119 23.78 -5.52 17.88
C SER B 119 24.42 -4.87 19.09
N LYS B 120 24.39 -5.60 20.21
CA LYS B 120 25.13 -5.16 21.39
C LYS B 120 26.62 -5.07 21.08
N GLU B 121 27.12 -5.90 20.18
CA GLU B 121 28.55 -5.87 19.89
C GLU B 121 28.94 -4.59 19.18
N ASN B 122 28.17 -4.15 18.19
CA ASN B 122 28.47 -2.89 17.51
C ASN B 122 28.27 -1.69 18.41
N ALA B 123 27.37 -1.81 19.38
CA ALA B 123 27.20 -0.76 20.37
C ALA B 123 28.42 -0.69 21.30
N ASP B 124 28.91 -1.86 21.76
CA ASP B 124 30.09 -1.88 22.62
C ASP B 124 31.32 -1.36 21.89
N LYS B 125 31.52 -1.81 20.63
CA LYS B 125 32.67 -1.35 19.86
C LYS B 125 32.56 0.12 19.50
N PHE B 126 31.34 0.64 19.31
CA PHE B 126 31.16 2.07 19.14
C PHE B 126 31.64 2.82 20.37
N LYS B 127 31.31 2.32 21.58
CA LYS B 127 31.77 2.95 22.80
C LYS B 127 33.29 2.91 22.91
N GLU B 128 33.89 1.77 22.54
CA GLU B 128 35.33 1.66 22.47
C GLU B 128 35.92 2.80 21.62
N GLU B 129 35.51 2.86 20.35
CA GLU B 129 36.03 3.87 19.44
C GLU B 129 35.64 5.28 19.85
N PHE B 130 34.49 5.44 20.51
CA PHE B 130 34.03 6.76 20.93
C PHE B 130 34.96 7.35 21.98
N GLU B 131 35.43 6.53 22.91
CA GLU B 131 36.29 7.02 23.98
C GLU B 131 37.75 7.11 23.54
N LYS B 132 38.21 6.19 22.68
CA LYS B 132 39.53 6.36 22.07
C LYS B 132 39.61 7.70 21.36
N ALA B 133 38.62 7.99 20.51
CA ALA B 133 38.58 9.28 19.81
C ALA B 133 38.55 10.45 20.78
N GLN B 134 37.98 10.25 21.97
CA GLN B 134 38.03 11.32 22.97
C GLN B 134 39.46 11.58 23.44
N GLU B 135 40.28 10.54 23.48
CA GLU B 135 41.67 10.71 23.92
C GLU B 135 42.49 11.44 22.87
N ILE B 136 42.19 11.24 21.58
CA ILE B 136 42.91 11.97 20.54
C ILE B 136 42.50 13.45 20.56
N ASN B 137 41.24 13.74 20.88
CA ASN B 137 40.82 15.13 21.01
C ASN B 137 41.37 15.79 22.28
N LYS B 138 41.88 15.00 23.23
CA LYS B 138 42.40 15.59 24.46
C LYS B 138 43.73 16.28 24.22
N LYS B 139 44.58 15.71 23.37
CA LYS B 139 45.90 16.28 23.08
C LYS B 139 45.79 17.50 22.17
N SER C 3 -5.80 41.95 12.55
CA SER C 3 -6.13 42.93 11.54
C SER C 3 -6.74 42.28 10.31
N MET C 4 -6.19 41.13 9.93
CA MET C 4 -6.67 40.42 8.75
C MET C 4 -8.07 39.84 8.95
N GLU C 5 -8.51 39.69 10.20
CA GLU C 5 -9.81 39.07 10.51
C GLU C 5 -10.98 40.01 10.28
N GLY C 6 -10.78 41.14 9.59
CA GLY C 6 -11.88 42.05 9.36
C GLY C 6 -12.89 41.52 8.38
N ILE C 7 -12.46 40.71 7.42
CA ILE C 7 -13.38 40.19 6.42
C ILE C 7 -14.37 39.20 7.03
N LEU C 8 -14.04 38.63 8.20
CA LEU C 8 -14.94 37.69 8.85
C LEU C 8 -16.17 38.35 9.48
N ASP C 9 -16.23 39.69 9.50
CA ASP C 9 -17.34 40.43 10.08
C ASP C 9 -18.33 40.77 8.97
N PHE C 10 -19.47 40.10 8.98
CA PHE C 10 -20.53 40.32 7.99
C PHE C 10 -21.51 41.41 8.43
N SER C 11 -21.38 41.91 9.66
CA SER C 11 -22.17 43.07 10.08
C SER C 11 -21.90 44.25 9.16
N ASN C 12 -20.63 44.55 8.92
CA ASN C 12 -20.25 45.60 7.99
C ASN C 12 -20.35 45.08 6.56
N ASP C 13 -19.85 45.83 5.60
CA ASP C 13 -19.85 45.38 4.22
C ASP C 13 -18.45 44.92 3.85
N LEU C 14 -18.40 44.03 2.86
CA LEU C 14 -17.13 43.43 2.45
C LEU C 14 -16.13 44.49 2.06
N ASP C 15 -14.90 44.37 2.53
CA ASP C 15 -13.82 45.17 1.97
C ASP C 15 -13.09 44.29 0.95
N ILE C 16 -13.43 44.46 -0.34
CA ILE C 16 -12.80 43.70 -1.42
C ILE C 16 -11.29 43.83 -1.37
N ALA C 17 -10.79 45.05 -1.11
CA ALA C 17 -9.36 45.24 -1.05
C ALA C 17 -8.75 44.47 0.12
N LEU C 18 -9.44 44.43 1.26
CA LEU C 18 -8.95 43.65 2.38
C LEU C 18 -8.99 42.15 2.08
N LEU C 19 -9.92 41.73 1.23
CA LEU C 19 -9.97 40.31 0.84
C LEU C 19 -8.82 39.96 -0.10
N ASP C 20 -8.50 40.86 -1.03
CA ASP C 20 -7.44 40.56 -2.00
C ASP C 20 -6.09 40.44 -1.32
N GLN C 21 -5.89 41.10 -0.19
CA GLN C 21 -4.61 41.01 0.50
C GLN C 21 -4.46 39.71 1.25
N VAL C 22 -5.49 39.32 2.01
CA VAL C 22 -5.39 38.08 2.78
C VAL C 22 -5.30 36.87 1.85
N VAL C 23 -5.89 36.98 0.66
CA VAL C 23 -5.70 35.97 -0.37
C VAL C 23 -4.25 35.97 -0.83
N SER C 24 -3.71 37.15 -1.16
CA SER C 24 -2.33 37.23 -1.62
C SER C 24 -1.34 36.82 -0.54
N THR C 25 -1.64 37.13 0.73
CA THR C 25 -0.80 36.68 1.84
C THR C 25 -0.84 35.17 2.03
N PHE C 26 -1.89 34.52 1.52
CA PHE C 26 -2.00 33.07 1.63
C PHE C 26 -1.25 32.38 0.50
N TYR C 27 -1.45 32.85 -0.74
CA TYR C 27 -0.86 32.20 -1.91
C TYR C 27 0.60 32.57 -2.09
N GLN C 28 0.90 33.87 -2.17
CA GLN C 28 2.27 34.34 -2.41
C GLN C 28 3.07 34.60 -1.13
N GLY C 29 2.43 34.56 0.04
CA GLY C 29 3.12 34.81 1.29
C GLY C 29 3.82 33.57 1.81
N SER C 30 4.23 33.65 3.08
CA SER C 30 4.92 32.56 3.74
C SER C 30 4.82 32.73 5.24
N GLY C 31 5.24 31.69 5.96
CA GLY C 31 5.37 31.72 7.41
C GLY C 31 4.06 31.96 8.13
N VAL C 32 4.17 32.64 9.27
CA VAL C 32 3.05 32.77 10.21
C VAL C 32 1.90 33.52 9.55
N GLN C 33 2.20 34.57 8.78
CA GLN C 33 1.13 35.36 8.17
C GLN C 33 0.40 34.58 7.09
N GLN C 34 1.10 33.70 6.38
CA GLN C 34 0.42 32.79 5.46
C GLN C 34 -0.48 31.83 6.22
N LYS C 35 0.03 31.26 7.32
CA LYS C 35 -0.77 30.31 8.10
C LYS C 35 -2.00 31.00 8.67
N GLN C 36 -1.87 32.25 9.09
CA GLN C 36 -3.00 32.95 9.68
C GLN C 36 -4.01 33.36 8.60
N ALA C 37 -3.53 33.83 7.45
CA ALA C 37 -4.43 34.12 6.34
C ALA C 37 -5.17 32.86 5.89
N GLN C 38 -4.55 31.69 6.06
CA GLN C 38 -5.22 30.44 5.73
C GLN C 38 -6.41 30.21 6.64
N GLU C 39 -6.23 30.40 7.96
CA GLU C 39 -7.29 30.10 8.90
C GLU C 39 -8.44 31.08 8.79
N ILE C 40 -8.19 32.30 8.32
CA ILE C 40 -9.29 33.22 8.11
C ILE C 40 -10.02 32.94 6.80
N LEU C 41 -9.29 32.49 5.76
CA LEU C 41 -9.94 32.23 4.48
C LEU C 41 -10.82 30.99 4.57
N THR C 42 -10.42 30.02 5.39
CA THR C 42 -11.26 28.88 5.66
C THR C 42 -12.52 29.30 6.40
N LYS C 43 -12.38 30.15 7.43
CA LYS C 43 -13.55 30.62 8.17
C LYS C 43 -14.46 31.45 7.29
N PHE C 44 -13.89 32.25 6.39
CA PHE C 44 -14.72 33.06 5.50
C PHE C 44 -15.54 32.19 4.56
N GLN C 45 -14.88 31.26 3.86
CA GLN C 45 -15.58 30.44 2.88
C GLN C 45 -16.57 29.50 3.57
N ASP C 46 -16.26 29.07 4.78
CA ASP C 46 -17.12 28.17 5.54
C ASP C 46 -18.32 28.87 6.16
N ASN C 47 -18.40 30.19 6.05
CA ASN C 47 -19.56 30.90 6.61
C ASN C 47 -20.79 30.63 5.76
N PRO C 48 -21.93 30.29 6.36
CA PRO C 48 -23.11 29.93 5.56
C PRO C 48 -23.70 31.09 4.76
N ASP C 49 -23.28 32.33 5.01
CA ASP C 49 -23.78 33.49 4.28
C ASP C 49 -22.79 34.04 3.25
N ALA C 50 -21.61 33.42 3.10
CA ALA C 50 -20.58 33.98 2.23
C ALA C 50 -21.00 33.99 0.77
N TRP C 51 -21.87 33.06 0.37
CA TRP C 51 -22.31 33.02 -1.02
C TRP C 51 -23.06 34.28 -1.42
N GLN C 52 -23.66 34.97 -0.45
CA GLN C 52 -24.35 36.22 -0.74
C GLN C 52 -23.38 37.27 -1.27
N LYS C 53 -22.20 37.37 -0.65
CA LYS C 53 -21.18 38.31 -1.06
C LYS C 53 -20.33 37.81 -2.22
N ALA C 54 -20.68 36.66 -2.82
CA ALA C 54 -19.97 36.20 -3.99
C ALA C 54 -20.31 37.03 -5.22
N ASP C 55 -21.45 37.72 -5.19
CA ASP C 55 -21.86 38.58 -6.31
C ASP C 55 -20.82 39.66 -6.58
N GLN C 56 -20.41 40.37 -5.53
CA GLN C 56 -19.55 41.53 -5.67
C GLN C 56 -18.07 41.19 -5.68
N ILE C 57 -17.65 40.08 -5.04
CA ILE C 57 -16.27 39.63 -5.16
C ILE C 57 -15.92 39.39 -6.62
N LEU C 58 -16.72 38.57 -7.28
CA LEU C 58 -16.47 38.20 -8.66
C LEU C 58 -16.73 39.34 -9.64
N GLN C 59 -17.28 40.47 -9.17
CA GLN C 59 -17.58 41.61 -10.00
C GLN C 59 -16.58 42.75 -9.84
N PHE C 60 -16.14 43.04 -8.59
CA PHE C 60 -15.30 44.19 -8.34
C PHE C 60 -13.85 43.85 -7.99
N SER C 61 -13.52 42.58 -7.75
CA SER C 61 -12.15 42.22 -7.38
C SER C 61 -11.26 42.11 -8.61
N THR C 62 -9.99 42.43 -8.43
CA THR C 62 -8.99 42.29 -9.48
C THR C 62 -8.13 41.05 -9.31
N ASN C 63 -8.37 40.26 -8.27
CA ASN C 63 -7.54 39.11 -7.93
C ASN C 63 -8.20 37.83 -8.43
N PRO C 64 -7.56 37.07 -9.31
CA PRO C 64 -8.21 35.84 -9.80
C PRO C 64 -8.38 34.78 -8.73
N GLN C 65 -7.47 34.71 -7.76
CA GLN C 65 -7.63 33.73 -6.69
C GLN C 65 -8.84 34.05 -5.81
N SER C 66 -9.10 35.33 -5.56
CA SER C 66 -10.25 35.70 -4.74
C SER C 66 -11.55 35.31 -5.42
N LYS C 67 -11.62 35.47 -6.74
CA LYS C 67 -12.79 35.03 -7.49
C LYS C 67 -12.97 33.52 -7.41
N PHE C 68 -11.95 32.78 -7.88
CA PHE C 68 -11.93 31.32 -7.75
C PHE C 68 -12.45 30.85 -6.40
N ILE C 69 -11.98 31.46 -5.31
CA ILE C 69 -12.46 31.06 -3.98
C ILE C 69 -13.96 31.28 -3.88
N ALA C 70 -14.47 32.38 -4.45
CA ALA C 70 -15.90 32.66 -4.30
C ALA C 70 -16.75 31.75 -5.17
N LEU C 71 -16.22 31.27 -6.29
CA LEU C 71 -16.92 30.23 -7.02
C LEU C 71 -16.98 28.94 -6.22
N SER C 72 -15.92 28.63 -5.46
CA SER C 72 -15.98 27.51 -4.53
C SER C 72 -17.14 27.69 -3.56
N ILE C 73 -17.20 28.87 -2.91
CA ILE C 73 -18.30 29.19 -2.00
C ILE C 73 -19.63 29.01 -2.73
N LEU C 74 -19.74 29.50 -3.96
CA LEU C 74 -20.94 29.26 -4.76
C LEU C 74 -21.15 27.77 -5.00
N ASP C 75 -20.09 27.06 -5.39
CA ASP C 75 -20.19 25.65 -5.70
C ASP C 75 -20.81 24.87 -4.54
N LYS C 76 -20.33 25.11 -3.32
CA LYS C 76 -20.91 24.47 -2.14
C LYS C 76 -22.39 24.82 -1.98
N LEU C 77 -22.80 26.00 -2.43
CA LEU C 77 -24.20 26.37 -2.34
C LEU C 77 -25.05 25.65 -3.38
N ILE C 78 -24.56 25.61 -4.63
CA ILE C 78 -25.30 24.98 -5.71
C ILE C 78 -25.46 23.48 -5.47
N THR C 79 -24.42 22.83 -4.93
CA THR C 79 -24.48 21.37 -4.82
C THR C 79 -25.28 20.89 -3.62
N ARG C 80 -25.38 21.71 -2.57
CA ARG C 80 -25.95 21.26 -1.29
C ARG C 80 -27.23 21.97 -0.86
N LYS C 81 -27.40 23.26 -1.17
CA LYS C 81 -28.56 24.02 -0.70
C LYS C 81 -29.29 24.73 -1.83
N TRP C 82 -29.10 24.29 -3.07
CA TRP C 82 -29.69 24.96 -4.22
C TRP C 82 -31.21 25.05 -4.09
N LYS C 83 -31.87 23.90 -3.91
CA LYS C 83 -33.32 23.86 -3.94
C LYS C 83 -33.94 24.61 -2.77
N LEU C 84 -33.21 24.76 -1.66
CA LEU C 84 -33.74 25.46 -0.50
C LEU C 84 -33.83 26.96 -0.70
N LEU C 85 -33.10 27.51 -1.66
CA LEU C 85 -33.12 28.95 -1.89
C LEU C 85 -34.50 29.38 -2.38
N PRO C 86 -34.89 30.63 -2.09
CA PRO C 86 -35.98 31.23 -2.85
C PRO C 86 -35.58 31.25 -4.32
N ASN C 87 -36.55 30.95 -5.20
CA ASN C 87 -36.25 30.74 -6.61
C ASN C 87 -35.64 31.99 -7.25
N ASP C 88 -35.94 33.17 -6.71
CA ASP C 88 -35.35 34.39 -7.27
C ASP C 88 -33.82 34.35 -7.21
N HIS C 89 -33.26 33.76 -6.15
CA HIS C 89 -31.81 33.64 -6.06
C HIS C 89 -31.27 32.63 -7.08
N ARG C 90 -32.00 31.54 -7.32
CA ARG C 90 -31.61 30.60 -8.35
C ARG C 90 -31.58 31.25 -9.73
N ILE C 91 -32.44 32.24 -9.96
CA ILE C 91 -32.41 32.98 -11.23
C ILE C 91 -31.18 33.87 -11.29
N GLY C 92 -30.83 34.50 -10.16
CA GLY C 92 -29.75 35.47 -10.18
C GLY C 92 -28.38 34.83 -10.33
N ILE C 93 -28.10 33.82 -9.50
CA ILE C 93 -26.82 33.12 -9.58
C ILE C 93 -26.66 32.52 -10.97
N ARG C 94 -27.70 31.89 -11.51
CA ARG C 94 -27.63 31.33 -12.85
C ARG C 94 -27.21 32.38 -13.87
N ASN C 95 -27.93 33.51 -13.90
CA ASN C 95 -27.66 34.53 -14.92
C ASN C 95 -26.34 35.25 -14.67
N PHE C 96 -25.94 35.43 -13.42
CA PHE C 96 -24.62 36.00 -13.17
C PHE C 96 -23.51 35.08 -13.67
N VAL C 97 -23.60 33.78 -13.34
CA VAL C 97 -22.54 32.84 -13.71
C VAL C 97 -22.40 32.77 -15.22
N VAL C 98 -23.51 32.72 -15.95
CA VAL C 98 -23.41 32.64 -17.40
C VAL C 98 -22.83 33.94 -17.96
N GLY C 99 -23.45 35.08 -17.60
CA GLY C 99 -23.04 36.35 -18.18
C GLY C 99 -21.57 36.65 -17.94
N MET C 100 -21.05 36.24 -16.78
CA MET C 100 -19.61 36.35 -16.57
C MET C 100 -18.83 35.55 -17.59
N ILE C 101 -19.25 34.31 -17.86
CA ILE C 101 -18.44 33.41 -18.66
C ILE C 101 -18.22 34.02 -20.03
N ILE C 102 -19.27 34.66 -20.59
CA ILE C 102 -19.11 35.27 -21.90
C ILE C 102 -18.27 36.53 -21.81
N SER C 103 -18.35 37.27 -20.69
CA SER C 103 -17.53 38.47 -20.56
C SER C 103 -16.05 38.12 -20.54
N MET C 104 -15.69 37.00 -19.91
CA MET C 104 -14.30 36.57 -19.91
C MET C 104 -13.88 35.99 -21.26
N CYS C 105 -14.83 35.41 -22.00
CA CYS C 105 -14.49 34.83 -23.29
C CYS C 105 -14.19 35.90 -24.33
N GLN C 106 -14.94 37.01 -24.30
CA GLN C 106 -14.75 38.06 -25.29
C GLN C 106 -13.50 38.89 -25.05
N ASP C 107 -13.03 38.96 -23.82
CA ASP C 107 -11.81 39.68 -23.49
C ASP C 107 -10.62 38.76 -23.75
N ASP C 108 -10.00 38.91 -24.93
CA ASP C 108 -8.87 38.06 -25.29
C ASP C 108 -7.73 38.18 -24.29
N GLU C 109 -7.56 39.36 -23.68
CA GLU C 109 -6.60 39.49 -22.60
C GLU C 109 -6.87 38.43 -21.53
N VAL C 110 -8.09 38.43 -20.98
CA VAL C 110 -8.41 37.61 -19.81
C VAL C 110 -8.60 36.15 -20.20
N PHE C 111 -9.16 35.90 -21.40
CA PHE C 111 -9.37 34.54 -21.87
C PHE C 111 -8.06 33.77 -22.01
N LYS C 112 -6.93 34.47 -22.09
CA LYS C 112 -5.63 33.82 -22.18
C LYS C 112 -4.87 33.82 -20.86
N THR C 113 -5.08 34.80 -20.00
CA THR C 113 -4.30 34.89 -18.78
C THR C 113 -4.96 34.22 -17.58
N GLN C 114 -6.24 33.88 -17.66
N GLN C 114 -6.24 33.89 -17.66
CA GLN C 114 -6.98 33.36 -16.51
CA GLN C 114 -7.00 33.37 -16.52
C GLN C 114 -7.73 32.09 -16.91
C GLN C 114 -7.73 32.09 -16.92
N LYS C 115 -6.98 31.10 -17.40
CA LYS C 115 -7.58 29.82 -17.76
C LYS C 115 -8.13 29.12 -16.52
N ASN C 116 -7.44 29.24 -15.38
CA ASN C 116 -7.90 28.60 -14.16
C ASN C 116 -9.28 29.12 -13.75
N LEU C 117 -9.48 30.43 -13.82
CA LEU C 117 -10.75 31.01 -13.39
C LEU C 117 -11.87 30.67 -14.35
N ILE C 118 -11.59 30.67 -15.66
CA ILE C 118 -12.63 30.35 -16.63
C ILE C 118 -13.02 28.88 -16.53
N ASN C 119 -12.05 28.01 -16.24
CA ASN C 119 -12.36 26.59 -16.05
C ASN C 119 -13.22 26.39 -14.80
N LYS C 120 -12.89 27.09 -13.72
CA LYS C 120 -13.69 27.01 -12.50
C LYS C 120 -15.10 27.53 -12.73
N SER C 121 -15.25 28.53 -13.60
CA SER C 121 -16.57 29.08 -13.89
C SER C 121 -17.38 28.13 -14.76
N ASP C 122 -16.72 27.47 -15.70
CA ASP C 122 -17.39 26.42 -16.47
C ASP C 122 -17.88 25.30 -15.56
N LEU C 123 -17.06 24.88 -14.60
CA LEU C 123 -17.46 23.78 -13.72
C LEU C 123 -18.61 24.21 -12.82
N THR C 124 -18.60 25.48 -12.38
CA THR C 124 -19.72 25.99 -11.59
C THR C 124 -21.00 26.01 -12.41
N LEU C 125 -20.90 26.35 -13.69
CA LEU C 125 -22.06 26.27 -14.57
C LEU C 125 -22.57 24.84 -14.67
N VAL C 126 -21.65 23.88 -14.76
CA VAL C 126 -22.06 22.48 -14.88
C VAL C 126 -22.78 22.03 -13.62
N GLN C 127 -22.40 22.56 -12.46
CA GLN C 127 -23.14 22.25 -11.24
C GLN C 127 -24.58 22.73 -11.33
N ILE C 128 -24.78 23.92 -11.92
CA ILE C 128 -26.14 24.43 -12.09
C ILE C 128 -26.92 23.57 -13.06
N LEU C 129 -26.28 23.13 -14.15
CA LEU C 129 -26.96 22.28 -15.12
C LEU C 129 -27.41 20.96 -14.51
N LYS C 130 -26.65 20.43 -13.55
CA LYS C 130 -27.07 19.22 -12.86
C LYS C 130 -28.33 19.43 -12.04
N GLN C 131 -28.59 20.67 -11.63
CA GLN C 131 -29.80 20.98 -10.89
C GLN C 131 -30.95 21.38 -11.79
N GLU C 132 -30.66 22.12 -12.88
CA GLU C 132 -31.70 22.81 -13.62
C GLU C 132 -31.92 22.27 -15.03
N TRP C 133 -31.04 21.42 -15.54
CA TRP C 133 -31.13 21.09 -16.96
C TRP C 133 -31.47 19.61 -17.15
N PRO C 134 -32.32 19.27 -18.12
CA PRO C 134 -32.98 20.16 -19.09
C PRO C 134 -34.38 20.66 -18.70
N GLN C 135 -34.89 20.23 -17.54
CA GLN C 135 -36.31 20.47 -17.23
C GLN C 135 -36.62 21.95 -17.17
N ASN C 136 -35.69 22.77 -16.65
CA ASN C 136 -35.86 24.21 -16.52
C ASN C 136 -34.80 24.98 -17.32
N TRP C 137 -34.35 24.38 -18.41
CA TRP C 137 -33.35 24.96 -19.29
C TRP C 137 -33.22 24.03 -20.49
N PRO C 138 -34.34 23.94 -21.30
CA PRO C 138 -34.20 23.02 -22.43
C PRO C 138 -33.53 23.65 -23.65
N GLU C 139 -33.30 24.96 -23.63
CA GLU C 139 -32.65 25.58 -24.78
C GLU C 139 -31.15 25.75 -24.60
N PHE C 140 -30.58 25.19 -23.53
CA PHE C 140 -29.16 25.35 -23.26
C PHE C 140 -28.31 24.84 -24.43
N ILE C 141 -28.59 23.63 -24.89
CA ILE C 141 -27.79 23.01 -25.95
C ILE C 141 -28.02 23.74 -27.28
N PRO C 142 -29.25 24.05 -27.68
CA PRO C 142 -29.41 24.87 -28.90
C PRO C 142 -28.75 26.23 -28.81
N GLU C 143 -28.82 26.89 -27.65
CA GLU C 143 -28.15 28.18 -27.49
C GLU C 143 -26.63 28.04 -27.39
N LEU C 144 -26.15 26.92 -26.84
CA LEU C 144 -24.70 26.69 -26.83
C LEU C 144 -24.18 26.55 -28.25
N ILE C 145 -24.91 25.84 -29.11
CA ILE C 145 -24.47 25.67 -30.49
C ILE C 145 -24.57 26.98 -31.25
N GLY C 146 -25.58 27.80 -30.93
CA GLY C 146 -25.71 29.07 -31.62
C GLY C 146 -24.58 30.03 -31.28
N SER C 147 -24.28 30.17 -29.99
CA SER C 147 -23.22 31.08 -29.57
C SER C 147 -21.85 30.67 -30.12
N SER C 148 -21.67 29.38 -30.42
CA SER C 148 -20.35 28.91 -30.84
C SER C 148 -19.91 29.53 -32.17
N SER C 149 -20.83 29.78 -33.09
CA SER C 149 -20.46 30.37 -34.38
C SER C 149 -20.07 31.83 -34.24
N SER C 150 -20.39 32.48 -33.13
CA SER C 150 -20.11 33.90 -32.97
C SER C 150 -18.64 34.18 -32.72
N SER C 151 -18.00 33.41 -31.83
CA SER C 151 -16.63 33.68 -31.44
C SER C 151 -15.87 32.36 -31.34
N VAL C 152 -14.62 32.38 -31.77
CA VAL C 152 -13.78 31.20 -31.59
C VAL C 152 -13.53 30.95 -30.11
N ASN C 153 -13.40 32.01 -29.32
CA ASN C 153 -13.11 31.85 -27.90
C ASN C 153 -14.30 31.28 -27.13
N VAL C 154 -15.51 31.73 -27.46
CA VAL C 154 -16.68 31.16 -26.78
C VAL C 154 -16.94 29.75 -27.29
N CYS C 155 -16.60 29.47 -28.55
CA CYS C 155 -16.79 28.13 -29.11
C CYS C 155 -15.84 27.14 -28.46
N GLU C 156 -14.58 27.54 -28.24
CA GLU C 156 -13.64 26.69 -27.52
C GLU C 156 -14.11 26.43 -26.10
N ASN C 157 -14.49 27.50 -25.39
CA ASN C 157 -14.96 27.35 -24.02
C ASN C 157 -16.20 26.46 -23.94
N ASN C 158 -17.05 26.51 -24.97
CA ASN C 158 -18.22 25.62 -24.99
C ASN C 158 -17.80 24.15 -25.04
N MET C 159 -16.70 23.85 -25.74
CA MET C 159 -16.15 22.51 -25.73
C MET C 159 -15.72 22.11 -24.32
N ILE C 160 -15.16 23.05 -23.57
CA ILE C 160 -14.79 22.79 -22.17
C ILE C 160 -16.01 22.51 -21.33
N VAL C 161 -17.08 23.29 -21.52
CA VAL C 161 -18.30 23.08 -20.75
C VAL C 161 -18.88 21.70 -21.06
N LEU C 162 -18.86 21.32 -22.33
CA LEU C 162 -19.40 20.03 -22.74
C LEU C 162 -18.53 18.88 -22.24
N LYS C 163 -17.21 19.05 -22.23
CA LYS C 163 -16.32 18.05 -21.63
C LYS C 163 -16.64 17.85 -20.17
N LEU C 164 -16.77 18.94 -19.41
CA LEU C 164 -17.08 18.83 -17.99
C LEU C 164 -18.47 18.24 -17.78
N LEU C 165 -19.43 18.58 -18.65
CA LEU C 165 -20.77 18.06 -18.49
C LEU C 165 -20.78 16.54 -18.67
N SER C 166 -20.14 16.07 -19.73
CA SER C 166 -20.04 14.64 -19.98
C SER C 166 -19.35 13.91 -18.83
N GLU C 167 -18.40 14.57 -18.16
CA GLU C 167 -17.69 13.91 -17.06
C GLU C 167 -18.57 13.76 -15.84
N GLU C 168 -19.23 14.86 -15.43
CA GLU C 168 -20.08 14.81 -14.26
C GLU C 168 -21.25 13.86 -14.44
N VAL C 169 -21.73 13.70 -15.67
CA VAL C 169 -22.93 12.91 -15.92
C VAL C 169 -22.59 11.42 -16.06
N PHE C 170 -21.53 11.11 -16.78
CA PHE C 170 -21.20 9.74 -17.15
C PHE C 170 -19.99 9.14 -16.43
N ASP C 171 -18.98 9.94 -16.08
CA ASP C 171 -17.77 9.41 -15.47
C ASP C 171 -17.78 9.44 -13.94
N PHE C 172 -18.36 10.47 -13.32
CA PHE C 172 -18.26 10.63 -11.87
C PHE C 172 -19.62 10.78 -11.20
N SER C 173 -20.67 10.23 -11.83
CA SER C 173 -22.01 10.35 -11.26
C SER C 173 -22.35 9.24 -10.29
N ALA C 174 -21.76 8.04 -10.43
CA ALA C 174 -22.24 6.89 -9.68
C ALA C 174 -22.20 7.11 -8.17
N GLU C 175 -21.22 7.87 -7.68
CA GLU C 175 -21.13 8.09 -6.24
C GLU C 175 -21.74 9.41 -5.77
N GLN C 176 -22.00 10.35 -6.69
CA GLN C 176 -22.34 11.71 -6.32
C GLN C 176 -23.80 12.07 -6.48
N MET C 177 -24.59 11.26 -7.20
CA MET C 177 -26.01 11.54 -7.36
C MET C 177 -26.79 10.23 -7.27
N THR C 178 -28.10 10.37 -7.09
CA THR C 178 -28.96 9.20 -6.99
C THR C 178 -29.01 8.47 -8.34
N GLN C 179 -29.42 7.21 -8.29
CA GLN C 179 -29.59 6.46 -9.54
C GLN C 179 -30.57 7.16 -10.46
N ALA C 180 -31.70 7.64 -9.92
CA ALA C 180 -32.71 8.28 -10.74
C ALA C 180 -32.17 9.54 -11.42
N LYS C 181 -31.54 10.41 -10.64
CA LYS C 181 -31.01 11.66 -11.19
C LYS C 181 -29.89 11.42 -12.19
N ALA C 182 -29.06 10.41 -11.97
CA ALA C 182 -28.04 10.06 -12.97
C ALA C 182 -28.68 9.64 -14.29
N LEU C 183 -29.67 8.75 -14.24
CA LEU C 183 -30.30 8.27 -15.45
C LEU C 183 -31.01 9.40 -16.18
N HIS C 184 -31.62 10.31 -15.43
CA HIS C 184 -32.23 11.49 -16.02
C HIS C 184 -31.21 12.31 -16.81
N LEU C 185 -30.02 12.55 -16.24
CA LEU C 185 -29.03 13.36 -16.95
C LEU C 185 -28.41 12.59 -18.11
N LYS C 186 -28.16 11.29 -17.94
CA LYS C 186 -27.67 10.48 -19.05
C LYS C 186 -28.66 10.45 -20.22
N ASN C 187 -29.96 10.26 -19.93
CA ASN C 187 -30.97 10.29 -20.97
C ASN C 187 -31.02 11.65 -21.68
N SER C 188 -30.98 12.74 -20.90
CA SER C 188 -31.01 14.07 -21.47
C SER C 188 -29.85 14.28 -22.46
N MET C 189 -28.62 14.03 -22.01
CA MET C 189 -27.48 14.19 -22.91
C MET C 189 -27.58 13.28 -24.11
N SER C 190 -28.03 12.03 -23.88
CA SER C 190 -28.15 11.07 -24.97
C SER C 190 -29.08 11.54 -26.07
N LYS C 191 -30.14 12.27 -25.73
CA LYS C 191 -31.15 12.63 -26.71
C LYS C 191 -30.85 13.95 -27.40
N GLU C 192 -29.88 14.72 -26.91
CA GLU C 192 -29.44 15.94 -27.55
C GLU C 192 -28.00 15.84 -28.07
N PHE C 193 -27.45 14.62 -28.16
CA PHE C 193 -26.06 14.49 -28.57
C PHE C 193 -25.90 14.69 -30.07
N GLU C 194 -26.93 14.34 -30.85
CA GLU C 194 -26.88 14.50 -32.31
C GLU C 194 -26.46 15.90 -32.71
N GLN C 195 -26.97 16.91 -31.99
CA GLN C 195 -26.59 18.29 -32.27
C GLN C 195 -25.19 18.60 -31.77
N ILE C 196 -24.80 18.02 -30.63
CA ILE C 196 -23.46 18.26 -30.09
C ILE C 196 -22.41 17.64 -31.00
N PHE C 197 -22.68 16.47 -31.56
CA PHE C 197 -21.69 15.83 -32.40
C PHE C 197 -21.43 16.62 -33.68
N LYS C 198 -22.50 17.13 -34.32
CA LYS C 198 -22.33 17.88 -35.56
C LYS C 198 -21.49 19.13 -35.34
N LEU C 199 -21.72 19.84 -34.23
CA LEU C 199 -20.84 20.96 -33.88
C LEU C 199 -19.41 20.48 -33.67
N CYS C 200 -19.23 19.33 -33.01
CA CYS C 200 -17.90 18.80 -32.78
C CYS C 200 -17.24 18.39 -34.09
N PHE C 201 -17.98 17.68 -34.94
CA PHE C 201 -17.41 17.24 -36.22
C PHE C 201 -17.14 18.41 -37.16
N GLN C 202 -17.96 19.47 -37.11
CA GLN C 202 -17.70 20.61 -37.97
C GLN C 202 -16.43 21.34 -37.56
N VAL C 203 -16.23 21.53 -36.26
CA VAL C 203 -15.05 22.24 -35.80
C VAL C 203 -13.79 21.45 -36.15
N LEU C 204 -13.82 20.13 -35.98
CA LEU C 204 -12.66 19.32 -36.33
C LEU C 204 -12.38 19.37 -37.82
N GLU C 205 -13.44 19.36 -38.64
CA GLU C 205 -13.25 19.28 -40.08
C GLU C 205 -12.80 20.60 -40.70
N GLN C 206 -13.16 21.72 -40.09
CA GLN C 206 -12.94 23.03 -40.67
C GLN C 206 -11.75 23.78 -40.05
N GLY C 207 -10.99 23.15 -39.17
CA GLY C 207 -9.92 23.87 -38.53
C GLY C 207 -10.47 25.04 -37.71
N SER C 208 -9.59 25.99 -37.40
CA SER C 208 -8.17 25.91 -37.74
C SER C 208 -7.35 26.33 -36.53
N SER C 209 -8.04 26.87 -35.53
CA SER C 209 -7.40 27.23 -34.27
C SER C 209 -7.00 25.97 -33.53
N SER C 210 -5.69 25.79 -33.32
N SER C 210 -5.69 25.80 -33.29
CA SER C 210 -5.19 24.62 -32.61
CA SER C 210 -5.21 24.60 -32.62
C SER C 210 -5.80 24.50 -31.23
C SER C 210 -5.78 24.50 -31.21
N SER C 211 -5.90 25.63 -30.51
CA SER C 211 -6.49 25.59 -29.17
C SER C 211 -7.95 25.19 -29.21
N LEU C 212 -8.68 25.56 -30.27
CA LEU C 212 -10.06 25.15 -30.40
C LEU C 212 -10.17 23.69 -30.82
N ILE C 213 -9.25 23.23 -31.67
CA ILE C 213 -9.28 21.84 -32.11
C ILE C 213 -8.95 20.90 -30.95
N VAL C 214 -7.95 21.27 -30.15
CA VAL C 214 -7.55 20.42 -29.02
C VAL C 214 -8.68 20.33 -27.99
N ALA C 215 -9.35 21.45 -27.70
CA ALA C 215 -10.44 21.43 -26.71
C ALA C 215 -11.61 20.59 -27.20
N THR C 216 -11.86 20.56 -28.52
CA THR C 216 -12.88 19.70 -29.08
C THR C 216 -12.46 18.23 -29.10
N LEU C 217 -11.16 17.98 -29.26
CA LEU C 217 -10.69 16.60 -29.19
C LEU C 217 -10.71 16.11 -27.75
N GLU C 218 -10.43 16.99 -26.78
N GLU C 218 -10.43 16.99 -26.78
CA GLU C 218 -10.51 16.61 -25.38
CA GLU C 218 -10.51 16.60 -25.37
C GLU C 218 -11.94 16.24 -24.98
C GLU C 218 -11.95 16.22 -24.99
N SER C 219 -12.93 16.97 -25.50
CA SER C 219 -14.32 16.64 -25.22
C SER C 219 -14.72 15.35 -25.95
N LEU C 220 -14.19 15.14 -27.15
CA LEU C 220 -14.50 13.91 -27.87
C LEU C 220 -14.00 12.69 -27.10
N LEU C 221 -12.86 12.81 -26.43
CA LEU C 221 -12.34 11.74 -25.60
C LEU C 221 -13.37 11.31 -24.56
N ARG C 222 -14.03 12.28 -23.93
CA ARG C 222 -15.07 11.96 -22.95
C ARG C 222 -16.30 11.34 -23.61
N TYR C 223 -16.66 11.79 -24.81
CA TYR C 223 -17.84 11.25 -25.49
C TYR C 223 -17.66 9.78 -25.82
N LEU C 224 -16.43 9.37 -26.14
CA LEU C 224 -16.24 8.00 -26.61
C LEU C 224 -16.45 6.97 -25.50
N HIS C 225 -16.48 7.41 -24.24
CA HIS C 225 -16.79 6.50 -23.14
C HIS C 225 -18.20 5.94 -23.21
N TRP C 226 -19.14 6.63 -23.89
CA TRP C 226 -20.54 6.24 -23.80
C TRP C 226 -21.35 6.34 -25.10
N ILE C 227 -20.95 7.12 -26.10
CA ILE C 227 -21.79 7.33 -27.28
C ILE C 227 -21.88 6.05 -28.09
N PRO C 228 -22.91 5.88 -28.93
CA PRO C 228 -23.02 4.65 -29.71
C PRO C 228 -22.04 4.61 -30.88
N TYR C 229 -21.73 3.37 -31.29
CA TYR C 229 -20.77 3.07 -32.33
C TYR C 229 -20.92 3.93 -33.57
N ARG C 230 -22.15 4.31 -33.91
CA ARG C 230 -22.40 4.82 -35.26
C ARG C 230 -21.77 6.19 -35.46
N TYR C 231 -21.67 6.99 -34.41
CA TYR C 231 -21.04 8.29 -34.54
C TYR C 231 -19.56 8.20 -34.89
N ILE C 232 -18.95 7.02 -34.74
CA ILE C 232 -17.54 6.84 -34.99
C ILE C 232 -17.28 6.14 -36.32
N TYR C 233 -18.09 5.12 -36.62
CA TYR C 233 -17.87 4.32 -37.81
C TYR C 233 -18.72 4.73 -39.00
N GLU C 234 -19.79 5.50 -38.79
CA GLU C 234 -20.65 5.95 -39.89
C GLU C 234 -20.37 7.37 -40.32
N THR C 235 -19.41 8.04 -39.70
CA THR C 235 -18.92 9.33 -40.15
C THR C 235 -17.49 9.17 -40.68
N ASN C 236 -16.87 10.28 -41.00
CA ASN C 236 -15.49 10.28 -41.47
C ASN C 236 -14.50 10.48 -40.34
N ILE C 237 -14.97 10.48 -39.09
CA ILE C 237 -14.14 10.98 -38.00
C ILE C 237 -12.93 10.07 -37.74
N LEU C 238 -13.03 8.78 -38.04
CA LEU C 238 -11.86 7.92 -37.88
C LEU C 238 -10.74 8.32 -38.83
N GLU C 239 -11.10 8.75 -40.05
CA GLU C 239 -10.10 9.21 -41.00
C GLU C 239 -9.40 10.47 -40.51
N LEU C 240 -10.15 11.40 -39.92
CA LEU C 240 -9.56 12.63 -39.42
C LEU C 240 -8.61 12.34 -38.26
N LEU C 241 -9.04 11.50 -37.32
CA LEU C 241 -8.20 11.24 -36.15
C LEU C 241 -6.93 10.53 -36.56
N SER C 242 -7.03 9.53 -37.44
CA SER C 242 -5.90 8.69 -37.75
C SER C 242 -4.96 9.31 -38.79
N THR C 243 -5.30 10.46 -39.37
CA THR C 243 -4.42 11.09 -40.34
C THR C 243 -4.15 12.55 -39.98
N LYS C 244 -5.16 13.40 -40.19
CA LYS C 244 -4.98 14.84 -40.02
C LYS C 244 -4.40 15.20 -38.66
N PHE C 245 -4.94 14.62 -37.60
CA PHE C 245 -4.58 15.07 -36.27
C PHE C 245 -3.41 14.31 -35.66
N MET C 246 -2.99 13.19 -36.28
CA MET C 246 -1.73 12.58 -35.88
C MET C 246 -0.53 13.35 -36.42
N THR C 247 -0.74 14.30 -37.33
CA THR C 247 0.35 15.08 -37.92
C THR C 247 0.85 16.16 -36.98
N SER C 248 -0.05 16.99 -36.45
CA SER C 248 0.37 18.07 -35.56
C SER C 248 0.65 17.52 -34.16
N PRO C 249 1.78 17.88 -33.54
CA PRO C 249 2.04 17.42 -32.16
C PRO C 249 1.11 18.05 -31.13
N ASP C 250 0.50 19.20 -31.42
CA ASP C 250 -0.45 19.80 -30.49
C ASP C 250 -1.69 18.90 -30.31
N THR C 251 -2.11 18.23 -31.38
CA THR C 251 -3.27 17.36 -31.34
C THR C 251 -2.91 15.88 -31.30
N ARG C 252 -1.62 15.54 -31.32
CA ARG C 252 -1.24 14.13 -31.44
C ARG C 252 -1.53 13.38 -30.14
N ALA C 253 -1.27 14.01 -28.99
CA ALA C 253 -1.45 13.33 -27.72
C ALA C 253 -2.91 13.02 -27.45
N ILE C 254 -3.78 14.02 -27.61
CA ILE C 254 -5.20 13.78 -27.39
C ILE C 254 -5.76 12.81 -28.42
N THR C 255 -5.28 12.87 -29.67
CA THR C 255 -5.83 12.02 -30.71
C THR C 255 -5.49 10.56 -30.48
N LEU C 256 -4.27 10.30 -30.00
CA LEU C 256 -3.86 8.95 -29.63
C LEU C 256 -4.76 8.39 -28.53
N LYS C 257 -5.06 9.20 -27.52
CA LYS C 257 -5.97 8.76 -26.45
C LYS C 257 -7.38 8.51 -27.00
N CYS C 258 -7.83 9.30 -27.98
CA CYS C 258 -9.13 9.04 -28.59
C CYS C 258 -9.13 7.71 -29.32
N LEU C 259 -8.08 7.46 -30.10
CA LEU C 259 -8.01 6.21 -30.85
C LEU C 259 -7.85 5.03 -29.91
N THR C 260 -7.22 5.23 -28.75
CA THR C 260 -7.15 4.18 -27.75
C THR C 260 -8.54 3.83 -27.22
N GLU C 261 -9.35 4.85 -26.92
CA GLU C 261 -10.73 4.58 -26.50
C GLU C 261 -11.54 3.93 -27.61
N VAL C 262 -11.33 4.35 -28.87
CA VAL C 262 -12.06 3.75 -29.98
C VAL C 262 -11.76 2.27 -30.09
N SER C 263 -10.52 1.88 -29.80
CA SER C 263 -10.16 0.48 -29.81
C SER C 263 -10.85 -0.29 -28.69
N ASN C 264 -11.77 0.36 -27.98
CA ASN C 264 -12.57 -0.29 -26.93
C ASN C 264 -14.08 -0.13 -27.11
N LEU C 265 -14.52 0.49 -28.20
CA LEU C 265 -15.94 0.74 -28.39
C LEU C 265 -16.70 -0.57 -28.61
N LYS C 266 -17.99 -0.57 -28.26
CA LYS C 266 -18.87 -1.70 -28.52
C LYS C 266 -19.20 -1.76 -30.01
N ILE C 267 -18.66 -2.76 -30.71
CA ILE C 267 -18.84 -2.88 -32.15
C ILE C 267 -19.28 -4.29 -32.56
N PRO C 268 -20.22 -4.41 -33.51
CA PRO C 268 -20.64 -5.74 -33.97
C PRO C 268 -19.50 -6.46 -34.68
N GLN C 269 -19.22 -7.69 -34.22
CA GLN C 269 -18.08 -8.46 -34.70
C GLN C 269 -18.37 -9.24 -35.99
N ASP C 270 -19.50 -8.98 -36.64
CA ASP C 270 -19.85 -9.72 -37.85
C ASP C 270 -19.86 -8.87 -39.11
N ASN C 271 -19.96 -7.55 -39.00
CA ASN C 271 -19.90 -6.69 -40.17
C ASN C 271 -18.45 -6.53 -40.61
N ASP C 272 -18.21 -6.73 -41.91
CA ASP C 272 -16.86 -6.66 -42.44
C ASP C 272 -16.46 -5.25 -42.86
N LEU C 273 -17.42 -4.33 -42.98
CA LEU C 273 -17.06 -2.92 -43.20
C LEU C 273 -16.44 -2.32 -41.94
N ILE C 274 -17.07 -2.55 -40.78
CA ILE C 274 -16.50 -2.08 -39.52
C ILE C 274 -15.14 -2.70 -39.27
N LYS C 275 -14.94 -3.96 -39.70
CA LYS C 275 -13.63 -4.58 -39.60
C LYS C 275 -12.60 -3.83 -40.45
N ARG C 276 -13.00 -3.38 -41.64
CA ARG C 276 -12.08 -2.62 -42.49
C ARG C 276 -11.86 -1.22 -41.96
N GLN C 277 -12.85 -0.64 -41.28
CA GLN C 277 -12.64 0.65 -40.63
C GLN C 277 -11.72 0.53 -39.44
N THR C 278 -11.76 -0.61 -38.73
CA THR C 278 -10.84 -0.82 -37.62
C THR C 278 -9.42 -1.12 -38.11
N VAL C 279 -9.29 -1.75 -39.28
CA VAL C 279 -7.97 -1.95 -39.85
C VAL C 279 -7.42 -0.64 -40.39
N LEU C 280 -8.29 0.17 -41.00
CA LEU C 280 -7.84 1.37 -41.70
C LEU C 280 -7.30 2.42 -40.74
N PHE C 281 -8.02 2.72 -39.66
CA PHE C 281 -7.49 3.73 -38.76
C PHE C 281 -6.21 3.27 -38.07
N PHE C 282 -5.97 1.95 -38.01
CA PHE C 282 -4.72 1.44 -37.45
C PHE C 282 -3.59 1.59 -38.46
N GLN C 283 -3.86 1.26 -39.73
CA GLN C 283 -2.90 1.46 -40.80
C GLN C 283 -2.50 2.93 -40.91
N ASN C 284 -3.47 3.86 -40.88
CA ASN C 284 -3.17 5.28 -41.00
C ASN C 284 -2.34 5.77 -39.81
N THR C 285 -2.75 5.38 -38.60
CA THR C 285 -2.04 5.84 -37.41
C THR C 285 -0.59 5.39 -37.42
N LEU C 286 -0.34 4.11 -37.75
CA LEU C 286 1.03 3.63 -37.81
C LEU C 286 1.81 4.33 -38.92
N GLN C 287 1.13 4.74 -39.99
CA GLN C 287 1.80 5.44 -41.09
C GLN C 287 2.26 6.82 -40.63
N GLN C 288 1.37 7.58 -40.00
CA GLN C 288 1.72 8.90 -39.48
C GLN C 288 2.84 8.83 -38.46
N ILE C 289 2.92 7.75 -37.68
CA ILE C 289 3.99 7.66 -36.69
C ILE C 289 5.33 7.41 -37.39
N ALA C 290 5.34 6.51 -38.36
CA ALA C 290 6.57 6.18 -39.08
C ALA C 290 7.12 7.36 -39.88
N THR C 291 6.25 8.25 -40.34
CA THR C 291 6.67 9.37 -41.19
C THR C 291 6.80 10.70 -40.45
N SER C 292 6.00 10.93 -39.40
CA SER C 292 6.04 12.21 -38.70
C SER C 292 6.68 12.18 -37.32
N VAL C 293 6.95 11.00 -36.75
CA VAL C 293 7.48 10.94 -35.38
C VAL C 293 8.80 10.18 -35.31
N MET C 294 8.80 8.88 -35.65
CA MET C 294 10.04 8.13 -35.70
C MET C 294 9.81 6.83 -36.43
N PRO C 295 10.82 6.29 -37.11
CA PRO C 295 10.69 4.98 -37.76
C PRO C 295 10.82 3.85 -36.75
N VAL C 296 10.42 2.66 -37.21
CA VAL C 296 10.37 1.49 -36.35
C VAL C 296 11.76 1.04 -35.89
N THR C 297 12.81 1.45 -36.58
CA THR C 297 14.16 1.13 -36.13
C THR C 297 14.63 2.06 -35.02
N ALA C 298 13.88 3.12 -34.71
CA ALA C 298 14.39 4.13 -33.80
C ALA C 298 14.65 3.55 -32.42
N ASP C 299 15.64 4.10 -31.74
CA ASP C 299 16.06 3.66 -30.41
C ASP C 299 15.19 4.38 -29.39
N LEU C 300 14.01 3.81 -29.12
CA LEU C 300 13.10 4.40 -28.15
C LEU C 300 13.68 4.38 -26.74
N LYS C 301 14.54 3.42 -26.44
CA LYS C 301 15.26 3.41 -25.17
C LYS C 301 15.99 4.74 -24.94
N ALA C 302 16.77 5.19 -25.92
CA ALA C 302 17.52 6.43 -25.75
C ALA C 302 16.59 7.64 -25.75
N THR C 303 15.60 7.64 -26.64
CA THR C 303 14.65 8.74 -26.71
C THR C 303 13.95 8.96 -25.37
N TYR C 304 13.46 7.88 -24.77
CA TYR C 304 12.76 8.00 -23.49
C TYR C 304 13.70 8.55 -22.42
N ALA C 305 14.94 8.04 -22.36
CA ALA C 305 15.92 8.47 -21.37
C ALA C 305 16.33 9.93 -21.52
N ASN C 306 16.27 10.47 -22.75
CA ASN C 306 16.61 11.88 -22.97
C ASN C 306 15.54 12.82 -22.44
N ALA C 307 14.26 12.43 -22.51
CA ALA C 307 13.16 13.15 -21.87
C ALA C 307 12.99 14.56 -22.44
N ASN C 308 13.10 14.69 -23.77
CA ASN C 308 12.84 15.96 -24.42
C ASN C 308 11.34 16.17 -24.59
N GLY C 309 10.87 17.36 -24.19
CA GLY C 309 9.49 17.71 -24.45
C GLY C 309 8.53 16.74 -23.80
N ASN C 310 7.63 16.20 -24.61
CA ASN C 310 6.62 15.25 -24.15
C ASN C 310 6.89 13.86 -24.70
N ASP C 311 8.15 13.57 -25.00
CA ASP C 311 8.50 12.27 -25.58
C ASP C 311 8.06 11.13 -24.66
N GLN C 312 8.30 11.27 -23.35
CA GLN C 312 7.95 10.18 -22.44
C GLN C 312 6.44 9.93 -22.47
N SER C 313 5.65 10.99 -22.34
CA SER C 313 4.20 10.84 -22.40
C SER C 313 3.77 10.25 -23.74
N PHE C 314 4.44 10.62 -24.82
CA PHE C 314 4.05 10.10 -26.12
C PHE C 314 4.32 8.60 -26.22
N LEU C 315 5.51 8.16 -25.80
CA LEU C 315 5.83 6.75 -25.89
C LEU C 315 4.95 5.91 -24.96
N GLN C 316 4.58 6.45 -23.79
CA GLN C 316 3.58 5.81 -22.93
C GLN C 316 2.24 5.66 -23.65
N ASP C 317 1.75 6.74 -24.26
CA ASP C 317 0.49 6.66 -25.00
C ASP C 317 0.61 5.74 -26.21
N LEU C 318 1.79 5.67 -26.84
CA LEU C 318 1.91 4.77 -27.97
C LEU C 318 1.81 3.32 -27.51
N ALA C 319 2.41 3.00 -26.37
CA ALA C 319 2.32 1.63 -25.85
C ALA C 319 0.88 1.30 -25.44
N MET C 320 0.20 2.25 -24.79
CA MET C 320 -1.21 2.03 -24.45
C MET C 320 -2.05 1.82 -25.72
N PHE C 321 -1.80 2.62 -26.77
CA PHE C 321 -2.56 2.46 -28.02
C PHE C 321 -2.29 1.11 -28.67
N LEU C 322 -1.02 0.75 -28.85
CA LEU C 322 -0.70 -0.50 -29.52
C LEU C 322 -1.20 -1.71 -28.73
N THR C 323 -0.86 -1.78 -27.43
CA THR C 323 -1.28 -2.93 -26.62
C THR C 323 -2.81 -3.04 -26.58
N THR C 324 -3.52 -1.92 -26.40
CA THR C 324 -4.98 -1.97 -26.40
C THR C 324 -5.53 -2.48 -27.72
N TYR C 325 -5.06 -1.92 -28.83
CA TYR C 325 -5.63 -2.27 -30.11
C TYR C 325 -5.31 -3.70 -30.48
N LEU C 326 -4.07 -4.13 -30.26
CA LEU C 326 -3.66 -5.44 -30.73
C LEU C 326 -4.27 -6.55 -29.89
N ALA C 327 -4.45 -6.32 -28.58
CA ALA C 327 -5.10 -7.32 -27.76
C ALA C 327 -6.54 -7.56 -28.21
N ARG C 328 -7.18 -6.54 -28.77
N ARG C 328 -7.16 -6.55 -28.79
CA ARG C 328 -8.55 -6.74 -29.23
CA ARG C 328 -8.56 -6.61 -29.22
C ARG C 328 -8.64 -7.17 -30.70
C ARG C 328 -8.74 -7.00 -30.68
N ASN C 329 -7.83 -6.60 -31.57
CA ASN C 329 -8.06 -6.71 -33.02
C ASN C 329 -6.96 -7.37 -33.83
N ARG C 330 -5.90 -7.88 -33.21
CA ARG C 330 -4.79 -8.38 -34.03
C ARG C 330 -5.20 -9.51 -34.97
N ALA C 331 -6.23 -10.29 -34.63
CA ALA C 331 -6.73 -11.29 -35.57
C ALA C 331 -7.23 -10.68 -36.87
N LEU C 332 -7.61 -9.39 -36.87
CA LEU C 332 -7.97 -8.73 -38.13
C LEU C 332 -6.79 -8.59 -39.08
N LEU C 333 -5.57 -8.71 -38.57
CA LEU C 333 -4.37 -8.51 -39.37
C LEU C 333 -3.64 -9.81 -39.68
N GLU C 334 -4.08 -10.95 -39.14
CA GLU C 334 -3.26 -12.15 -39.22
C GLU C 334 -3.56 -13.03 -40.43
N SER C 335 -4.66 -12.78 -41.13
CA SER C 335 -5.04 -13.61 -42.27
C SER C 335 -4.66 -13.01 -43.62
N ASP C 336 -5.00 -11.74 -43.85
CA ASP C 336 -4.68 -11.11 -45.12
C ASP C 336 -3.18 -10.89 -45.24
N GLU C 337 -2.62 -11.27 -46.39
CA GLU C 337 -1.19 -11.13 -46.59
C GLU C 337 -0.77 -9.67 -46.76
N SER C 338 -1.68 -8.83 -47.21
CA SER C 338 -1.39 -7.41 -47.35
C SER C 338 -1.36 -6.67 -46.02
N LEU C 339 -1.79 -7.29 -44.93
CA LEU C 339 -1.74 -6.69 -43.61
C LEU C 339 -0.59 -7.21 -42.76
N ARG C 340 0.22 -8.13 -43.29
CA ARG C 340 1.28 -8.76 -42.50
C ARG C 340 2.37 -7.77 -42.10
N GLU C 341 2.75 -6.85 -42.99
CA GLU C 341 3.76 -5.87 -42.63
C GLU C 341 3.25 -4.91 -41.57
N LEU C 342 1.98 -4.51 -41.66
CA LEU C 342 1.40 -3.62 -40.66
C LEU C 342 1.39 -4.29 -39.29
N LEU C 343 1.10 -5.59 -39.26
CA LEU C 343 1.04 -6.32 -37.99
C LEU C 343 2.41 -6.45 -37.36
N LEU C 344 3.44 -6.76 -38.15
CA LEU C 344 4.78 -6.95 -37.61
C LEU C 344 5.45 -5.63 -37.28
N ASN C 345 5.14 -4.56 -38.02
CA ASN C 345 5.64 -3.24 -37.66
C ASN C 345 5.05 -2.79 -36.33
N ALA C 346 3.75 -3.03 -36.13
CA ALA C 346 3.14 -2.65 -34.87
C ALA C 346 3.83 -3.38 -33.70
N HIS C 347 4.08 -4.68 -33.86
CA HIS C 347 4.73 -5.42 -32.80
C HIS C 347 6.21 -5.05 -32.67
N GLN C 348 6.85 -4.66 -33.76
CA GLN C 348 8.24 -4.22 -33.68
C GLN C 348 8.35 -2.91 -32.90
N TYR C 349 7.36 -2.02 -33.02
CA TYR C 349 7.33 -0.84 -32.16
C TYR C 349 7.20 -1.23 -30.70
N LEU C 350 6.37 -2.24 -30.40
CA LEU C 350 6.26 -2.73 -29.02
C LEU C 350 7.59 -3.30 -28.54
N ILE C 351 8.31 -4.03 -29.41
CA ILE C 351 9.62 -4.56 -29.04
C ILE C 351 10.55 -3.43 -28.64
N GLN C 352 10.54 -2.34 -29.40
CA GLN C 352 11.41 -1.20 -29.07
C GLN C 352 10.94 -0.50 -27.80
N LEU C 353 9.62 -0.36 -27.64
CA LEU C 353 9.07 0.19 -26.39
C LEU C 353 9.45 -0.66 -25.18
N SER C 354 9.55 -1.98 -25.36
CA SER C 354 9.84 -2.90 -24.27
C SER C 354 11.26 -2.79 -23.74
N LYS C 355 12.15 -2.12 -24.47
CA LYS C 355 13.54 -1.94 -24.03
C LYS C 355 13.75 -0.68 -23.20
N ILE C 356 12.73 0.17 -23.05
CA ILE C 356 12.82 1.39 -22.26
C ILE C 356 13.03 1.06 -20.79
N GLU C 357 13.92 1.79 -20.11
CA GLU C 357 14.12 1.57 -18.68
C GLU C 357 13.11 2.47 -17.97
N GLU C 358 11.97 1.86 -17.65
CA GLU C 358 10.82 2.51 -17.02
C GLU C 358 9.89 1.38 -16.58
N ARG C 359 9.96 1.07 -15.29
CA ARG C 359 9.34 -0.13 -14.77
C ARG C 359 7.86 -0.20 -15.11
N GLU C 360 7.13 0.87 -14.87
CA GLU C 360 5.67 0.81 -15.07
C GLU C 360 5.32 0.67 -16.53
N LEU C 361 6.06 1.32 -17.42
CA LEU C 361 5.86 1.10 -18.85
C LEU C 361 6.16 -0.35 -19.22
N PHE C 362 7.26 -0.91 -18.68
CA PHE C 362 7.63 -2.27 -19.00
C PHE C 362 6.55 -3.25 -18.55
N LYS C 363 5.94 -3.00 -17.39
CA LYS C 363 4.83 -3.84 -16.94
C LYS C 363 3.65 -3.75 -17.90
N THR C 364 3.46 -2.60 -18.53
CA THR C 364 2.36 -2.45 -19.49
C THR C 364 2.63 -3.27 -20.74
N THR C 365 3.86 -3.22 -21.25
CA THR C 365 4.16 -4.02 -22.44
C THR C 365 4.21 -5.50 -22.08
N LEU C 366 4.71 -5.83 -20.89
CA LEU C 366 4.79 -7.23 -20.48
C LEU C 366 3.41 -7.87 -20.41
N ASP C 367 2.41 -7.14 -19.92
CA ASP C 367 1.05 -7.65 -19.88
C ASP C 367 0.57 -8.01 -21.28
N TYR C 368 0.85 -7.17 -22.28
CA TYR C 368 0.44 -7.51 -23.64
C TYR C 368 1.21 -8.73 -24.16
N TRP C 369 2.53 -8.77 -23.96
CA TRP C 369 3.30 -9.93 -24.39
C TRP C 369 2.73 -11.22 -23.80
N HIS C 370 2.25 -11.17 -22.56
CA HIS C 370 1.64 -12.34 -21.94
C HIS C 370 0.37 -12.72 -22.68
N ASN C 371 -0.49 -11.73 -22.96
CA ASN C 371 -1.66 -11.97 -23.78
C ASN C 371 -1.29 -12.62 -25.12
N LEU C 372 -0.20 -12.19 -25.74
CA LEU C 372 0.13 -12.70 -27.07
C LEU C 372 0.68 -14.12 -27.01
N VAL C 373 1.70 -14.36 -26.18
CA VAL C 373 2.35 -15.66 -26.21
C VAL C 373 1.45 -16.75 -25.64
N ALA C 374 0.51 -16.38 -24.76
CA ALA C 374 -0.50 -17.32 -24.33
C ALA C 374 -1.37 -17.77 -25.48
N ASP C 375 -1.72 -16.83 -26.37
CA ASP C 375 -2.56 -17.15 -27.52
C ASP C 375 -1.80 -18.00 -28.54
N LEU C 376 -0.53 -17.69 -28.78
CA LEU C 376 0.26 -18.50 -29.68
C LEU C 376 0.50 -19.90 -29.12
N PHE C 377 0.40 -20.06 -27.81
CA PHE C 377 0.61 -21.37 -27.20
C PHE C 377 -0.60 -22.27 -27.41
N TYR C 378 -1.80 -21.70 -27.52
CA TYR C 378 -3.03 -22.46 -27.67
C TYR C 378 -3.65 -22.37 -29.06
N GLU C 379 -3.51 -21.24 -29.75
CA GLU C 379 -4.25 -21.05 -30.99
C GLU C 379 -3.51 -21.70 -32.15
N PRO C 380 -4.19 -22.51 -32.97
CA PRO C 380 -3.51 -23.17 -34.09
C PRO C 380 -3.07 -22.18 -35.15
N LEU C 381 -1.95 -22.52 -35.79
CA LEU C 381 -1.43 -21.85 -36.99
C LEU C 381 -1.11 -20.37 -36.76
N LYS C 382 -0.85 -19.95 -35.52
CA LYS C 382 -0.54 -18.56 -35.24
C LYS C 382 0.92 -18.30 -34.91
N LYS C 383 1.63 -19.27 -34.32
CA LYS C 383 2.95 -18.96 -33.78
C LYS C 383 4.00 -18.71 -34.87
N HIS C 384 3.82 -19.26 -36.08
CA HIS C 384 4.79 -19.02 -37.14
C HIS C 384 4.79 -17.57 -37.63
N ILE C 385 3.68 -16.86 -37.48
CA ILE C 385 3.61 -15.45 -37.87
C ILE C 385 4.61 -14.61 -37.08
N TYR C 386 4.81 -14.93 -35.81
CA TYR C 386 5.53 -14.07 -34.87
C TYR C 386 6.90 -14.62 -34.48
N GLU C 387 7.49 -15.50 -35.29
CA GLU C 387 8.75 -16.13 -34.91
C GLU C 387 9.86 -15.11 -34.67
N GLU C 388 9.92 -14.05 -35.50
CA GLU C 388 10.97 -13.05 -35.33
C GLU C 388 10.64 -12.07 -34.20
N ILE C 389 9.37 -11.73 -34.01
CA ILE C 389 8.99 -10.97 -32.83
C ILE C 389 9.33 -11.74 -31.55
N CYS C 390 9.05 -13.05 -31.54
CA CYS C 390 9.26 -13.83 -30.32
C CYS C 390 10.73 -14.00 -30.02
N SER C 391 11.55 -14.14 -31.06
CA SER C 391 12.98 -14.31 -30.87
C SER C 391 13.60 -13.08 -30.23
N GLN C 392 13.19 -11.90 -30.65
CA GLN C 392 13.65 -10.67 -30.01
C GLN C 392 13.12 -10.57 -28.58
N LEU C 393 11.86 -10.98 -28.36
CA LEU C 393 11.26 -10.85 -27.04
C LEU C 393 12.03 -11.68 -26.01
N ARG C 394 12.50 -12.87 -26.41
CA ARG C 394 13.28 -13.71 -25.50
C ARG C 394 14.50 -12.97 -24.98
N LEU C 395 15.21 -12.28 -25.87
CA LEU C 395 16.39 -11.52 -25.43
C LEU C 395 15.98 -10.36 -24.54
N VAL C 396 14.90 -9.66 -24.88
CA VAL C 396 14.46 -8.53 -24.06
C VAL C 396 14.12 -8.99 -22.64
N ILE C 397 13.50 -10.17 -22.52
CA ILE C 397 13.06 -10.59 -21.20
C ILE C 397 14.21 -11.15 -20.38
N ILE C 398 15.07 -11.95 -21.01
CA ILE C 398 16.25 -12.49 -20.35
C ILE C 398 17.16 -11.37 -19.84
N GLU C 399 17.23 -10.24 -20.56
CA GLU C 399 18.12 -9.16 -20.16
C GLU C 399 17.50 -8.21 -19.14
N ASN C 400 16.17 -8.22 -18.99
CA ASN C 400 15.51 -7.39 -17.99
C ASN C 400 14.91 -8.23 -16.87
N MET C 401 15.42 -9.45 -16.65
CA MET C 401 14.94 -10.28 -15.55
C MET C 401 15.22 -9.60 -14.22
N VAL C 402 14.26 -9.66 -13.30
CA VAL C 402 14.40 -9.04 -11.99
C VAL C 402 14.51 -10.13 -10.92
N ARG C 403 14.98 -9.72 -9.74
CA ARG C 403 15.28 -10.65 -8.65
C ARG C 403 14.04 -11.43 -8.22
N PRO C 404 14.07 -12.77 -8.25
CA PRO C 404 12.95 -13.62 -7.86
C PRO C 404 12.66 -13.60 -6.35
N THR C 427 10.71 -6.54 -7.52
CA THR C 427 9.33 -6.94 -7.20
C THR C 427 9.09 -8.40 -7.59
N ILE C 428 8.53 -9.19 -6.67
CA ILE C 428 8.27 -10.59 -6.98
C ILE C 428 7.10 -10.73 -7.94
N GLN C 429 6.20 -9.75 -7.97
CA GLN C 429 5.09 -9.81 -8.91
C GLN C 429 5.59 -9.65 -10.33
N LEU C 430 6.50 -8.71 -10.56
CA LEU C 430 7.12 -8.55 -11.86
C LEU C 430 7.88 -9.80 -12.27
N TYR C 431 8.62 -10.41 -11.34
CA TYR C 431 9.38 -11.62 -11.67
C TYR C 431 8.44 -12.73 -12.15
N LYS C 432 7.35 -12.95 -11.43
CA LYS C 432 6.44 -14.02 -11.79
C LYS C 432 5.78 -13.77 -13.13
N SER C 433 5.55 -12.50 -13.47
CA SER C 433 5.04 -12.18 -14.80
C SER C 433 6.10 -12.44 -15.87
N GLU C 434 7.36 -12.11 -15.58
CA GLU C 434 8.40 -12.37 -16.55
C GLU C 434 8.63 -13.87 -16.74
N ARG C 435 8.57 -14.64 -15.64
CA ARG C 435 8.76 -16.08 -15.75
C ARG C 435 7.69 -16.71 -16.64
N GLU C 436 6.45 -16.26 -16.50
CA GLU C 436 5.35 -16.86 -17.25
C GLU C 436 5.50 -16.60 -18.74
N VAL C 437 5.82 -15.36 -19.13
CA VAL C 437 6.04 -15.07 -20.54
C VAL C 437 7.20 -15.90 -21.09
N LEU C 438 8.28 -15.99 -20.30
CA LEU C 438 9.49 -16.67 -20.78
C LEU C 438 9.28 -18.19 -20.86
N VAL C 439 8.43 -18.74 -20.01
CA VAL C 439 8.15 -20.18 -20.09
C VAL C 439 7.34 -20.48 -21.35
N TYR C 440 6.29 -19.71 -21.59
CA TYR C 440 5.60 -19.73 -22.87
C TYR C 440 6.58 -19.63 -24.04
N LEU C 441 7.41 -18.57 -24.04
CA LEU C 441 8.33 -18.37 -25.16
C LEU C 441 9.26 -19.55 -25.33
N THR C 442 9.61 -20.23 -24.23
CA THR C 442 10.49 -21.38 -24.32
C THR C 442 9.78 -22.56 -24.94
N HIS C 443 8.50 -22.75 -24.61
CA HIS C 443 7.75 -23.84 -25.25
C HIS C 443 7.53 -23.58 -26.73
N LEU C 444 7.40 -22.31 -27.13
CA LEU C 444 7.19 -22.01 -28.54
C LEU C 444 8.43 -22.31 -29.36
N ASN C 445 9.62 -22.10 -28.78
CA ASN C 445 10.86 -22.45 -29.47
C ASN C 445 11.95 -22.75 -28.44
N VAL C 446 11.98 -24.00 -27.99
CA VAL C 446 12.95 -24.45 -27.00
C VAL C 446 14.37 -24.21 -27.49
N ILE C 447 14.62 -24.46 -28.78
CA ILE C 447 15.99 -24.42 -29.29
C ILE C 447 16.53 -22.99 -29.31
N ASP C 448 15.70 -22.02 -29.70
CA ASP C 448 16.12 -20.62 -29.67
C ASP C 448 16.48 -20.18 -28.25
N THR C 449 15.64 -20.53 -27.27
CA THR C 449 15.90 -20.08 -25.91
C THR C 449 17.23 -20.60 -25.40
N GLU C 450 17.51 -21.88 -25.63
CA GLU C 450 18.78 -22.42 -25.12
C GLU C 450 19.97 -21.72 -25.78
N GLU C 451 19.87 -21.46 -27.08
CA GLU C 451 20.98 -20.82 -27.78
C GLU C 451 21.24 -19.42 -27.28
N ILE C 452 20.18 -18.65 -27.02
CA ILE C 452 20.35 -17.33 -26.44
C ILE C 452 21.04 -17.42 -25.09
N MET C 453 20.59 -18.35 -24.24
CA MET C 453 21.10 -18.39 -22.87
C MET C 453 22.57 -18.79 -22.83
N ILE C 454 22.93 -19.87 -23.53
CA ILE C 454 24.34 -20.26 -23.60
C ILE C 454 25.18 -19.15 -24.25
N SER C 455 24.64 -18.47 -25.27
CA SER C 455 25.35 -17.34 -25.86
C SER C 455 25.60 -16.25 -24.83
N LYS C 456 24.58 -15.88 -24.06
CA LYS C 456 24.77 -14.87 -23.02
C LYS C 456 25.76 -15.34 -21.97
N LEU C 457 25.79 -16.65 -21.70
CA LEU C 457 26.73 -17.18 -20.73
C LEU C 457 28.16 -17.10 -21.23
N ALA C 458 28.37 -17.35 -22.53
CA ALA C 458 29.71 -17.26 -23.10
C ALA C 458 30.28 -15.85 -22.96
N ARG C 459 29.47 -14.84 -23.29
CA ARG C 459 29.92 -13.46 -23.13
C ARG C 459 30.03 -13.04 -21.67
N GLN C 460 29.49 -13.83 -20.75
CA GLN C 460 29.79 -13.61 -19.33
C GLN C 460 31.19 -14.09 -18.99
N ILE C 461 31.65 -15.14 -19.66
CA ILE C 461 32.98 -15.67 -19.41
C ILE C 461 34.06 -14.94 -20.21
N ASP C 462 33.76 -14.50 -21.43
CA ASP C 462 34.76 -13.76 -22.20
C ASP C 462 34.90 -12.32 -21.72
N GLY C 463 34.14 -11.90 -20.70
CA GLY C 463 34.30 -10.59 -20.11
C GLY C 463 33.63 -9.44 -20.83
N SER C 464 33.01 -9.67 -22.00
CA SER C 464 32.43 -8.56 -22.75
C SER C 464 31.19 -7.99 -22.06
N GLU C 465 30.41 -8.85 -21.41
CA GLU C 465 29.23 -8.39 -20.66
C GLU C 465 29.29 -8.84 -19.19
N TRP C 466 30.49 -9.12 -18.68
CA TRP C 466 30.63 -9.57 -17.30
C TRP C 466 30.28 -8.45 -16.33
N SER C 467 29.36 -8.75 -15.43
CA SER C 467 28.96 -7.81 -14.39
C SER C 467 28.24 -8.60 -13.31
N TRP C 468 28.32 -8.09 -12.08
CA TRP C 468 27.56 -8.70 -10.98
C TRP C 468 26.07 -8.70 -11.30
N HIS C 469 25.57 -7.58 -11.82
CA HIS C 469 24.15 -7.52 -12.18
C HIS C 469 23.84 -8.42 -13.36
N ASN C 470 24.77 -8.55 -14.31
CA ASN C 470 24.46 -9.26 -15.53
C ASN C 470 24.54 -10.78 -15.36
N ILE C 471 25.39 -11.27 -14.47
CA ILE C 471 25.40 -12.71 -14.23
C ILE C 471 24.20 -13.11 -13.39
N ASN C 472 23.79 -12.25 -12.45
CA ASN C 472 22.58 -12.51 -11.67
C ASN C 472 21.36 -12.52 -12.56
N THR C 473 21.23 -11.53 -13.43
CA THR C 473 20.09 -11.47 -14.34
C THR C 473 19.97 -12.74 -15.17
N LEU C 474 21.10 -13.27 -15.62
CA LEU C 474 21.07 -14.44 -16.48
C LEU C 474 20.75 -15.70 -15.69
N SER C 475 21.32 -15.86 -14.50
CA SER C 475 20.99 -17.02 -13.67
C SER C 475 19.51 -17.06 -13.34
N TRP C 476 18.93 -15.91 -12.98
CA TRP C 476 17.49 -15.86 -12.73
C TRP C 476 16.71 -16.32 -13.97
N ALA C 477 17.11 -15.82 -15.14
CA ALA C 477 16.45 -16.23 -16.39
C ALA C 477 16.56 -17.74 -16.60
N ILE C 478 17.77 -18.28 -16.50
CA ILE C 478 17.98 -19.72 -16.61
C ILE C 478 17.16 -20.48 -15.59
N GLY C 479 17.14 -19.99 -14.35
CA GLY C 479 16.39 -20.68 -13.31
C GLY C 479 14.88 -20.60 -13.52
N SER C 480 14.42 -19.54 -14.17
CA SER C 480 12.98 -19.32 -14.29
C SER C 480 12.30 -20.28 -15.26
N ILE C 481 13.02 -20.88 -16.20
CA ILE C 481 12.39 -21.71 -17.23
C ILE C 481 12.41 -23.20 -16.85
N SER C 482 12.67 -23.52 -15.60
CA SER C 482 12.70 -24.91 -15.16
C SER C 482 11.38 -25.61 -15.45
N GLY C 483 11.47 -26.86 -15.91
CA GLY C 483 10.28 -27.65 -16.14
C GLY C 483 9.67 -27.46 -17.50
N THR C 484 10.33 -26.75 -18.39
CA THR C 484 9.79 -26.47 -19.70
C THR C 484 10.46 -27.25 -20.82
N MET C 485 11.67 -27.78 -20.59
CA MET C 485 12.38 -28.60 -21.55
C MET C 485 12.14 -30.07 -21.26
N SER C 486 12.41 -30.90 -22.26
CA SER C 486 12.39 -32.35 -22.03
C SER C 486 13.44 -32.71 -21.00
N GLU C 487 13.16 -33.76 -20.23
CA GLU C 487 14.07 -34.12 -19.14
C GLU C 487 15.49 -34.34 -19.64
N ASP C 488 15.65 -34.88 -20.84
CA ASP C 488 17.01 -35.17 -21.30
C ASP C 488 17.68 -33.95 -21.94
N THR C 489 16.91 -33.12 -22.66
CA THR C 489 17.44 -31.82 -23.05
C THR C 489 17.77 -30.98 -21.82
N GLU C 490 16.88 -31.00 -20.82
CA GLU C 490 17.17 -30.27 -19.59
C GLU C 490 18.45 -30.76 -18.95
N LYS C 491 18.64 -32.08 -18.92
CA LYS C 491 19.81 -32.65 -18.26
C LYS C 491 21.09 -32.13 -18.90
N ARG C 492 21.14 -32.10 -20.23
CA ARG C 492 22.32 -31.61 -20.92
C ARG C 492 22.46 -30.10 -20.76
N PHE C 493 21.34 -29.38 -20.68
CA PHE C 493 21.42 -27.93 -20.49
C PHE C 493 21.89 -27.60 -19.09
N VAL C 494 21.32 -28.23 -18.07
CA VAL C 494 21.75 -27.96 -16.71
C VAL C 494 23.23 -28.28 -16.55
N VAL C 495 23.66 -29.44 -17.09
CA VAL C 495 25.07 -29.82 -17.01
C VAL C 495 25.95 -28.77 -17.68
N THR C 496 25.56 -28.31 -18.86
CA THR C 496 26.35 -27.30 -19.56
C THR C 496 26.40 -26.00 -18.77
N VAL C 497 25.29 -25.62 -18.14
CA VAL C 497 25.23 -24.35 -17.43
C VAL C 497 26.07 -24.40 -16.16
N ILE C 498 25.92 -25.45 -15.37
CA ILE C 498 26.74 -25.59 -14.16
C ILE C 498 28.23 -25.61 -14.52
N LYS C 499 28.59 -26.32 -15.59
CA LYS C 499 29.98 -26.43 -15.98
C LYS C 499 30.59 -25.06 -16.26
N ASP C 500 29.93 -24.25 -17.08
CA ASP C 500 30.45 -22.92 -17.39
C ASP C 500 30.47 -22.02 -16.16
N LEU C 501 29.48 -22.17 -15.28
CA LEU C 501 29.42 -21.31 -14.10
C LEU C 501 30.59 -21.59 -13.17
N LEU C 502 31.00 -22.84 -13.06
CA LEU C 502 32.15 -23.16 -12.21
C LEU C 502 33.45 -22.67 -12.83
N GLY C 503 33.59 -22.81 -14.15
CA GLY C 503 34.73 -22.23 -14.83
C GLY C 503 34.76 -20.72 -14.75
N LEU C 504 33.59 -20.10 -14.55
CA LEU C 504 33.52 -18.68 -14.30
C LEU C 504 34.01 -18.35 -12.89
N CYS C 505 33.68 -19.21 -11.91
CA CYS C 505 34.10 -18.95 -10.54
C CYS C 505 35.61 -19.06 -10.39
N GLU C 506 36.21 -20.11 -10.95
CA GLU C 506 37.66 -20.30 -10.85
C GLU C 506 38.40 -19.13 -11.48
N GLN C 507 37.90 -18.63 -12.62
CA GLN C 507 38.55 -17.53 -13.32
C GLN C 507 38.56 -16.24 -12.50
N LYS C 508 37.65 -16.09 -11.54
CA LYS C 508 37.50 -14.85 -10.80
C LYS C 508 38.40 -14.83 -9.57
N ARG C 509 38.97 -13.67 -9.30
CA ARG C 509 39.80 -13.50 -8.13
C ARG C 509 39.00 -12.80 -7.07
N GLY C 510 39.53 -12.70 -5.88
CA GLY C 510 38.87 -12.02 -4.79
C GLY C 510 37.62 -12.70 -4.28
N LYS C 511 37.24 -12.38 -3.04
CA LYS C 511 36.09 -13.04 -2.42
C LYS C 511 34.79 -12.56 -3.02
N ASP C 512 34.58 -11.23 -3.03
CA ASP C 512 33.29 -10.67 -3.42
C ASP C 512 32.85 -11.13 -4.81
N ASN C 513 33.79 -11.43 -5.69
CA ASN C 513 33.45 -12.00 -6.99
C ASN C 513 33.06 -13.47 -6.85
N LYS C 514 33.98 -14.29 -6.33
CA LYS C 514 33.75 -15.72 -6.21
C LYS C 514 32.54 -16.05 -5.32
N ALA C 515 32.05 -15.09 -4.54
CA ALA C 515 30.88 -15.35 -3.72
C ALA C 515 29.58 -15.21 -4.51
N VAL C 516 29.54 -14.26 -5.45
CA VAL C 516 28.33 -14.05 -6.23
C VAL C 516 28.15 -15.13 -7.28
N VAL C 517 29.24 -15.56 -7.93
CA VAL C 517 29.15 -16.64 -8.90
C VAL C 517 28.71 -17.93 -8.20
N ALA C 518 29.39 -18.29 -7.12
CA ALA C 518 29.02 -19.50 -6.39
C ALA C 518 27.59 -19.43 -5.88
N SER C 519 27.09 -18.23 -5.55
CA SER C 519 25.71 -18.09 -5.14
C SER C 519 24.74 -18.40 -6.28
N ASP C 520 24.98 -17.80 -7.46
CA ASP C 520 24.14 -18.07 -8.62
C ASP C 520 24.12 -19.55 -8.97
N ILE C 521 25.29 -20.21 -8.92
CA ILE C 521 25.37 -21.64 -9.16
C ILE C 521 24.41 -22.38 -8.23
N MET C 522 24.36 -21.96 -6.98
CA MET C 522 23.44 -22.62 -6.05
C MET C 522 22.00 -22.24 -6.34
N TYR C 523 21.75 -21.03 -6.85
CA TYR C 523 20.39 -20.66 -7.18
C TYR C 523 19.87 -21.46 -8.37
N VAL C 524 20.72 -21.68 -9.37
CA VAL C 524 20.31 -22.42 -10.55
C VAL C 524 19.94 -23.85 -10.17
N VAL C 525 20.82 -24.53 -9.43
CA VAL C 525 20.55 -25.91 -9.08
C VAL C 525 19.33 -26.01 -8.20
N GLY C 526 19.12 -25.02 -7.32
CA GLY C 526 17.90 -25.00 -6.55
C GLY C 526 16.65 -24.92 -7.38
N GLN C 527 16.77 -24.46 -8.62
CA GLN C 527 15.62 -24.33 -9.50
C GLN C 527 15.31 -25.57 -10.31
N TYR C 528 16.18 -26.58 -10.29
CA TYR C 528 16.07 -27.76 -11.16
C TYR C 528 15.98 -29.05 -10.34
N PRO C 529 14.91 -29.23 -9.56
CA PRO C 529 14.82 -30.44 -8.72
C PRO C 529 14.60 -31.71 -9.51
N ARG C 530 13.98 -31.66 -10.68
CA ARG C 530 13.82 -32.87 -11.47
C ARG C 530 15.17 -33.43 -11.88
N PHE C 531 16.12 -32.55 -12.15
CA PHE C 531 17.48 -32.98 -12.43
C PHE C 531 18.15 -33.54 -11.18
N LEU C 532 17.99 -32.85 -10.04
CA LEU C 532 18.63 -33.31 -8.82
C LEU C 532 18.13 -34.68 -8.40
N LYS C 533 16.83 -34.93 -8.58
CA LYS C 533 16.22 -36.17 -8.10
C LYS C 533 16.68 -37.37 -8.90
N ALA C 534 17.01 -37.17 -10.18
CA ALA C 534 17.42 -38.28 -11.03
C ALA C 534 18.90 -38.61 -10.90
N HIS C 535 19.70 -37.72 -10.30
CA HIS C 535 21.15 -37.91 -10.18
C HIS C 535 21.54 -37.72 -8.72
N TRP C 536 21.33 -38.78 -7.93
CA TRP C 536 21.55 -38.68 -6.50
C TRP C 536 22.98 -38.25 -6.18
N ASN C 537 23.96 -38.82 -6.86
CA ASN C 537 25.34 -38.53 -6.51
C ASN C 537 25.64 -37.04 -6.67
N PHE C 538 25.05 -36.42 -7.69
CA PHE C 538 25.18 -34.99 -7.84
C PHE C 538 24.46 -34.26 -6.70
N LEU C 539 23.18 -34.58 -6.47
CA LEU C 539 22.43 -33.96 -5.38
C LEU C 539 23.18 -34.06 -4.06
N ARG C 540 23.78 -35.22 -3.79
CA ARG C 540 24.56 -35.37 -2.57
C ARG C 540 25.72 -34.38 -2.53
N THR C 541 26.44 -34.25 -3.66
CA THR C 541 27.58 -33.34 -3.71
C THR C 541 27.15 -31.90 -3.54
N VAL C 542 25.96 -31.55 -4.03
CA VAL C 542 25.41 -30.21 -3.81
C VAL C 542 25.31 -29.93 -2.31
N ILE C 543 24.49 -30.73 -1.61
CA ILE C 543 24.20 -30.48 -0.19
C ILE C 543 25.50 -30.40 0.61
N LEU C 544 26.45 -31.29 0.31
CA LEU C 544 27.73 -31.27 1.01
C LEU C 544 28.45 -29.95 0.83
N LYS C 545 28.24 -29.29 -0.31
CA LYS C 545 28.88 -28.00 -0.54
C LYS C 545 28.20 -26.91 0.26
N LEU C 546 26.86 -26.89 0.25
CA LEU C 546 26.12 -25.94 1.08
C LEU C 546 26.55 -26.05 2.54
N PHE C 547 26.81 -27.26 3.00
CA PHE C 547 27.29 -27.44 4.37
C PHE C 547 28.65 -26.77 4.57
N GLU C 548 29.56 -26.96 3.62
CA GLU C 548 30.84 -26.24 3.67
C GLU C 548 30.60 -24.73 3.62
N PHE C 549 29.62 -24.30 2.83
CA PHE C 549 29.31 -22.87 2.73
C PHE C 549 28.72 -22.31 4.02
N MET C 550 28.16 -23.14 4.89
CA MET C 550 27.62 -22.67 6.17
C MET C 550 28.71 -22.33 7.20
N HIS C 551 29.97 -22.40 6.77
CA HIS C 551 31.09 -21.93 7.56
C HIS C 551 31.80 -20.74 6.92
N GLU C 552 31.33 -20.28 5.76
CA GLU C 552 31.98 -19.17 5.06
C GLU C 552 31.57 -17.86 5.73
N THR C 553 32.55 -17.18 6.32
CA THR C 553 32.28 -15.96 7.06
C THR C 553 31.84 -14.81 6.16
N HIS C 554 32.11 -14.88 4.86
CA HIS C 554 31.68 -13.83 3.95
C HIS C 554 30.17 -13.66 4.02
N GLU C 555 29.73 -12.41 4.08
CA GLU C 555 28.32 -12.13 4.33
C GLU C 555 27.47 -12.52 3.12
N GLY C 556 26.33 -13.15 3.41
CA GLY C 556 25.38 -13.61 2.42
C GLY C 556 25.52 -15.07 2.05
N VAL C 557 26.73 -15.62 2.16
CA VAL C 557 26.94 -17.03 1.82
C VAL C 557 26.13 -17.92 2.73
N GLN C 558 26.21 -17.68 4.04
CA GLN C 558 25.51 -18.54 5.00
C GLN C 558 24.00 -18.47 4.80
N ASP C 559 23.46 -17.24 4.65
CA ASP C 559 22.03 -17.10 4.39
C ASP C 559 21.66 -17.77 3.08
N MET C 560 22.55 -17.72 2.09
CA MET C 560 22.32 -18.38 0.82
C MET C 560 22.26 -19.89 1.00
N ALA C 561 23.28 -20.47 1.63
CA ALA C 561 23.34 -21.92 1.79
C ALA C 561 22.11 -22.46 2.51
N CYS C 562 21.62 -21.75 3.53
CA CYS C 562 20.48 -22.24 4.29
C CYS C 562 19.18 -22.17 3.47
N ASP C 563 18.99 -21.09 2.73
CA ASP C 563 17.79 -20.97 1.90
C ASP C 563 17.77 -22.02 0.79
N THR C 564 18.90 -22.23 0.12
CA THR C 564 18.99 -23.28 -0.90
C THR C 564 18.72 -24.65 -0.29
N PHE C 565 19.30 -24.92 0.89
CA PHE C 565 19.14 -26.22 1.53
C PHE C 565 17.66 -26.56 1.73
N ILE C 566 16.91 -25.66 2.37
CA ILE C 566 15.50 -25.95 2.63
C ILE C 566 14.71 -25.96 1.33
N LYS C 567 15.14 -25.17 0.34
CA LYS C 567 14.47 -25.15 -0.96
C LYS C 567 14.63 -26.49 -1.67
N ILE C 568 15.85 -27.02 -1.70
CA ILE C 568 16.07 -28.32 -2.34
C ILE C 568 15.34 -29.42 -1.58
N VAL C 569 15.35 -29.34 -0.25
CA VAL C 569 14.74 -30.37 0.58
C VAL C 569 13.24 -30.46 0.33
N GLN C 570 12.57 -29.30 0.23
CA GLN C 570 11.13 -29.28 -0.04
C GLN C 570 10.79 -30.08 -1.29
N LYS C 571 11.66 -30.04 -2.30
CA LYS C 571 11.42 -30.71 -3.57
C LYS C 571 11.93 -32.15 -3.61
N CYS C 572 13.02 -32.44 -2.91
CA CYS C 572 13.69 -33.73 -3.06
C CYS C 572 13.69 -34.57 -1.79
N LYS C 573 12.82 -34.24 -0.81
CA LYS C 573 12.84 -34.86 0.50
C LYS C 573 12.84 -36.38 0.43
N TYR C 574 12.06 -36.96 -0.51
CA TYR C 574 11.99 -38.40 -0.62
C TYR C 574 13.36 -39.04 -0.84
N HIS C 575 14.26 -38.35 -1.52
CA HIS C 575 15.58 -38.89 -1.79
C HIS C 575 16.53 -38.80 -0.60
N PHE C 576 16.16 -38.04 0.44
CA PHE C 576 16.92 -38.03 1.69
C PHE C 576 16.42 -39.06 2.69
N VAL C 577 15.18 -39.50 2.57
CA VAL C 577 14.59 -40.39 3.57
C VAL C 577 14.77 -41.85 3.18
N ILE C 578 14.84 -42.16 1.89
CA ILE C 578 15.09 -43.53 1.47
C ILE C 578 16.59 -43.80 1.49
N GLN C 579 16.95 -45.08 1.47
CA GLN C 579 18.34 -45.47 1.37
C GLN C 579 18.68 -45.63 -0.10
N GLN C 580 19.46 -44.69 -0.63
CA GLN C 580 19.76 -44.70 -2.05
C GLN C 580 20.77 -45.80 -2.36
N PRO C 581 20.66 -46.42 -3.56
CA PRO C 581 21.63 -47.45 -3.97
C PRO C 581 23.08 -47.11 -3.66
N ARG C 582 23.82 -48.11 -3.17
CA ARG C 582 25.24 -47.99 -2.82
C ARG C 582 25.49 -47.00 -1.69
N GLU C 583 24.50 -46.84 -0.81
CA GLU C 583 24.70 -46.19 0.48
C GLU C 583 24.16 -47.11 1.56
N SER C 584 24.71 -46.96 2.76
CA SER C 584 24.33 -47.81 3.89
C SER C 584 23.18 -47.27 4.70
N GLU C 585 22.85 -45.98 4.55
CA GLU C 585 21.91 -45.32 5.44
C GLU C 585 21.19 -44.22 4.68
N PRO C 586 19.93 -43.94 5.02
CA PRO C 586 19.30 -42.72 4.50
C PRO C 586 20.15 -41.50 4.82
N PHE C 587 20.35 -40.65 3.82
CA PHE C 587 21.19 -39.48 4.00
C PHE C 587 20.72 -38.59 5.15
N ILE C 588 19.45 -38.65 5.53
CA ILE C 588 18.99 -37.84 6.66
C ILE C 588 19.78 -38.19 7.92
N GLN C 589 20.06 -39.48 8.13
CA GLN C 589 20.86 -39.88 9.29
C GLN C 589 22.25 -39.26 9.26
N THR C 590 22.84 -39.14 8.08
CA THR C 590 24.14 -38.51 7.96
C THR C 590 24.07 -37.02 8.30
N ILE C 591 23.00 -36.36 7.86
CA ILE C 591 22.82 -34.94 8.16
C ILE C 591 22.66 -34.74 9.66
N ILE C 592 21.82 -35.54 10.30
CA ILE C 592 21.54 -35.36 11.73
C ILE C 592 22.80 -35.60 12.54
N ARG C 593 23.57 -36.64 12.18
CA ARG C 593 24.74 -37.03 12.95
C ARG C 593 25.76 -35.91 13.04
N ASP C 594 25.98 -35.17 11.96
CA ASP C 594 26.97 -34.10 11.95
C ASP C 594 26.33 -32.71 12.08
N ILE C 595 25.12 -32.64 12.63
CA ILE C 595 24.39 -31.38 12.65
C ILE C 595 25.12 -30.33 13.48
N GLN C 596 25.74 -30.74 14.58
CA GLN C 596 26.45 -29.77 15.42
C GLN C 596 27.61 -29.14 14.68
N LYS C 597 28.41 -29.97 13.99
CA LYS C 597 29.51 -29.45 13.21
C LYS C 597 29.02 -28.63 12.03
N THR C 598 27.96 -29.10 11.36
CA THR C 598 27.47 -28.44 10.16
C THR C 598 27.01 -27.01 10.45
N THR C 599 26.31 -26.81 11.57
CA THR C 599 25.69 -25.53 11.87
C THR C 599 26.48 -24.69 12.86
N ALA C 600 27.68 -25.13 13.23
CA ALA C 600 28.40 -24.52 14.34
C ALA C 600 28.70 -23.03 14.13
N ASP C 601 28.70 -22.56 12.89
CA ASP C 601 29.04 -21.18 12.61
C ASP C 601 27.85 -20.35 12.15
N LEU C 602 26.65 -20.87 12.25
CA LEU C 602 25.45 -20.17 11.80
C LEU C 602 24.82 -19.41 12.97
N GLN C 603 24.11 -18.33 12.62
CA GLN C 603 23.31 -17.61 13.61
C GLN C 603 22.10 -18.45 14.02
N PRO C 604 21.56 -18.21 15.23
CA PRO C 604 20.38 -18.98 15.68
C PRO C 604 19.26 -19.09 14.67
N GLN C 605 18.92 -17.99 13.99
CA GLN C 605 17.83 -18.02 13.02
C GLN C 605 18.14 -18.95 11.85
N GLN C 606 19.42 -19.08 11.50
CA GLN C 606 19.78 -20.00 10.44
C GLN C 606 19.81 -21.45 10.95
N VAL C 607 20.14 -21.65 12.23
CA VAL C 607 20.06 -22.99 12.82
C VAL C 607 18.63 -23.49 12.79
N HIS C 608 17.66 -22.61 13.08
CA HIS C 608 16.27 -23.01 13.09
C HIS C 608 15.77 -23.37 11.69
N THR C 609 16.21 -22.62 10.68
CA THR C 609 15.90 -23.00 9.30
C THR C 609 16.45 -24.40 8.99
N PHE C 610 17.70 -24.66 9.39
CA PHE C 610 18.29 -25.98 9.17
C PHE C 610 17.45 -27.08 9.80
N TYR C 611 17.06 -26.91 11.07
CA TYR C 611 16.25 -27.92 11.74
C TYR C 611 14.91 -28.07 11.07
N LYS C 612 14.29 -26.96 10.66
CA LYS C 612 13.02 -27.05 9.92
C LYS C 612 13.19 -27.90 8.67
N ALA C 613 14.28 -27.69 7.93
CA ALA C 613 14.52 -28.53 6.75
C ALA C 613 14.59 -30.01 7.13
N CYS C 614 15.32 -30.34 8.20
CA CYS C 614 15.40 -31.75 8.61
C CYS C 614 14.03 -32.28 8.98
N GLY C 615 13.19 -31.43 9.60
CA GLY C 615 11.82 -31.84 9.89
C GLY C 615 11.01 -32.15 8.64
N ILE C 616 11.26 -31.44 7.55
CA ILE C 616 10.58 -31.75 6.29
C ILE C 616 10.95 -33.15 5.83
N ILE C 617 12.23 -33.47 5.90
CA ILE C 617 12.68 -34.79 5.46
C ILE C 617 12.06 -35.87 6.33
N ILE C 618 12.09 -35.67 7.65
CA ILE C 618 11.66 -36.71 8.58
C ILE C 618 10.18 -37.04 8.39
N SER C 619 9.36 -36.02 8.13
CA SER C 619 7.93 -36.25 7.96
C SER C 619 7.61 -37.10 6.74
N GLU C 620 8.53 -37.19 5.77
CA GLU C 620 8.37 -38.12 4.65
C GLU C 620 8.53 -39.59 5.04
N GLU C 621 9.08 -39.88 6.22
CA GLU C 621 9.18 -41.25 6.71
C GLU C 621 7.86 -41.63 7.36
N ARG C 622 7.13 -42.58 6.76
CA ARG C 622 5.81 -42.94 7.26
C ARG C 622 5.78 -44.21 8.11
N SER C 623 6.94 -44.82 8.35
CA SER C 623 7.07 -45.80 9.44
C SER C 623 7.20 -45.05 10.76
N VAL C 624 6.22 -45.24 11.65
CA VAL C 624 6.13 -44.42 12.86
C VAL C 624 7.36 -44.59 13.73
N ALA C 625 7.84 -45.83 13.90
CA ALA C 625 8.99 -46.03 14.78
C ALA C 625 10.24 -45.38 14.21
N GLU C 626 10.43 -45.48 12.90
CA GLU C 626 11.59 -44.82 12.30
C GLU C 626 11.45 -43.30 12.37
N ARG C 627 10.25 -42.78 12.13
CA ARG C 627 10.05 -41.33 12.15
C ARG C 627 10.34 -40.76 13.53
N ASN C 628 9.76 -41.37 14.58
CA ASN C 628 9.99 -40.89 15.94
C ASN C 628 11.46 -40.98 16.33
N ARG C 629 12.15 -42.05 15.92
CA ARG C 629 13.58 -42.15 16.22
C ARG C 629 14.38 -41.05 15.52
N LEU C 630 14.05 -40.76 14.26
CA LEU C 630 14.70 -39.64 13.58
C LEU C 630 14.40 -38.33 14.32
N LEU C 631 13.16 -38.17 14.78
CA LEU C 631 12.81 -36.96 15.52
C LEU C 631 13.60 -36.85 16.81
N SER C 632 13.74 -37.97 17.54
CA SER C 632 14.52 -37.99 18.78
C SER C 632 15.97 -37.60 18.57
N ASP C 633 16.58 -38.07 17.47
CA ASP C 633 17.99 -37.75 17.23
C ASP C 633 18.17 -36.31 16.76
N LEU C 634 17.24 -35.82 15.92
CA LEU C 634 17.31 -34.44 15.47
C LEU C 634 17.25 -33.47 16.65
N MET C 635 16.38 -33.75 17.62
CA MET C 635 16.18 -32.90 18.79
C MET C 635 17.15 -33.19 19.93
N GLN C 636 18.19 -34.01 19.69
CA GLN C 636 19.09 -34.41 20.77
C GLN C 636 19.78 -33.20 21.42
N LEU C 637 20.39 -32.34 20.60
CA LEU C 637 21.08 -31.18 21.16
C LEU C 637 20.14 -30.22 21.89
N PRO C 638 19.03 -29.75 21.31
CA PRO C 638 18.13 -28.88 22.10
C PRO C 638 17.50 -29.56 23.27
N ASN C 639 17.26 -30.87 23.20
CA ASN C 639 16.71 -31.59 24.34
C ASN C 639 17.74 -31.70 25.46
N MET C 640 19.02 -31.86 25.11
CA MET C 640 20.04 -31.94 26.15
C MET C 640 20.23 -30.58 26.84
N ALA C 641 20.30 -29.51 26.06
CA ALA C 641 20.33 -28.18 26.65
C ALA C 641 19.07 -27.91 27.47
N TRP C 642 17.92 -28.35 26.97
CA TRP C 642 16.67 -28.15 27.71
C TRP C 642 16.71 -28.85 29.06
N ASP C 643 17.04 -30.15 29.06
CA ASP C 643 17.09 -30.92 30.29
C ASP C 643 18.07 -30.31 31.28
N THR C 644 19.24 -29.89 30.81
CA THR C 644 20.20 -29.23 31.69
C THR C 644 19.59 -27.98 32.32
N ILE C 645 18.99 -27.12 31.51
CA ILE C 645 18.49 -25.84 32.02
C ILE C 645 17.31 -26.08 32.97
N VAL C 646 16.36 -26.94 32.58
CA VAL C 646 15.21 -27.17 33.44
C VAL C 646 15.63 -27.73 34.79
N GLU C 647 16.75 -28.47 34.84
CA GLU C 647 17.27 -28.93 36.12
C GLU C 647 17.96 -27.79 36.87
N GLN C 648 18.69 -26.93 36.15
CA GLN C 648 19.37 -25.82 36.80
C GLN C 648 18.42 -24.64 37.03
N SER C 649 17.40 -24.47 36.17
CA SER C 649 16.45 -23.38 36.35
C SER C 649 15.58 -23.61 37.58
N THR C 650 15.12 -24.86 37.78
CA THR C 650 14.27 -25.14 38.95
C THR C 650 15.05 -25.02 40.24
N ALA C 651 16.36 -25.18 40.21
CA ALA C 651 17.18 -25.20 41.43
C ALA C 651 18.28 -24.14 41.27
N ASN C 652 17.94 -22.87 41.47
CA ASN C 652 16.59 -22.38 41.77
C ASN C 652 16.52 -21.05 40.97
N PRO C 653 15.31 -20.45 40.75
CA PRO C 653 15.11 -19.57 39.59
C PRO C 653 15.96 -18.31 39.50
N THR C 654 17.08 -18.21 40.23
CA THR C 654 17.92 -17.04 39.99
C THR C 654 18.53 -17.08 38.60
N LEU C 655 18.69 -18.28 38.02
CA LEU C 655 19.34 -18.42 36.71
C LEU C 655 18.60 -17.64 35.62
N LEU C 656 17.28 -17.48 35.76
CA LEU C 656 16.47 -16.85 34.72
C LEU C 656 16.67 -15.34 34.65
N LEU C 657 17.44 -14.77 35.56
CA LEU C 657 17.81 -13.37 35.46
C LEU C 657 19.02 -13.18 34.55
N ASP C 658 19.76 -14.26 34.32
CA ASP C 658 20.91 -14.23 33.42
C ASP C 658 20.42 -14.09 31.99
N SER C 659 20.89 -13.04 31.31
CA SER C 659 20.50 -12.81 29.93
C SER C 659 20.88 -14.00 29.05
N GLU C 660 22.01 -14.64 29.33
CA GLU C 660 22.44 -15.77 28.50
C GLU C 660 21.50 -16.96 28.63
N THR C 661 20.97 -17.18 29.84
CA THR C 661 20.10 -18.33 30.05
C THR C 661 18.76 -18.15 29.35
N VAL C 662 18.20 -16.94 29.38
CA VAL C 662 16.92 -16.74 28.70
C VAL C 662 17.10 -16.83 27.19
N LYS C 663 18.27 -16.41 26.68
CA LYS C 663 18.55 -16.55 25.26
C LYS C 663 18.65 -18.02 24.86
N ILE C 664 19.38 -18.81 25.64
CA ILE C 664 19.46 -20.24 25.36
C ILE C 664 18.07 -20.87 25.40
N ILE C 665 17.25 -20.47 26.37
CA ILE C 665 15.91 -21.03 26.48
C ILE C 665 15.06 -20.63 25.28
N ALA C 666 15.14 -19.36 24.89
CA ALA C 666 14.34 -18.90 23.76
C ALA C 666 14.70 -19.67 22.49
N ASN C 667 15.99 -19.89 22.26
CA ASN C 667 16.44 -20.59 21.06
C ASN C 667 16.05 -22.07 21.07
N ILE C 668 16.02 -22.71 22.24
CA ILE C 668 15.54 -24.09 22.32
C ILE C 668 14.08 -24.16 21.89
N ILE C 669 13.26 -23.22 22.36
N ILE C 669 13.26 -23.23 22.36
CA ILE C 669 11.83 -23.25 22.02
CA ILE C 669 11.83 -23.25 22.02
C ILE C 669 11.64 -22.89 20.56
C ILE C 669 11.65 -22.90 20.55
N LYS C 670 12.39 -21.91 20.06
CA LYS C 670 12.32 -21.56 18.64
C LYS C 670 12.71 -22.75 17.78
N THR C 671 13.76 -23.49 18.17
CA THR C 671 14.10 -24.71 17.46
C THR C 671 12.93 -25.67 17.44
N ASN C 672 12.20 -25.78 18.56
CA ASN C 672 11.03 -26.65 18.60
C ASN C 672 9.91 -26.11 17.71
N VAL C 673 9.73 -24.78 17.68
CA VAL C 673 8.74 -24.20 16.77
C VAL C 673 9.10 -24.51 15.32
N ALA C 674 10.37 -24.35 14.96
CA ALA C 674 10.79 -24.61 13.58
C ALA C 674 10.52 -26.05 13.18
N VAL C 675 10.93 -27.02 14.00
CA VAL C 675 10.69 -28.42 13.64
C VAL C 675 9.20 -28.72 13.64
N CYS C 676 8.46 -28.11 14.56
CA CYS C 676 7.03 -28.35 14.60
C CYS C 676 6.33 -27.74 13.41
N THR C 677 6.86 -26.65 12.88
CA THR C 677 6.24 -26.01 11.73
C THR C 677 6.21 -26.96 10.54
N SER C 678 7.29 -27.68 10.29
CA SER C 678 7.33 -28.59 9.15
C SER C 678 6.78 -29.98 9.44
N MET C 679 6.68 -30.39 10.70
CA MET C 679 6.25 -31.75 11.00
C MET C 679 4.79 -31.85 11.42
N GLY C 680 4.24 -30.79 11.99
CA GLY C 680 2.81 -30.78 12.27
C GLY C 680 2.40 -31.90 13.21
N ALA C 681 1.44 -32.72 12.77
CA ALA C 681 0.90 -33.77 13.63
C ALA C 681 1.98 -34.75 14.08
N ASP C 682 3.04 -34.94 13.29
CA ASP C 682 4.10 -35.87 13.66
C ASP C 682 4.97 -35.35 14.79
N PHE C 683 4.89 -34.06 15.13
CA PHE C 683 5.73 -33.49 16.17
C PHE C 683 5.27 -33.87 17.56
N TYR C 684 4.12 -34.53 17.70
CA TYR C 684 3.57 -34.80 19.02
C TYR C 684 4.55 -35.47 19.98
N PRO C 685 5.31 -36.51 19.62
CA PRO C 685 6.24 -37.10 20.61
C PRO C 685 7.23 -36.09 21.18
N GLN C 686 7.83 -35.24 20.35
CA GLN C 686 8.75 -34.24 20.89
C GLN C 686 8.04 -33.23 21.77
N LEU C 687 6.80 -32.86 21.44
CA LEU C 687 6.04 -31.99 22.33
C LEU C 687 5.82 -32.67 23.69
N GLY C 688 5.44 -33.94 23.69
CA GLY C 688 5.21 -34.64 24.95
C GLY C 688 6.46 -34.76 25.82
N HIS C 689 7.63 -34.76 25.20
CA HIS C 689 8.88 -34.84 25.95
C HIS C 689 9.09 -33.58 26.80
N ILE C 690 8.63 -32.42 26.34
CA ILE C 690 8.92 -31.16 27.00
C ILE C 690 7.71 -30.48 27.60
N TYR C 691 6.50 -30.99 27.32
CA TYR C 691 5.29 -30.19 27.53
C TYR C 691 5.14 -29.75 28.98
N TYR C 692 5.20 -30.70 29.92
CA TYR C 692 4.89 -30.38 31.31
C TYR C 692 5.94 -29.44 31.91
N ASN C 693 7.22 -29.66 31.60
CA ASN C 693 8.25 -28.74 32.09
C ASN C 693 8.19 -27.40 31.35
N MET C 694 7.70 -27.38 30.12
CA MET C 694 7.61 -26.11 29.40
C MET C 694 6.57 -25.21 30.03
N LEU C 695 5.41 -25.76 30.41
CA LEU C 695 4.37 -24.98 31.08
C LEU C 695 4.83 -24.54 32.46
N GLN C 696 5.58 -25.40 33.17
CA GLN C 696 6.20 -24.97 34.41
C GLN C 696 7.14 -23.79 34.18
N LEU C 697 7.97 -23.87 33.14
CA LEU C 697 8.82 -22.74 32.79
C LEU C 697 7.99 -21.50 32.48
N TYR C 698 6.83 -21.68 31.84
CA TYR C 698 5.94 -20.57 31.58
C TYR C 698 5.49 -19.89 32.87
N ARG C 699 5.15 -20.68 33.90
CA ARG C 699 4.73 -20.13 35.18
C ARG C 699 5.86 -19.36 35.86
N ALA C 700 7.06 -19.94 35.88
CA ALA C 700 8.20 -19.31 36.54
C ALA C 700 8.56 -17.99 35.87
N VAL C 701 8.65 -18.01 34.55
CA VAL C 701 8.92 -16.77 33.80
C VAL C 701 7.86 -15.73 34.11
N SER C 702 6.60 -16.15 34.23
CA SER C 702 5.50 -15.22 34.49
C SER C 702 5.65 -14.53 35.84
N SER C 703 6.12 -15.26 36.85
CA SER C 703 6.33 -14.64 38.17
C SER C 703 7.42 -13.58 38.11
N MET C 704 8.48 -13.82 37.35
CA MET C 704 9.58 -12.87 37.31
C MET C 704 9.21 -11.61 36.55
N ILE C 705 8.44 -11.73 35.48
CA ILE C 705 7.91 -10.55 34.82
C ILE C 705 7.07 -9.73 35.80
N SER C 706 6.21 -10.40 36.56
CA SER C 706 5.37 -9.72 37.54
C SER C 706 6.20 -9.10 38.65
N ALA C 707 7.19 -9.85 39.17
CA ALA C 707 8.07 -9.32 40.19
C ALA C 707 8.86 -8.12 39.70
N GLN C 708 9.23 -8.11 38.42
CA GLN C 708 10.05 -7.03 37.90
C GLN C 708 9.26 -5.74 37.71
N VAL C 709 8.03 -5.84 37.23
CA VAL C 709 7.22 -4.63 37.08
C VAL C 709 6.83 -4.10 38.44
N ALA C 710 6.71 -4.98 39.45
CA ALA C 710 6.44 -4.50 40.80
C ALA C 710 7.66 -3.79 41.38
N ALA C 711 8.86 -4.30 41.11
CA ALA C 711 10.07 -3.72 41.68
C ALA C 711 10.57 -2.49 40.93
N GLU C 712 10.21 -2.32 39.65
CA GLU C 712 10.70 -1.20 38.85
C GLU C 712 9.63 -0.38 38.16
N GLY C 713 8.38 -0.83 38.13
CA GLY C 713 7.31 -0.11 37.47
C GLY C 713 7.06 -0.63 36.07
N LEU C 714 6.10 0.00 35.40
CA LEU C 714 5.73 -0.40 34.05
C LEU C 714 6.88 -0.28 33.06
N ILE C 715 7.86 0.60 33.34
CA ILE C 715 9.03 0.74 32.48
C ILE C 715 9.80 -0.56 32.38
N ALA C 716 9.62 -1.48 33.32
CA ALA C 716 10.37 -2.73 33.28
C ALA C 716 9.98 -3.59 32.07
N THR C 717 8.77 -3.39 31.54
CA THR C 717 8.38 -4.14 30.35
C THR C 717 9.17 -3.71 29.12
N LYS C 718 9.87 -2.57 29.18
CA LYS C 718 10.69 -2.14 28.07
C LYS C 718 12.14 -2.61 28.17
N THR C 719 12.56 -3.06 29.35
CA THR C 719 13.93 -3.47 29.56
C THR C 719 14.27 -4.71 28.73
N PRO C 720 15.53 -4.86 28.32
CA PRO C 720 15.93 -6.11 27.66
C PRO C 720 15.62 -7.34 28.49
N LYS C 721 15.86 -7.25 29.78
CA LYS C 721 15.62 -8.35 30.70
C LYS C 721 14.21 -8.91 30.56
N VAL C 722 13.19 -8.05 30.63
CA VAL C 722 11.82 -8.54 30.62
C VAL C 722 11.34 -8.84 29.21
N ARG C 723 11.83 -8.08 28.23
CA ARG C 723 11.56 -8.43 26.84
C ARG C 723 12.08 -9.82 26.52
N GLY C 724 13.20 -10.23 27.11
CA GLY C 724 13.69 -11.58 26.91
C GLY C 724 12.84 -12.63 27.60
N LEU C 725 12.25 -12.30 28.75
CA LEU C 725 11.38 -13.25 29.43
C LEU C 725 10.05 -13.38 28.71
N ARG C 726 9.51 -12.26 28.23
CA ARG C 726 8.28 -12.31 27.45
C ARG C 726 8.49 -13.04 26.12
N THR C 727 9.69 -12.99 25.55
CA THR C 727 9.98 -13.78 24.36
C THR C 727 9.78 -15.27 24.64
N ILE C 728 10.28 -15.75 25.78
CA ILE C 728 10.09 -17.15 26.14
C ILE C 728 8.61 -17.51 26.17
N LYS C 729 7.80 -16.68 26.84
CA LYS C 729 6.38 -16.96 26.92
C LYS C 729 5.74 -16.97 25.55
N LYS C 730 6.09 -15.99 24.70
CA LYS C 730 5.50 -15.89 23.38
C LYS C 730 5.86 -17.10 22.52
N GLU C 731 7.12 -17.52 22.57
CA GLU C 731 7.56 -18.68 21.82
C GLU C 731 6.89 -19.96 22.31
N ILE C 732 6.64 -20.07 23.62
CA ILE C 732 5.93 -21.23 24.14
C ILE C 732 4.51 -21.28 23.61
N LEU C 733 3.83 -20.12 23.60
CA LEU C 733 2.46 -20.09 23.08
C LEU C 733 2.45 -20.34 21.58
N LYS C 734 3.47 -19.86 20.87
CA LYS C 734 3.55 -20.09 19.44
C LYS C 734 3.80 -21.56 19.12
N LEU C 735 4.57 -22.25 19.95
CA LEU C 735 4.78 -23.69 19.75
C LEU C 735 3.48 -24.46 19.95
N VAL C 736 2.77 -24.19 21.05
CA VAL C 736 1.52 -24.92 21.33
C VAL C 736 0.50 -24.60 20.25
N GLU C 737 0.39 -23.34 19.87
CA GLU C 737 -0.52 -22.95 18.80
C GLU C 737 -0.16 -23.66 17.50
N THR C 738 1.13 -23.71 17.16
CA THR C 738 1.55 -24.34 15.91
C THR C 738 1.17 -25.80 15.90
N TYR C 739 1.36 -26.52 17.01
CA TYR C 739 0.98 -27.92 17.01
C TYR C 739 -0.53 -28.08 16.91
N ILE C 740 -1.29 -27.41 17.77
CA ILE C 740 -2.73 -27.67 17.83
C ILE C 740 -3.39 -27.32 16.50
N SER C 741 -2.87 -26.31 15.81
CA SER C 741 -3.42 -25.95 14.52
C SER C 741 -3.24 -27.04 13.47
N LYS C 742 -2.31 -27.98 13.70
CA LYS C 742 -2.02 -29.02 12.73
C LYS C 742 -2.25 -30.42 13.26
N ALA C 743 -2.74 -30.56 14.49
CA ALA C 743 -2.91 -31.88 15.08
C ALA C 743 -4.02 -32.65 14.37
N ARG C 744 -3.82 -33.96 14.23
CA ARG C 744 -4.86 -34.81 13.68
C ARG C 744 -5.55 -35.65 14.74
N ASN C 745 -4.88 -35.94 15.85
CA ASN C 745 -5.49 -36.60 17.00
C ASN C 745 -5.94 -35.52 17.96
N LEU C 746 -7.21 -35.11 17.84
CA LEU C 746 -7.75 -34.08 18.71
C LEU C 746 -8.11 -34.61 20.09
N ASP C 747 -8.33 -35.92 20.24
CA ASP C 747 -8.60 -36.50 21.56
C ASP C 747 -7.43 -36.26 22.50
N ASP C 748 -6.20 -36.47 22.02
CA ASP C 748 -5.02 -36.16 22.83
C ASP C 748 -4.91 -34.67 23.09
N VAL C 749 -5.32 -33.83 22.14
CA VAL C 749 -5.28 -32.39 22.37
C VAL C 749 -6.12 -32.02 23.59
N VAL C 750 -7.39 -32.45 23.59
CA VAL C 750 -8.27 -32.07 24.68
C VAL C 750 -7.85 -32.76 25.99
N LYS C 751 -7.47 -34.03 25.92
CA LYS C 751 -7.33 -34.80 27.14
C LYS C 751 -5.95 -34.67 27.77
N VAL C 752 -4.96 -34.22 27.00
CA VAL C 752 -3.58 -34.15 27.49
C VAL C 752 -3.07 -32.71 27.51
N LEU C 753 -3.37 -31.92 26.48
CA LEU C 753 -2.77 -30.60 26.32
C LEU C 753 -3.63 -29.44 26.85
N VAL C 754 -4.94 -29.47 26.63
CA VAL C 754 -5.76 -28.26 26.86
C VAL C 754 -5.80 -27.90 28.34
N GLU C 755 -6.04 -28.88 29.21
CA GLU C 755 -6.18 -28.56 30.63
C GLU C 755 -4.92 -27.97 31.24
N PRO C 756 -3.73 -28.55 31.08
CA PRO C 756 -2.54 -27.88 31.64
C PRO C 756 -2.26 -26.55 30.99
N LEU C 757 -2.64 -26.37 29.72
CA LEU C 757 -2.42 -25.10 29.04
C LEU C 757 -3.25 -23.99 29.67
N LEU C 758 -4.56 -24.24 29.83
CA LEU C 758 -5.43 -23.20 30.37
C LEU C 758 -5.01 -22.80 31.79
N ASN C 759 -4.70 -23.79 32.63
CA ASN C 759 -4.25 -23.47 33.99
C ASN C 759 -3.00 -22.61 33.96
N ALA C 760 -2.11 -22.87 33.01
CA ALA C 760 -0.85 -22.13 32.97
C ALA C 760 -1.01 -20.72 32.44
N VAL C 761 -2.01 -20.43 31.59
CA VAL C 761 -2.01 -19.17 30.86
C VAL C 761 -3.19 -18.26 31.20
N LEU C 762 -4.33 -18.82 31.60
CA LEU C 762 -5.53 -18.00 31.69
C LEU C 762 -5.48 -17.06 32.89
N GLU C 763 -5.21 -17.62 34.08
CA GLU C 763 -5.17 -16.80 35.29
C GLU C 763 -4.03 -15.79 35.23
N ASP C 764 -2.87 -16.21 34.72
CA ASP C 764 -1.73 -15.29 34.60
C ASP C 764 -2.08 -14.09 33.74
N TYR C 765 -2.80 -14.31 32.64
CA TYR C 765 -3.25 -13.20 31.81
C TYR C 765 -4.23 -12.31 32.57
N MET C 766 -5.24 -12.90 33.21
CA MET C 766 -6.27 -12.12 33.88
C MET C 766 -5.67 -11.25 34.98
N ASN C 767 -4.72 -11.78 35.75
CA ASN C 767 -4.24 -11.12 36.96
C ASN C 767 -2.98 -10.29 36.77
N ASN C 768 -2.53 -10.11 35.52
CA ASN C 768 -1.46 -9.18 35.19
C ASN C 768 -2.03 -7.80 34.91
N VAL C 769 -1.20 -6.77 35.14
CA VAL C 769 -1.57 -5.41 34.76
C VAL C 769 -1.71 -5.38 33.24
N PRO C 770 -2.53 -4.50 32.67
CA PRO C 770 -2.67 -4.46 31.19
C PRO C 770 -1.36 -4.49 30.41
N ASP C 771 -0.38 -3.66 30.79
CA ASP C 771 0.86 -3.57 30.03
C ASP C 771 1.68 -4.85 30.06
N ALA C 772 1.37 -5.78 30.95
CA ALA C 772 2.10 -7.03 31.05
C ALA C 772 1.35 -8.22 30.46
N ARG C 773 0.17 -8.00 29.88
CA ARG C 773 -0.57 -9.06 29.22
C ARG C 773 -0.09 -9.27 27.80
N ASP C 774 0.08 -10.53 27.43
CA ASP C 774 0.53 -10.90 26.09
C ASP C 774 -0.67 -11.16 25.20
N ALA C 775 -0.83 -10.35 24.16
CA ALA C 775 -1.90 -10.58 23.18
C ALA C 775 -1.79 -11.94 22.50
N GLU C 776 -0.59 -12.55 22.48
CA GLU C 776 -0.42 -13.91 21.97
C GLU C 776 -1.28 -14.91 22.74
N VAL C 777 -1.63 -14.61 23.99
CA VAL C 777 -2.51 -15.51 24.75
C VAL C 777 -3.86 -15.64 24.04
N LEU C 778 -4.41 -14.51 23.61
CA LEU C 778 -5.67 -14.54 22.88
C LEU C 778 -5.51 -15.31 21.57
N ASN C 779 -4.40 -15.08 20.85
CA ASN C 779 -4.20 -15.75 19.57
C ASN C 779 -4.08 -17.26 19.75
N CYS C 780 -3.38 -17.68 20.80
CA CYS C 780 -3.30 -19.10 21.11
C CYS C 780 -4.67 -19.67 21.44
N MET C 781 -5.48 -18.93 22.21
CA MET C 781 -6.80 -19.41 22.59
C MET C 781 -7.73 -19.49 21.38
N THR C 782 -7.58 -18.57 20.44
CA THR C 782 -8.37 -18.64 19.21
C THR C 782 -8.13 -19.94 18.49
N THR C 783 -6.87 -20.38 18.41
CA THR C 783 -6.57 -21.64 17.75
C THR C 783 -7.14 -22.82 18.53
N VAL C 784 -7.06 -22.78 19.87
CA VAL C 784 -7.61 -23.86 20.67
C VAL C 784 -9.11 -23.98 20.43
N VAL C 785 -9.83 -22.85 20.42
CA VAL C 785 -11.26 -22.90 20.18
C VAL C 785 -11.56 -23.31 18.74
N GLU C 786 -10.75 -22.82 17.80
CA GLU C 786 -10.93 -23.20 16.40
C GLU C 786 -10.87 -24.70 16.20
N LYS C 787 -9.89 -25.37 16.82
CA LYS C 787 -9.66 -26.78 16.55
C LYS C 787 -10.56 -27.69 17.37
N VAL C 788 -10.66 -27.45 18.68
CA VAL C 788 -11.33 -28.37 19.59
C VAL C 788 -12.38 -27.64 20.42
N GLY C 789 -12.83 -26.47 19.96
CA GLY C 789 -13.81 -25.71 20.72
C GLY C 789 -15.09 -26.48 20.97
N HIS C 790 -15.55 -27.22 19.96
CA HIS C 790 -16.75 -28.04 20.11
C HIS C 790 -16.60 -29.15 21.15
N MET C 791 -15.40 -29.43 21.62
CA MET C 791 -15.19 -30.52 22.57
C MET C 791 -14.97 -30.05 23.99
N ILE C 792 -14.79 -28.76 24.22
CA ILE C 792 -14.44 -28.28 25.55
C ILE C 792 -15.34 -27.12 25.99
N PRO C 793 -16.67 -27.30 26.05
CA PRO C 793 -17.55 -26.16 26.37
C PRO C 793 -17.24 -25.52 27.70
N GLN C 794 -16.85 -26.30 28.72
CA GLN C 794 -16.43 -25.69 29.98
C GLN C 794 -15.09 -24.99 29.83
N GLY C 795 -14.26 -25.43 28.90
CA GLY C 795 -13.01 -24.73 28.65
C GLY C 795 -13.22 -23.39 27.96
N VAL C 796 -14.16 -23.35 27.01
CA VAL C 796 -14.47 -22.09 26.34
C VAL C 796 -15.09 -21.10 27.31
N ILE C 797 -15.92 -21.59 28.25
CA ILE C 797 -16.47 -20.72 29.30
C ILE C 797 -15.34 -20.14 30.14
N LEU C 798 -14.36 -20.98 30.50
CA LEU C 798 -13.25 -20.53 31.33
C LEU C 798 -12.37 -19.52 30.59
N ILE C 799 -12.23 -19.66 29.27
CA ILE C 799 -11.48 -18.69 28.47
C ILE C 799 -12.19 -17.33 28.48
N LEU C 800 -13.50 -17.32 28.23
CA LEU C 800 -14.25 -16.07 28.26
C LEU C 800 -14.13 -15.39 29.61
N GLN C 801 -14.42 -16.12 30.69
CA GLN C 801 -14.39 -15.53 32.03
C GLN C 801 -13.06 -14.87 32.32
N SER C 802 -11.96 -15.46 31.84
CA SER C 802 -10.62 -15.01 32.20
C SER C 802 -10.07 -13.91 31.30
N VAL C 803 -10.61 -13.72 30.10
CA VAL C 803 -10.06 -12.74 29.17
C VAL C 803 -11.07 -11.74 28.66
N PHE C 804 -12.38 -11.98 28.79
CA PHE C 804 -13.36 -11.14 28.11
C PHE C 804 -13.42 -9.75 28.72
N GLU C 805 -13.78 -9.66 29.99
CA GLU C 805 -14.01 -8.34 30.59
C GLU C 805 -12.70 -7.57 30.75
N CYS C 806 -11.63 -8.25 31.17
CA CYS C 806 -10.40 -7.50 31.41
C CYS C 806 -9.74 -7.04 30.11
N THR C 807 -9.98 -7.73 28.99
CA THR C 807 -9.46 -7.25 27.71
C THR C 807 -10.31 -6.12 27.15
N LEU C 808 -11.64 -6.24 27.27
CA LEU C 808 -12.53 -5.17 26.83
C LEU C 808 -12.20 -3.85 27.53
N ASP C 809 -11.92 -3.90 28.83
CA ASP C 809 -11.59 -2.66 29.55
C ASP C 809 -10.27 -2.06 29.07
N MET C 810 -9.38 -2.86 28.49
CA MET C 810 -8.15 -2.31 27.91
C MET C 810 -8.43 -1.52 26.63
N ILE C 811 -9.45 -1.89 25.86
CA ILE C 811 -9.60 -1.41 24.49
C ILE C 811 -10.84 -0.55 24.27
N ASN C 812 -11.64 -0.29 25.30
CA ASN C 812 -12.88 0.44 25.10
C ASN C 812 -12.81 1.89 25.59
N LYS C 813 -11.60 2.44 25.72
CA LYS C 813 -11.47 3.86 26.05
C LYS C 813 -11.05 4.72 24.86
N ASP C 814 -10.48 4.11 23.81
CA ASP C 814 -10.17 4.79 22.56
C ASP C 814 -9.99 3.73 21.49
N PHE C 815 -9.67 4.17 20.27
CA PHE C 815 -9.41 3.27 19.16
C PHE C 815 -7.91 3.04 18.94
N THR C 816 -7.09 3.50 19.88
CA THR C 816 -5.64 3.58 19.71
C THR C 816 -4.87 2.55 20.50
N GLU C 817 -5.13 2.47 21.81
CA GLU C 817 -4.24 1.72 22.69
C GLU C 817 -4.43 0.22 22.49
N TYR C 818 -3.35 -0.53 22.77
CA TYR C 818 -3.26 -1.98 22.65
C TYR C 818 -3.80 -2.45 21.30
N PRO C 819 -3.11 -2.13 20.19
CA PRO C 819 -3.66 -2.52 18.89
C PRO C 819 -3.67 -4.02 18.66
N GLU C 820 -2.69 -4.74 19.19
CA GLU C 820 -2.64 -6.18 19.00
C GLU C 820 -3.74 -6.89 19.80
N HIS C 821 -3.91 -6.51 21.07
CA HIS C 821 -4.99 -7.07 21.87
C HIS C 821 -6.34 -6.82 21.23
N ARG C 822 -6.50 -5.65 20.60
CA ARG C 822 -7.74 -5.31 19.91
C ARG C 822 -8.06 -6.31 18.78
N VAL C 823 -7.06 -6.62 17.96
CA VAL C 823 -7.30 -7.51 16.82
C VAL C 823 -7.56 -8.93 17.28
N GLU C 824 -6.74 -9.42 18.22
CA GLU C 824 -6.89 -10.80 18.69
C GLU C 824 -8.17 -11.00 19.51
N PHE C 825 -8.57 -9.97 20.25
CA PHE C 825 -9.81 -10.03 21.03
C PHE C 825 -10.99 -10.38 20.14
N TYR C 826 -11.12 -9.71 18.99
CA TYR C 826 -12.31 -9.90 18.19
C TYR C 826 -12.23 -11.15 17.33
N LYS C 827 -11.02 -11.58 16.97
CA LYS C 827 -10.86 -12.91 16.39
C LYS C 827 -11.27 -13.99 17.39
N LEU C 828 -10.93 -13.82 18.67
CA LEU C 828 -11.33 -14.79 19.67
C LEU C 828 -12.85 -14.84 19.83
N LEU C 829 -13.48 -13.66 19.99
CA LEU C 829 -14.93 -13.61 20.09
C LEU C 829 -15.61 -14.17 18.85
N LYS C 830 -15.02 -13.92 17.67
CA LYS C 830 -15.61 -14.41 16.44
C LYS C 830 -15.68 -15.94 16.43
N VAL C 831 -14.55 -16.61 16.73
CA VAL C 831 -14.55 -18.07 16.67
C VAL C 831 -15.38 -18.67 17.79
N ILE C 832 -15.36 -18.03 18.98
CA ILE C 832 -16.25 -18.49 20.04
C ILE C 832 -17.70 -18.41 19.58
N ASN C 833 -18.08 -17.29 18.97
CA ASN C 833 -19.45 -17.13 18.47
C ASN C 833 -19.76 -18.16 17.37
N GLU C 834 -18.75 -18.61 16.64
CA GLU C 834 -18.97 -19.62 15.60
C GLU C 834 -19.04 -21.02 16.18
N LYS C 835 -18.11 -21.37 17.08
CA LYS C 835 -17.87 -22.75 17.48
C LYS C 835 -18.54 -23.15 18.78
N SER C 836 -18.67 -22.24 19.74
N SER C 836 -18.65 -22.25 19.76
CA SER C 836 -19.24 -22.54 21.04
CA SER C 836 -19.28 -22.57 21.04
C SER C 836 -20.12 -21.38 21.49
C SER C 836 -20.13 -21.39 21.49
N PHE C 837 -21.19 -21.11 20.72
CA PHE C 837 -22.13 -20.07 21.09
C PHE C 837 -22.76 -20.31 22.46
N ALA C 838 -22.79 -21.57 22.91
CA ALA C 838 -23.31 -21.89 24.23
C ALA C 838 -22.63 -21.06 25.32
N ALA C 839 -21.33 -20.75 25.14
CA ALA C 839 -20.61 -20.00 26.16
C ALA C 839 -21.23 -18.62 26.39
N PHE C 840 -21.77 -17.99 25.34
CA PHE C 840 -22.36 -16.67 25.52
C PHE C 840 -23.73 -16.75 26.21
N LEU C 841 -24.44 -17.87 26.05
CA LEU C 841 -25.69 -18.07 26.79
C LEU C 841 -25.44 -18.20 28.28
N GLU C 842 -24.29 -18.74 28.68
CA GLU C 842 -23.95 -18.87 30.10
C GLU C 842 -23.48 -17.56 30.72
N LEU C 843 -23.21 -16.55 29.92
CA LEU C 843 -22.80 -15.27 30.47
C LEU C 843 -23.94 -14.69 31.30
N PRO C 844 -23.64 -14.09 32.46
CA PRO C 844 -24.69 -13.35 33.17
C PRO C 844 -25.21 -12.22 32.33
N PRO C 845 -26.49 -11.85 32.51
CA PRO C 845 -27.07 -10.76 31.70
C PRO C 845 -26.24 -9.48 31.63
N ALA C 846 -25.51 -9.14 32.70
CA ALA C 846 -24.64 -7.97 32.63
C ALA C 846 -23.46 -8.21 31.69
N ALA C 847 -22.94 -9.43 31.66
CA ALA C 847 -21.77 -9.72 30.83
C ALA C 847 -22.17 -9.85 29.37
N PHE C 848 -23.34 -10.46 29.10
CA PHE C 848 -23.86 -10.49 27.75
C PHE C 848 -24.09 -9.09 27.21
N LYS C 849 -24.49 -8.16 28.07
CA LYS C 849 -24.67 -6.78 27.66
C LYS C 849 -23.35 -6.15 27.24
N LEU C 850 -22.26 -6.47 27.95
CA LEU C 850 -20.94 -6.01 27.52
C LEU C 850 -20.55 -6.64 26.18
N PHE C 851 -21.00 -7.87 25.93
CA PHE C 851 -20.72 -8.53 24.66
C PHE C 851 -21.32 -7.76 23.50
N VAL C 852 -22.58 -7.33 23.65
CA VAL C 852 -23.24 -6.54 22.63
C VAL C 852 -22.57 -5.19 22.46
N ASP C 853 -22.21 -4.55 23.57
CA ASP C 853 -21.46 -3.30 23.50
C ASP C 853 -20.13 -3.50 22.79
N ALA C 854 -19.45 -4.61 23.07
CA ALA C 854 -18.16 -4.85 22.44
C ALA C 854 -18.31 -4.97 20.93
N ILE C 855 -19.38 -5.63 20.46
CA ILE C 855 -19.62 -5.79 19.03
C ILE C 855 -19.82 -4.43 18.35
N CYS C 856 -20.73 -3.61 18.87
CA CYS C 856 -20.97 -2.29 18.28
C CYS C 856 -19.71 -1.44 18.35
N TRP C 857 -18.98 -1.52 19.46
CA TRP C 857 -17.68 -0.85 19.55
C TRP C 857 -16.79 -1.22 18.37
N ALA C 858 -16.79 -2.49 17.96
CA ALA C 858 -16.01 -2.89 16.80
C ALA C 858 -16.52 -2.24 15.51
N PHE C 859 -17.83 -1.99 15.39
CA PHE C 859 -18.36 -1.29 14.22
C PHE C 859 -17.65 0.03 13.99
N LYS C 860 -17.41 0.77 15.06
CA LYS C 860 -16.96 2.15 14.95
C LYS C 860 -15.46 2.27 14.68
N HIS C 861 -14.75 1.15 14.55
CA HIS C 861 -13.32 1.21 14.28
C HIS C 861 -13.06 1.51 12.81
N ASN C 862 -12.07 2.38 12.57
CA ASN C 862 -11.54 2.53 11.22
C ASN C 862 -10.57 1.41 10.88
N ASN C 863 -9.93 0.83 11.89
CA ASN C 863 -9.09 -0.34 11.69
C ASN C 863 -9.89 -1.46 11.03
N ARG C 864 -9.40 -1.96 9.89
CA ARG C 864 -10.17 -2.93 9.14
C ARG C 864 -10.21 -4.29 9.82
N ASP C 865 -9.11 -4.69 10.47
CA ASP C 865 -9.07 -6.00 11.13
C ASP C 865 -10.13 -6.09 12.24
N VAL C 866 -10.47 -4.97 12.87
CA VAL C 866 -11.48 -4.97 13.92
C VAL C 866 -12.89 -4.82 13.34
N GLU C 867 -13.05 -3.89 12.40
CA GLU C 867 -14.37 -3.57 11.86
C GLU C 867 -14.99 -4.78 11.14
N VAL C 868 -14.19 -5.49 10.33
CA VAL C 868 -14.75 -6.61 9.56
C VAL C 868 -15.21 -7.73 10.48
N ASN C 869 -14.43 -8.05 11.51
CA ASN C 869 -14.84 -9.09 12.44
C ASN C 869 -16.05 -8.65 13.25
N GLY C 870 -16.10 -7.40 13.69
CA GLY C 870 -17.25 -6.92 14.43
C GLY C 870 -18.55 -7.01 13.63
N LEU C 871 -18.52 -6.62 12.36
CA LEU C 871 -19.71 -6.81 11.53
C LEU C 871 -20.03 -8.28 11.37
N GLN C 872 -19.02 -9.12 11.16
CA GLN C 872 -19.25 -10.55 10.98
C GLN C 872 -19.78 -11.19 12.25
N ILE C 873 -19.31 -10.75 13.42
CA ILE C 873 -19.81 -11.28 14.68
C ILE C 873 -21.29 -10.93 14.84
N ALA C 874 -21.66 -9.69 14.52
CA ALA C 874 -23.04 -9.27 14.66
C ALA C 874 -23.95 -10.07 13.76
N LEU C 875 -23.53 -10.30 12.52
CA LEU C 875 -24.30 -11.10 11.58
C LEU C 875 -24.44 -12.54 12.08
N ASP C 876 -23.32 -13.13 12.55
CA ASP C 876 -23.38 -14.50 13.04
C ASP C 876 -24.20 -14.61 14.32
N LEU C 877 -24.15 -13.58 15.18
CA LEU C 877 -24.94 -13.61 16.40
C LEU C 877 -26.43 -13.60 16.10
N VAL C 878 -26.87 -12.75 15.17
CA VAL C 878 -28.27 -12.74 14.75
C VAL C 878 -28.70 -14.14 14.28
N LYS C 879 -27.86 -14.79 13.46
CA LYS C 879 -28.22 -16.13 13.00
C LYS C 879 -28.19 -17.15 14.13
N ASN C 880 -27.26 -17.00 15.09
CA ASN C 880 -27.27 -17.86 16.26
C ASN C 880 -28.57 -17.70 17.05
N ILE C 881 -29.05 -16.47 17.17
CA ILE C 881 -30.29 -16.22 17.91
C ILE C 881 -31.50 -16.72 17.11
N GLU C 882 -31.47 -16.52 15.79
CA GLU C 882 -32.57 -17.00 14.95
C GLU C 882 -32.70 -18.51 15.02
N ARG C 883 -31.57 -19.24 15.05
CA ARG C 883 -31.61 -20.69 15.08
C ARG C 883 -32.19 -21.26 16.37
N MET C 884 -32.32 -20.46 17.42
CA MET C 884 -32.86 -20.96 18.68
C MET C 884 -34.38 -21.12 18.64
N GLY C 885 -35.05 -20.50 17.69
CA GLY C 885 -36.50 -20.58 17.61
C GLY C 885 -37.18 -19.67 18.61
N ASN C 886 -38.46 -19.99 18.87
CA ASN C 886 -39.30 -19.20 19.77
C ASN C 886 -39.05 -19.68 21.20
N VAL C 887 -37.98 -19.16 21.79
CA VAL C 887 -37.62 -19.48 23.17
C VAL C 887 -37.36 -18.19 23.93
N PRO C 888 -37.39 -18.23 25.26
CA PRO C 888 -37.25 -16.98 26.03
C PRO C 888 -35.96 -16.22 25.78
N PHE C 889 -34.83 -16.90 25.61
CA PHE C 889 -33.59 -16.16 25.40
C PHE C 889 -33.61 -15.43 24.06
N ALA C 890 -34.12 -16.07 23.00
CA ALA C 890 -34.21 -15.40 21.71
C ALA C 890 -35.18 -14.23 21.76
N ASN C 891 -36.31 -14.41 22.44
CA ASN C 891 -37.29 -13.32 22.54
C ASN C 891 -36.72 -12.15 23.33
N GLU C 892 -36.10 -12.42 24.48
CA GLU C 892 -35.50 -11.36 25.28
C GLU C 892 -34.38 -10.66 24.52
N PHE C 893 -33.65 -11.39 23.67
CA PHE C 893 -32.57 -10.79 22.90
C PHE C 893 -33.10 -9.70 21.98
N HIS C 894 -34.16 -10.01 21.24
CA HIS C 894 -34.76 -9.02 20.36
C HIS C 894 -35.33 -7.85 21.14
N LYS C 895 -36.05 -8.13 22.22
CA LYS C 895 -36.61 -7.04 23.03
C LYS C 895 -35.52 -6.10 23.53
N ASN C 896 -34.33 -6.62 23.82
CA ASN C 896 -33.28 -5.80 24.42
C ASN C 896 -32.32 -5.20 23.40
N TYR C 897 -32.06 -5.89 22.29
CA TYR C 897 -30.92 -5.54 21.46
C TYR C 897 -31.20 -5.40 19.97
N PHE C 898 -32.40 -5.70 19.50
CA PHE C 898 -32.69 -5.57 18.08
C PHE C 898 -32.51 -4.13 17.58
N PHE C 899 -33.15 -3.16 18.25
CA PHE C 899 -33.08 -1.78 17.77
C PHE C 899 -31.75 -1.13 18.08
N ILE C 900 -31.02 -1.64 19.06
CA ILE C 900 -29.63 -1.25 19.23
C ILE C 900 -28.82 -1.62 17.99
N PHE C 901 -29.00 -2.85 17.49
CA PHE C 901 -28.20 -3.28 16.33
C PHE C 901 -28.63 -2.54 15.08
N VAL C 902 -29.93 -2.28 14.93
CA VAL C 902 -30.41 -1.55 13.76
C VAL C 902 -29.85 -0.14 13.73
N SER C 903 -29.91 0.56 14.87
CA SER C 903 -29.49 1.96 14.88
C SER C 903 -27.97 2.10 14.93
N GLU C 904 -27.26 1.18 15.57
CA GLU C 904 -25.80 1.24 15.52
C GLU C 904 -25.32 0.98 14.10
N THR C 905 -25.99 0.08 13.38
CA THR C 905 -25.61 -0.19 12.00
C THR C 905 -25.94 1.00 11.10
N PHE C 906 -27.12 1.60 11.29
CA PHE C 906 -27.46 2.80 10.55
C PHE C 906 -26.47 3.92 10.80
N PHE C 907 -25.98 4.05 12.04
CA PHE C 907 -25.05 5.13 12.37
C PHE C 907 -23.76 5.03 11.55
N VAL C 908 -23.14 3.84 11.52
CA VAL C 908 -21.89 3.73 10.77
C VAL C 908 -22.13 3.79 9.26
N LEU C 909 -23.31 3.37 8.80
CA LEU C 909 -23.66 3.53 7.39
C LEU C 909 -23.72 5.00 6.96
N THR C 910 -24.09 5.92 7.85
CA THR C 910 -24.45 7.27 7.44
C THR C 910 -23.49 8.36 7.89
N ASP C 911 -22.45 8.03 8.65
CA ASP C 911 -21.58 9.06 9.23
C ASP C 911 -20.37 9.39 8.37
N SER C 912 -20.22 8.75 7.22
CA SER C 912 -19.16 9.00 6.23
C SER C 912 -17.77 8.64 6.74
N ASP C 913 -17.63 8.08 7.94
CA ASP C 913 -16.33 7.72 8.48
C ASP C 913 -16.09 6.21 8.49
N HIS C 914 -16.97 5.41 7.89
CA HIS C 914 -16.78 3.96 7.84
C HIS C 914 -17.17 3.42 6.47
N LYS C 915 -16.81 4.15 5.42
CA LYS C 915 -17.20 3.76 4.07
C LYS C 915 -16.63 2.41 3.67
N SER C 916 -15.48 2.02 4.24
CA SER C 916 -14.87 0.76 3.84
C SER C 916 -15.71 -0.45 4.24
N GLY C 917 -16.65 -0.28 5.17
CA GLY C 917 -17.49 -1.39 5.60
C GLY C 917 -18.92 -1.36 5.07
N PHE C 918 -19.16 -0.57 4.03
CA PHE C 918 -20.52 -0.40 3.52
C PHE C 918 -21.19 -1.73 3.19
N SER C 919 -20.50 -2.60 2.43
CA SER C 919 -21.13 -3.84 1.94
C SER C 919 -21.59 -4.72 3.08
N LYS C 920 -20.79 -4.85 4.14
CA LYS C 920 -21.18 -5.70 5.25
C LYS C 920 -22.10 -5.00 6.24
N GLN C 921 -22.07 -3.66 6.29
CA GLN C 921 -23.10 -2.96 7.05
C GLN C 921 -24.46 -3.17 6.40
N ALA C 922 -24.50 -3.09 5.07
CA ALA C 922 -25.75 -3.30 4.34
C ALA C 922 -26.25 -4.73 4.52
N LEU C 923 -25.34 -5.70 4.48
CA LEU C 923 -25.73 -7.09 4.64
C LEU C 923 -26.38 -7.31 6.00
N LEU C 924 -25.74 -6.81 7.05
CA LEU C 924 -26.32 -6.91 8.38
C LEU C 924 -27.66 -6.19 8.47
N LEU C 925 -27.75 -4.99 7.90
CA LEU C 925 -28.98 -4.24 8.01
C LEU C 925 -30.13 -4.99 7.34
N MET C 926 -29.87 -5.57 6.19
CA MET C 926 -30.93 -6.29 5.49
C MET C 926 -31.35 -7.54 6.26
N LYS C 927 -30.39 -8.23 6.87
CA LYS C 927 -30.71 -9.37 7.71
C LYS C 927 -31.61 -8.94 8.88
N LEU C 928 -31.33 -7.79 9.47
CA LEU C 928 -32.14 -7.32 10.59
C LEU C 928 -33.54 -6.93 10.12
N ILE C 929 -33.64 -6.26 8.98
CA ILE C 929 -34.94 -5.86 8.44
C ILE C 929 -35.73 -7.09 7.97
N SER C 930 -35.06 -8.04 7.32
CA SER C 930 -35.78 -9.22 6.82
C SER C 930 -36.37 -10.03 7.96
N LEU C 931 -35.70 -10.06 9.12
CA LEU C 931 -36.25 -10.76 10.28
C LEU C 931 -37.69 -10.33 10.57
N VAL C 932 -37.94 -9.02 10.54
CA VAL C 932 -39.26 -8.52 10.89
C VAL C 932 -40.26 -8.76 9.76
N TYR C 933 -39.82 -8.61 8.51
CA TYR C 933 -40.74 -8.80 7.39
C TYR C 933 -40.95 -10.27 7.03
N ASP C 934 -40.25 -11.19 7.67
CA ASP C 934 -40.55 -12.62 7.59
C ASP C 934 -41.21 -13.14 8.86
N ASN C 935 -41.45 -12.27 9.85
CA ASN C 935 -42.12 -12.62 11.09
C ASN C 935 -41.39 -13.75 11.82
N LYS C 936 -40.08 -13.59 11.99
CA LYS C 936 -39.29 -14.52 12.78
C LYS C 936 -39.07 -14.03 14.19
N ILE C 937 -39.46 -12.80 14.50
CA ILE C 937 -39.45 -12.30 15.87
C ILE C 937 -40.86 -12.50 16.42
N SER C 938 -40.99 -13.40 17.39
CA SER C 938 -42.31 -13.82 17.86
C SER C 938 -42.96 -12.78 18.77
N VAL C 939 -42.17 -12.14 19.63
CA VAL C 939 -42.70 -11.18 20.60
C VAL C 939 -42.82 -9.82 19.94
N PRO C 940 -43.66 -8.92 20.45
CA PRO C 940 -43.65 -7.55 19.96
C PRO C 940 -42.41 -6.80 20.40
N LEU C 941 -41.87 -5.98 19.50
CA LEU C 941 -40.64 -5.25 19.77
C LEU C 941 -40.86 -3.95 20.53
N TYR C 942 -42.10 -3.61 20.87
CA TYR C 942 -42.43 -2.38 21.55
C TYR C 942 -42.91 -2.69 22.97
N GLN C 943 -42.96 -1.65 23.80
CA GLN C 943 -43.67 -1.73 25.07
C GLN C 943 -45.18 -1.72 24.81
N GLU C 944 -45.91 -2.42 25.67
CA GLU C 944 -47.36 -2.56 25.48
C GLU C 944 -48.07 -1.21 25.49
N ALA C 945 -47.49 -0.19 26.14
CA ALA C 945 -48.17 1.09 26.27
C ALA C 945 -48.00 1.96 25.03
N GLU C 946 -46.82 1.98 24.42
CA GLU C 946 -46.49 3.01 23.44
C GLU C 946 -47.23 2.85 22.12
N VAL C 947 -47.69 1.65 21.77
CA VAL C 947 -48.37 1.43 20.50
C VAL C 947 -49.60 0.57 20.76
N PRO C 948 -50.72 0.79 20.06
CA PRO C 948 -51.90 -0.07 20.27
C PRO C 948 -51.60 -1.54 20.08
N GLN C 949 -52.46 -2.37 20.66
CA GLN C 949 -52.24 -3.80 20.69
C GLN C 949 -52.61 -4.44 19.36
N GLY C 950 -51.86 -5.49 19.00
CA GLY C 950 -52.02 -6.13 17.73
C GLY C 950 -51.26 -5.50 16.59
N THR C 951 -50.62 -4.35 16.80
CA THR C 951 -49.85 -3.74 15.74
C THR C 951 -48.65 -4.64 15.40
N SER C 952 -48.46 -4.87 14.11
CA SER C 952 -47.38 -5.70 13.65
C SER C 952 -46.03 -5.05 13.96
N ASN C 953 -45.01 -5.89 14.15
CA ASN C 953 -43.65 -5.38 14.26
C ASN C 953 -43.25 -4.61 13.02
N GLN C 954 -43.82 -4.96 11.86
CA GLN C 954 -43.50 -4.26 10.62
C GLN C 954 -43.95 -2.81 10.67
N VAL C 955 -45.15 -2.56 11.20
CA VAL C 955 -45.63 -1.20 11.35
C VAL C 955 -44.80 -0.46 12.39
N TYR C 956 -44.47 -1.13 13.50
CA TYR C 956 -43.66 -0.48 14.50
C TYR C 956 -42.23 -0.24 14.02
N LEU C 957 -41.68 -1.16 13.21
CA LEU C 957 -40.32 -0.96 12.70
C LEU C 957 -40.23 0.28 11.82
N SER C 958 -41.25 0.52 10.99
CA SER C 958 -41.27 1.72 10.16
C SER C 958 -41.42 2.98 11.00
N GLN C 959 -42.19 2.91 12.09
CA GLN C 959 -42.34 4.08 12.96
C GLN C 959 -41.06 4.39 13.70
N TYR C 960 -40.41 3.36 14.25
CA TYR C 960 -39.15 3.58 14.96
C TYR C 960 -38.12 4.18 14.01
N LEU C 961 -38.05 3.65 12.79
CA LEU C 961 -37.05 4.12 11.84
C LEU C 961 -37.35 5.54 11.36
N ALA C 962 -38.61 5.84 11.09
CA ALA C 962 -38.97 7.20 10.69
C ALA C 962 -38.61 8.20 11.77
N ASN C 963 -38.94 7.89 13.03
CA ASN C 963 -38.58 8.77 14.14
C ASN C 963 -37.08 8.89 14.30
N MET C 964 -36.35 7.77 14.16
CA MET C 964 -34.90 7.79 14.35
C MET C 964 -34.22 8.65 13.29
N LEU C 965 -34.58 8.48 12.02
CA LEU C 965 -33.96 9.27 10.97
C LEU C 965 -34.37 10.74 11.05
N SER C 966 -35.62 11.02 11.45
CA SER C 966 -36.07 12.40 11.54
C SER C 966 -35.23 13.20 12.51
N ASN C 967 -34.88 12.61 13.66
CA ASN C 967 -34.06 13.33 14.63
C ASN C 967 -32.59 13.35 14.25
N ALA C 968 -32.13 12.30 13.54
CA ALA C 968 -30.72 12.25 13.17
C ALA C 968 -30.42 13.11 11.96
N PHE C 969 -31.39 13.24 11.05
CA PHE C 969 -31.25 14.04 9.83
C PHE C 969 -32.42 14.98 9.73
N PRO C 970 -32.47 16.02 10.57
CA PRO C 970 -33.66 16.89 10.61
C PRO C 970 -33.91 17.64 9.31
N HIS C 971 -32.93 17.77 8.42
CA HIS C 971 -33.13 18.52 7.19
C HIS C 971 -33.88 17.74 6.12
N LEU C 972 -34.20 16.48 6.38
CA LEU C 972 -34.96 15.66 5.44
C LEU C 972 -36.44 15.88 5.67
N THR C 973 -37.21 15.86 4.58
CA THR C 973 -38.65 15.94 4.74
C THR C 973 -39.21 14.60 5.17
N SER C 974 -40.42 14.64 5.72
CA SER C 974 -41.08 13.41 6.14
C SER C 974 -41.34 12.50 4.95
N GLU C 975 -41.63 13.08 3.78
CA GLU C 975 -41.85 12.27 2.60
C GLU C 975 -40.56 11.57 2.15
N GLN C 976 -39.42 12.24 2.25
CA GLN C 976 -38.15 11.58 1.94
C GLN C 976 -37.94 10.35 2.80
N ILE C 977 -38.04 10.53 4.13
CA ILE C 977 -37.83 9.43 5.06
C ILE C 977 -38.83 8.31 4.81
N ALA C 978 -40.05 8.65 4.42
CA ALA C 978 -41.07 7.63 4.25
C ALA C 978 -40.88 6.86 2.94
N SER C 979 -40.48 7.56 1.87
CA SER C 979 -40.23 6.88 0.61
C SER C 979 -38.98 6.03 0.67
N PHE C 980 -37.98 6.48 1.44
CA PHE C 980 -36.76 5.70 1.60
C PHE C 980 -37.03 4.39 2.31
N LEU C 981 -37.78 4.43 3.41
CA LEU C 981 -38.00 3.22 4.20
C LEU C 981 -38.94 2.27 3.45
N SER C 982 -39.94 2.81 2.76
CA SER C 982 -40.81 1.96 1.96
C SER C 982 -40.02 1.15 0.95
N ALA C 983 -39.11 1.82 0.22
CA ALA C 983 -38.26 1.12 -0.73
C ALA C 983 -37.31 0.15 -0.01
N LEU C 984 -36.71 0.57 1.10
CA LEU C 984 -35.72 -0.26 1.77
C LEU C 984 -36.33 -1.56 2.28
N THR C 985 -37.49 -1.47 2.94
CA THR C 985 -38.10 -2.68 3.49
C THR C 985 -38.59 -3.61 2.39
N LYS C 986 -39.18 -3.05 1.34
CA LYS C 986 -39.63 -3.85 0.21
C LYS C 986 -38.49 -4.56 -0.50
N GLN C 987 -37.26 -4.06 -0.39
CA GLN C 987 -36.11 -4.59 -1.10
C GLN C 987 -35.18 -5.42 -0.21
N CYS C 988 -35.65 -5.83 0.96
CA CYS C 988 -34.78 -6.55 1.89
C CYS C 988 -34.55 -8.03 1.51
N LYS C 989 -34.86 -8.44 0.28
CA LYS C 989 -34.43 -9.74 -0.24
C LYS C 989 -33.51 -9.62 -1.44
N ASP C 990 -33.06 -8.41 -1.77
CA ASP C 990 -32.26 -8.16 -2.98
C ASP C 990 -31.10 -7.25 -2.57
N LEU C 991 -29.94 -7.85 -2.30
CA LEU C 991 -28.82 -7.12 -1.72
C LEU C 991 -28.33 -6.01 -2.64
N VAL C 992 -28.32 -6.27 -3.95
CA VAL C 992 -27.80 -5.26 -4.89
C VAL C 992 -28.74 -4.07 -5.00
N VAL C 993 -30.05 -4.27 -4.89
CA VAL C 993 -30.97 -3.15 -5.00
C VAL C 993 -31.02 -2.38 -3.68
N PHE C 994 -31.16 -3.13 -2.58
CA PHE C 994 -31.00 -2.62 -1.23
C PHE C 994 -29.79 -1.70 -1.10
N LYS C 995 -28.64 -2.15 -1.60
CA LYS C 995 -27.43 -1.34 -1.52
C LYS C 995 -27.56 -0.07 -2.35
N GLY C 996 -28.15 -0.17 -3.53
CA GLY C 996 -28.37 1.00 -4.34
C GLY C 996 -29.28 2.01 -3.65
N THR C 997 -30.23 1.51 -2.87
CA THR C 997 -31.14 2.40 -2.15
C THR C 997 -30.45 3.04 -0.97
N LEU C 998 -29.58 2.30 -0.28
CA LEU C 998 -28.74 2.91 0.74
C LEU C 998 -27.82 3.98 0.14
N ARG C 999 -27.28 3.74 -1.06
N ARG C 999 -27.27 3.73 -1.06
CA ARG C 999 -26.40 4.73 -1.69
CA ARG C 999 -26.40 4.72 -1.69
C ARG C 999 -27.16 5.99 -2.07
C ARG C 999 -27.17 5.99 -2.04
N ASP C 1000 -28.41 5.83 -2.52
CA ASP C 1000 -29.23 6.99 -2.84
C ASP C 1000 -29.52 7.83 -1.60
N PHE C 1001 -29.81 7.17 -0.48
CA PHE C 1001 -30.01 7.88 0.77
C PHE C 1001 -28.74 8.60 1.22
N LEU C 1002 -27.57 7.95 1.05
CA LEU C 1002 -26.32 8.61 1.44
C LEU C 1002 -26.07 9.88 0.65
N VAL C 1003 -26.56 9.94 -0.60
CA VAL C 1003 -26.45 11.15 -1.39
C VAL C 1003 -27.43 12.22 -0.91
N GLN C 1004 -28.67 11.82 -0.63
CA GLN C 1004 -29.70 12.80 -0.31
C GLN C 1004 -29.47 13.48 1.02
N ILE C 1005 -28.85 12.78 1.98
CA ILE C 1005 -28.55 13.41 3.26
C ILE C 1005 -27.42 14.41 3.17
N LYS C 1006 -26.76 14.50 2.01
CA LYS C 1006 -25.70 15.49 1.85
C LYS C 1006 -26.21 16.83 1.35
N GLU C 1007 -27.46 16.90 0.92
CA GLU C 1007 -28.06 18.10 0.37
C GLU C 1007 -29.41 18.34 1.03
N VAL C 1008 -30.09 19.39 0.58
CA VAL C 1008 -31.43 19.72 1.03
C VAL C 1008 -32.37 19.57 -0.16
N GLY C 1009 -33.58 19.06 0.10
CA GLY C 1009 -34.61 19.01 -0.92
C GLY C 1009 -34.47 17.88 -1.91
N GLY C 1010 -33.95 16.73 -1.51
CA GLY C 1010 -33.86 15.61 -2.41
C GLY C 1010 -35.25 15.08 -2.80
N ASP C 1011 -35.35 14.67 -4.06
CA ASP C 1011 -36.62 14.16 -4.60
C ASP C 1011 -36.96 12.81 -3.99
N PRO C 1012 -38.07 12.69 -3.24
CA PRO C 1012 -38.42 11.38 -2.66
C PRO C 1012 -38.80 10.31 -3.68
N THR C 1013 -39.22 10.70 -4.91
CA THR C 1013 -39.50 9.69 -5.92
C THR C 1013 -38.25 8.95 -6.38
N ASP C 1014 -37.05 9.45 -6.05
CA ASP C 1014 -35.82 8.75 -6.43
C ASP C 1014 -35.85 7.30 -5.96
N TYR C 1015 -36.49 7.03 -4.82
CA TYR C 1015 -36.46 5.69 -4.24
C TYR C 1015 -37.40 4.72 -4.95
N LEU C 1016 -38.13 5.16 -5.97
CA LEU C 1016 -38.89 4.29 -6.84
C LEU C 1016 -38.08 3.81 -8.05
N PHE C 1017 -36.75 3.96 -8.00
CA PHE C 1017 -35.94 3.74 -9.20
C PHE C 1017 -35.96 2.28 -9.64
N ALA C 1018 -35.96 1.35 -8.68
CA ALA C 1018 -35.87 -0.08 -9.01
C ALA C 1018 -37.23 -0.73 -9.26
N SER D 1 28.60 -36.12 -19.02
CA SER D 1 29.57 -35.25 -18.34
C SER D 1 29.08 -34.87 -16.95
N VAL D 2 28.28 -35.75 -16.33
CA VAL D 2 27.73 -35.47 -15.02
C VAL D 2 28.79 -35.64 -13.93
N GLU D 3 29.56 -36.69 -13.99
CA GLU D 3 30.57 -36.87 -12.99
C GLU D 3 31.58 -35.77 -13.11
N GLU D 4 31.62 -35.14 -14.26
CA GLU D 4 32.55 -34.06 -14.46
C GLU D 4 32.12 -32.85 -13.69
N VAL D 5 30.91 -32.33 -13.88
CA VAL D 5 30.50 -31.15 -13.12
C VAL D 5 30.55 -31.48 -11.69
N GLU D 6 30.13 -32.67 -11.37
CA GLU D 6 30.15 -33.12 -10.02
C GLU D 6 31.51 -32.89 -9.34
N ALA D 7 32.57 -33.34 -9.98
CA ALA D 7 33.87 -33.19 -9.43
C ALA D 7 34.23 -31.76 -9.32
N GLY D 8 33.63 -30.92 -10.15
CA GLY D 8 33.89 -29.49 -10.17
C GLY D 8 33.19 -28.76 -9.06
N LEU D 9 32.07 -29.29 -8.65
CA LEU D 9 31.31 -28.72 -7.60
C LEU D 9 32.11 -28.94 -6.36
N LYS D 10 32.63 -30.14 -6.24
CA LYS D 10 33.42 -30.53 -5.10
C LYS D 10 34.52 -29.54 -4.87
N GLY D 11 35.21 -29.14 -5.93
CA GLY D 11 36.29 -28.19 -5.79
C GLY D 11 35.86 -26.74 -5.70
N LEU D 12 34.57 -26.49 -5.77
CA LEU D 12 34.03 -25.16 -5.67
C LEU D 12 34.58 -24.48 -4.45
N LYS D 13 35.12 -23.30 -4.63
CA LYS D 13 35.73 -22.59 -3.56
C LYS D 13 35.49 -21.10 -3.60
N VAL D 14 36.16 -20.39 -2.71
CA VAL D 14 36.08 -18.95 -2.60
C VAL D 14 37.47 -18.48 -2.27
N ASP D 15 38.28 -19.36 -1.71
CA ASP D 15 39.64 -18.96 -1.44
C ASP D 15 40.59 -18.95 -2.64
#